data_6TY8
#
_entry.id   6TY8
#
_cell.length_a   1.00
_cell.length_b   1.00
_cell.length_c   1.00
_cell.angle_alpha   90.00
_cell.angle_beta   90.00
_cell.angle_gamma   90.00
#
_symmetry.space_group_name_H-M   'P 1'
#
loop_
_entity.id
_entity.type
_entity.pdbx_description
1 polymer 'RNA-dependent RNA Polymerase'
2 polymer 'Viral structural protein 4'
3 non-polymer "P1-7-METHYLGUANOSINE-P3-ADENOSINE-5',5'-TRIPHOSPHATE"
#
loop_
_entity_poly.entity_id
_entity_poly.type
_entity_poly.pdbx_seq_one_letter_code
_entity_poly.pdbx_strand_id
1 'polypeptide(L)'
;MLPNTELYNTIFSETRKFTRESFKEIEHLTAKLANDRVARHDFLFNNSIALISDYSGEDSNGNQLQATVTIPNEITNPKE
YDPSDYPLAEDESFFKQGHKYDYLVTFRAGSLTNTYEPKTKMYKLHAALDKLMHVKQRKSRFADLWRELCAVIASLDVWY
QTTNYPLRTYVKLLFHKGDEFPFYESPSQDKIIFNDKSVASILPTFVYTCCQVGTAIMSGILTHVESIVAMNHFLHCAKD
SYIDEKLKIKGIGRSWYQEALHNVGRATVPVWSQFNEVIGHRTKTTSEPHFVSSTFISLRAKRAELLYPEFNEYINRALR
LSKTQNDVANYYAACRAMTNDGTFLATLTELSLDAAVFPRIEQRLVTRPAVLMSNTRHESLKQKYANGVGSIAQSYLSSF
TDEIAKRVNGIHHDEAWLNFLTTSSPGRKLTEIEKLEVGGDVAAWSNSRIVMQAVFAREYRTPERIFKSLKAPIKLVERQ
QSDRRQRAISGLDNDRLFLSFMPYTIGKQIYDLNDNAAQGKQAGNAFDIGEMLYWTSQRNVLLSSIDVAGMDASVTTNTK
DIYNTFVLDVASKCTVPRFGPYYAKNMEVFEVGKRQSQVKYVNAAWQACALEAANSQTSTSYESEIFGQVKNAEGTYPSG
RADTSTHHTVLLQGLVRGNELKRASDGKNSCLTTIKILGDDIMEIFQGNENDTHDHAVSNASILNESGFATTAELSQNSI
VLLQQLVVNGTFWGFADRISLWTREDTKDIGRLNLAMMELNALIDDLLFRVRRPEGLKMLGFFCGAICLRRFTLSVDNKL
YDSTYNNLSKYMTLVKYDKNPDFDSTLMSLILPLAWLFMPRGGEYPAYPFERRDGTFTEDESMFTARGAYKRRLLYDVSN
IREMIQQNSMVLDDDLLHEYGFTGALLLIDLNILDLIDEVKKEDISPVKVNELATSLEQLGKLGEREKSRRAASDLKIRG
HALSNDIVYGYGLQEKIQKSAMATKETTVQSKRVSSRLHEVIVAKTRDYKIPTMPADALHLYEFEVEDVTVDLLPHAKHT
SYSNLAYNMSFGSDGWFAFALLGGLDRSANLLRLDVASIRGNYHKFSYDDPVFKQGYKIYKSDATLLNDFFVAISAGPKE
QGILLRAFAYYSLYGNVEYHYVLSPRQLFFLSDNPVSAERLVRIPPSYYVSTQCRALYNIFSYLHILRSITSNQGKRLGM
VLHPGLIAYVRGTSQGAILPEADNV
;
A
2 'polypeptide(L)'
;MFAIDPLKHSKLYEEYGLYLRPHQINQEIKPTTIKKKELAPTIRSIKYASLIHSMLAKHAARHNGTLINPRMYADMITLG
NTKVTVTKGTPKAQIDTLKMNGLTVVSKSRRNNKKKPVSDTTATIDENTDDIVTYKALTEMSTLIESFRLPSGLALIIFD
DEKYQSLIPNYINQLIAYTQPHIIPTWQGIADFSDTYLRSYFKRPFELTASNLAAPQKYNLSPMTRSIFNNTGREDAVIR
KLYGYGEYVFIRYEGCLITWTGIYGEVTMMVNLSKRDLGLDVGDDYLKEYKKLLFYGVITDAIPSGISARSTIMKISPHK
MMNPSGGALAVLSKFLEAVVSTNVINATLVVYAEKGAGKTSFLSTYAEQLSLASGQVVGHLSSDAYGRWLAKNKDVEEPS
FAYDYVLSLDTDDNESYYEQKASELLISHGISEVAQYELLSVRKKIKMMDEMNEVLIAQLENADTHSERNFYYMVSTGKT
TPRTLIVEGHFNAQDATIARTDTTVLLRTINDTTQAMRDRQRGGVVQLFLRDTYYRLLPALHTTVYPFEMLESIRRWKWV
H
;
B
#
# COMPACT_ATOMS: atom_id res chain seq x y z
N THR A 5 25.55 -45.32 3.96
CA THR A 5 26.36 -44.12 3.72
C THR A 5 25.55 -43.14 2.86
N GLU A 6 24.79 -43.68 1.92
CA GLU A 6 23.88 -42.84 1.15
C GLU A 6 22.51 -42.82 1.82
N LEU A 7 21.71 -41.80 1.50
CA LEU A 7 20.46 -41.59 2.21
C LEU A 7 19.36 -42.52 1.73
N TYR A 8 19.46 -43.03 0.51
CA TYR A 8 18.38 -43.87 0.00
C TYR A 8 18.51 -45.32 0.46
N ASN A 9 19.58 -45.68 1.15
CA ASN A 9 19.75 -47.02 1.69
C ASN A 9 19.59 -47.06 3.20
N THR A 10 19.07 -46.02 3.82
CA THR A 10 19.01 -46.00 5.26
C THR A 10 17.78 -46.74 5.77
N ILE A 11 17.83 -47.12 7.05
CA ILE A 11 16.72 -47.77 7.72
C ILE A 11 15.53 -46.84 7.80
N PHE A 12 15.78 -45.53 7.97
CA PHE A 12 14.70 -44.57 7.92
C PHE A 12 14.14 -44.44 6.51
N SER A 13 14.97 -44.59 5.48
CA SER A 13 14.45 -44.52 4.12
C SER A 13 13.55 -45.70 3.82
N GLU A 14 13.88 -46.88 4.35
CA GLU A 14 13.10 -48.05 3.99
C GLU A 14 11.93 -48.28 4.92
N THR A 15 11.95 -47.76 6.16
CA THR A 15 10.89 -48.01 7.12
C THR A 15 10.14 -46.78 7.58
N ARG A 16 10.71 -45.58 7.42
CA ARG A 16 10.15 -44.29 7.85
C ARG A 16 9.83 -44.25 9.34
N LYS A 17 10.67 -44.89 10.15
CA LYS A 17 10.50 -44.90 11.60
C LYS A 17 11.84 -44.63 12.27
N PHE A 18 11.77 -44.06 13.46
CA PHE A 18 12.93 -43.70 14.26
C PHE A 18 13.18 -44.76 15.31
N THR A 19 14.07 -45.69 15.01
CA THR A 19 14.57 -46.61 16.02
C THR A 19 15.86 -46.03 16.61
N ARG A 20 16.51 -46.81 17.47
CA ARG A 20 17.77 -46.35 18.08
C ARG A 20 18.87 -46.21 17.04
N GLU A 21 18.97 -47.17 16.11
CA GLU A 21 20.00 -47.10 15.09
C GLU A 21 19.62 -46.16 13.96
N SER A 22 18.36 -46.23 13.51
CA SER A 22 17.88 -45.40 12.42
C SER A 22 17.79 -43.93 12.79
N PHE A 23 17.73 -43.59 14.07
CA PHE A 23 17.80 -42.19 14.41
C PHE A 23 19.23 -41.66 14.32
N LYS A 24 20.20 -42.39 14.89
CA LYS A 24 21.59 -41.96 14.87
C LYS A 24 22.17 -41.97 13.46
N GLU A 25 21.71 -42.89 12.60
CA GLU A 25 22.20 -42.95 11.24
C GLU A 25 21.78 -41.73 10.44
N ILE A 26 20.49 -41.39 10.47
CA ILE A 26 20.02 -40.21 9.76
C ILE A 26 20.53 -38.92 10.42
N GLU A 27 20.79 -38.95 11.73
CA GLU A 27 21.37 -37.79 12.41
C GLU A 27 22.79 -37.52 11.95
N HIS A 28 23.63 -38.56 11.90
CA HIS A 28 24.99 -38.43 11.41
C HIS A 28 25.04 -38.01 9.95
N LEU A 29 24.13 -38.54 9.11
CA LEU A 29 24.18 -38.19 7.70
C LEU A 29 23.70 -36.76 7.44
N THR A 30 22.64 -36.31 8.11
CA THR A 30 22.23 -34.92 7.94
C THR A 30 23.21 -33.94 8.59
N ALA A 31 23.94 -34.36 9.64
CA ALA A 31 24.98 -33.51 10.19
C ALA A 31 26.20 -33.47 9.28
N LYS A 32 26.40 -34.51 8.48
CA LYS A 32 27.44 -34.47 7.46
C LYS A 32 27.07 -33.51 6.33
N LEU A 33 25.83 -33.59 5.85
CA LEU A 33 25.40 -32.72 4.75
C LEU A 33 25.24 -31.27 5.19
N ALA A 34 24.94 -31.04 6.46
CA ALA A 34 24.70 -29.67 6.92
C ALA A 34 25.98 -28.88 7.14
N ASN A 35 27.15 -29.54 7.21
CA ASN A 35 28.37 -28.86 7.64
C ASN A 35 29.39 -28.79 6.52
N ASP A 36 29.74 -29.91 5.89
CA ASP A 36 30.87 -29.91 4.97
C ASP A 36 30.39 -29.80 3.53
N ARG A 37 31.05 -28.95 2.74
CA ARG A 37 30.63 -28.71 1.37
C ARG A 37 31.27 -29.65 0.36
N VAL A 38 32.23 -30.47 0.80
CA VAL A 38 32.65 -31.60 -0.03
C VAL A 38 31.56 -32.66 -0.06
N ALA A 39 30.91 -32.87 1.09
CA ALA A 39 29.81 -33.81 1.20
C ALA A 39 28.61 -33.38 0.37
N ARG A 40 28.32 -32.09 0.30
CA ARG A 40 27.22 -31.61 -0.52
C ARG A 40 27.51 -31.77 -2.00
N HIS A 41 28.74 -31.47 -2.42
CA HIS A 41 29.11 -31.61 -3.82
C HIS A 41 29.09 -33.07 -4.26
N ASP A 42 29.57 -33.98 -3.41
CA ASP A 42 29.54 -35.39 -3.75
C ASP A 42 28.15 -35.99 -3.62
N PHE A 43 27.29 -35.44 -2.76
CA PHE A 43 25.91 -35.89 -2.67
C PHE A 43 25.12 -35.51 -3.91
N LEU A 44 25.29 -34.28 -4.39
CA LEU A 44 24.52 -33.86 -5.54
C LEU A 44 25.07 -34.45 -6.84
N PHE A 45 26.40 -34.51 -6.96
CA PHE A 45 27.06 -34.68 -8.26
C PHE A 45 27.83 -36.00 -8.35
N ASN A 46 27.24 -37.10 -7.90
CA ASN A 46 27.99 -38.34 -7.71
C ASN A 46 28.21 -39.04 -9.04
N ASN A 47 29.27 -39.87 -9.09
CA ASN A 47 29.64 -40.53 -10.34
C ASN A 47 28.82 -41.79 -10.58
N SER A 48 28.27 -42.39 -9.53
CA SER A 48 27.47 -43.61 -9.65
C SER A 48 25.99 -43.27 -9.81
N ILE A 49 25.72 -42.39 -10.77
CA ILE A 49 24.37 -41.98 -11.12
C ILE A 49 24.23 -42.00 -12.63
N ALA A 50 23.24 -42.75 -13.12
CA ALA A 50 22.94 -42.84 -14.54
C ALA A 50 22.01 -41.69 -14.92
N LEU A 51 22.33 -41.01 -16.02
CA LEU A 51 21.49 -39.92 -16.46
C LEU A 51 20.26 -40.45 -17.20
N ILE A 52 19.26 -39.59 -17.34
CA ILE A 52 17.99 -39.95 -17.95
C ILE A 52 17.80 -39.09 -19.19
N SER A 53 17.64 -39.73 -20.34
CA SER A 53 17.22 -38.99 -21.54
C SER A 53 15.74 -39.20 -21.83
N ASP A 54 15.29 -40.46 -21.85
CA ASP A 54 13.88 -40.75 -22.06
C ASP A 54 13.33 -41.41 -20.80
N TYR A 55 12.13 -41.00 -20.42
CA TYR A 55 11.50 -41.51 -19.21
C TYR A 55 10.03 -41.71 -19.53
N SER A 56 9.38 -42.56 -18.74
CA SER A 56 7.98 -42.88 -18.97
C SER A 56 7.31 -43.11 -17.62
N GLY A 57 6.05 -42.73 -17.52
CA GLY A 57 5.32 -42.95 -16.29
C GLY A 57 3.95 -42.30 -16.38
N GLU A 58 3.25 -42.28 -15.23
CA GLU A 58 1.89 -41.79 -15.16
C GLU A 58 1.86 -40.28 -14.98
N ASP A 59 0.78 -39.66 -15.44
CA ASP A 59 0.56 -38.23 -15.17
C ASP A 59 -0.21 -38.11 -13.86
N SER A 60 -0.76 -36.91 -13.60
CA SER A 60 -1.31 -36.63 -12.28
C SER A 60 -2.62 -37.36 -12.03
N ASN A 61 -3.28 -37.85 -13.08
CA ASN A 61 -4.51 -38.61 -12.93
C ASN A 61 -4.36 -40.08 -13.28
N GLY A 62 -3.15 -40.54 -13.54
CA GLY A 62 -2.89 -41.96 -13.74
C GLY A 62 -2.62 -42.38 -15.17
N ASN A 63 -2.91 -41.53 -16.14
CA ASN A 63 -2.66 -41.88 -17.53
C ASN A 63 -1.17 -41.79 -17.84
N GLN A 64 -0.71 -42.66 -18.73
CA GLN A 64 0.73 -42.74 -18.99
C GLN A 64 1.17 -41.65 -19.95
N LEU A 65 2.27 -40.98 -19.59
CA LEU A 65 2.81 -39.88 -20.37
C LEU A 65 4.23 -40.23 -20.77
N GLN A 66 4.72 -39.61 -21.85
CA GLN A 66 6.09 -39.78 -22.31
C GLN A 66 6.75 -38.41 -22.38
N ALA A 67 7.90 -38.28 -21.73
CA ALA A 67 8.67 -37.05 -21.79
C ALA A 67 10.13 -37.35 -22.04
N THR A 68 10.90 -36.31 -22.32
CA THR A 68 12.29 -36.39 -22.70
C THR A 68 13.04 -35.22 -22.09
N VAL A 69 14.15 -35.49 -21.42
CA VAL A 69 14.97 -34.45 -20.83
C VAL A 69 15.65 -33.66 -21.93
N THR A 70 15.37 -32.36 -22.01
CA THR A 70 15.88 -31.50 -23.07
C THR A 70 16.38 -30.20 -22.46
N ILE A 71 17.69 -30.07 -22.37
CA ILE A 71 18.34 -28.83 -21.95
C ILE A 71 18.86 -28.13 -23.20
N PRO A 72 18.48 -26.88 -23.45
CA PRO A 72 18.84 -26.24 -24.72
C PRO A 72 20.30 -25.84 -24.77
N ASN A 73 20.75 -25.54 -25.99
CA ASN A 73 22.13 -25.12 -26.20
C ASN A 73 22.37 -23.73 -25.65
N GLU A 74 21.33 -22.92 -25.56
CA GLU A 74 21.53 -21.52 -25.23
C GLU A 74 21.67 -21.28 -23.72
N ILE A 75 21.58 -22.34 -22.93
CA ILE A 75 21.89 -22.25 -21.50
C ILE A 75 23.20 -22.98 -21.21
N THR A 76 23.46 -24.07 -21.94
CA THR A 76 24.72 -24.78 -21.78
C THR A 76 25.89 -23.97 -22.31
N ASN A 77 25.77 -23.43 -23.52
CA ASN A 77 26.79 -22.58 -24.13
C ASN A 77 26.18 -21.20 -24.34
N PRO A 78 26.29 -20.32 -23.35
CA PRO A 78 25.54 -19.07 -23.38
C PRO A 78 26.14 -18.08 -24.36
N LYS A 79 25.32 -17.12 -24.78
CA LYS A 79 25.82 -16.08 -25.66
C LYS A 79 26.67 -15.09 -24.88
N GLU A 80 27.43 -14.29 -25.60
CA GLU A 80 28.14 -13.20 -24.97
C GLU A 80 27.20 -12.05 -24.71
N TYR A 81 27.61 -11.16 -23.80
CA TYR A 81 26.77 -10.04 -23.42
C TYR A 81 26.60 -9.06 -24.56
N ASP A 82 25.37 -8.95 -25.04
CA ASP A 82 25.02 -7.99 -26.08
C ASP A 82 24.60 -6.70 -25.40
N PRO A 83 25.38 -5.62 -25.51
CA PRO A 83 25.03 -4.38 -24.80
C PRO A 83 23.86 -3.64 -25.39
N SER A 84 23.34 -4.07 -26.54
CA SER A 84 22.12 -3.51 -27.11
C SER A 84 20.85 -4.13 -26.53
N ASP A 85 20.98 -5.08 -25.58
CA ASP A 85 19.81 -5.59 -24.90
C ASP A 85 19.23 -4.57 -23.94
N TYR A 86 20.06 -3.67 -23.44
CA TYR A 86 19.64 -2.60 -22.53
C TYR A 86 19.99 -1.25 -23.16
N PRO A 87 19.21 -0.79 -24.14
CA PRO A 87 19.56 0.44 -24.83
C PRO A 87 19.12 1.65 -24.03
N LEU A 88 19.68 2.79 -24.39
CA LEU A 88 19.37 4.05 -23.74
C LEU A 88 18.69 4.99 -24.74
N ALA A 89 18.22 6.11 -24.21
CA ALA A 89 17.74 7.16 -25.09
C ALA A 89 18.93 7.89 -25.70
N GLU A 90 18.63 8.74 -26.69
CA GLU A 90 19.69 9.47 -27.37
C GLU A 90 20.33 10.50 -26.44
N ASP A 91 19.55 11.07 -25.53
CA ASP A 91 20.12 11.94 -24.52
C ASP A 91 20.80 11.15 -23.41
N GLU A 92 20.58 9.82 -23.36
CA GLU A 92 20.98 8.94 -22.26
C GLU A 92 20.48 9.46 -20.92
N SER A 93 19.23 9.89 -20.91
CA SER A 93 18.58 10.34 -19.69
C SER A 93 17.78 9.24 -19.01
N PHE A 94 17.47 8.16 -19.73
CA PHE A 94 16.72 7.01 -19.24
C PHE A 94 16.86 5.94 -20.32
N PHE A 95 16.36 4.73 -20.02
CA PHE A 95 16.35 3.66 -21.01
C PHE A 95 15.42 4.00 -22.17
N LYS A 96 15.56 3.22 -23.25
CA LYS A 96 14.72 3.42 -24.43
C LYS A 96 13.27 3.10 -24.11
N GLN A 97 12.36 3.77 -24.81
CA GLN A 97 10.92 3.70 -24.57
C GLN A 97 10.37 2.29 -24.68
N GLY A 98 10.44 1.70 -25.87
CA GLY A 98 10.07 0.32 -26.03
C GLY A 98 11.31 -0.55 -25.98
N HIS A 99 11.61 -1.12 -24.82
CA HIS A 99 12.70 -2.07 -24.71
C HIS A 99 12.14 -3.39 -24.19
N LYS A 100 12.60 -4.49 -24.78
CA LYS A 100 11.93 -5.77 -24.58
C LYS A 100 12.26 -6.39 -23.23
N TYR A 101 13.41 -6.05 -22.67
CA TYR A 101 13.99 -6.81 -21.56
C TYR A 101 14.02 -5.93 -20.31
N ASP A 102 13.23 -6.30 -19.31
CA ASP A 102 13.26 -5.65 -18.01
C ASP A 102 13.98 -6.48 -16.96
N TYR A 103 14.31 -7.73 -17.25
CA TYR A 103 14.91 -8.69 -16.35
C TYR A 103 16.28 -9.07 -16.89
N LEU A 104 16.90 -10.09 -16.30
CA LEU A 104 18.14 -10.59 -16.88
C LEU A 104 17.90 -11.27 -18.22
N VAL A 105 18.93 -11.20 -19.05
CA VAL A 105 19.00 -11.95 -20.29
C VAL A 105 19.94 -13.11 -20.01
N THR A 106 19.77 -14.21 -20.72
CA THR A 106 20.61 -15.39 -20.52
C THR A 106 21.88 -15.22 -21.36
N PHE A 107 22.96 -14.79 -20.72
CA PHE A 107 24.23 -14.59 -21.39
C PHE A 107 25.34 -15.21 -20.56
N ARG A 108 26.54 -15.27 -21.15
CA ARG A 108 27.70 -15.82 -20.44
C ARG A 108 28.18 -14.86 -19.36
N ALA A 109 28.39 -15.37 -18.16
CA ALA A 109 28.56 -14.55 -16.97
C ALA A 109 29.83 -13.71 -16.99
N GLY A 110 30.88 -14.16 -17.67
CA GLY A 110 32.13 -13.44 -17.68
C GLY A 110 32.20 -12.35 -18.73
N SER A 111 31.11 -12.16 -19.47
CA SER A 111 31.10 -11.20 -20.57
C SER A 111 30.75 -9.80 -20.13
N LEU A 112 30.03 -9.64 -19.03
CA LEU A 112 29.67 -8.32 -18.53
C LEU A 112 30.90 -7.73 -17.83
N THR A 113 31.67 -6.95 -18.58
CA THR A 113 32.85 -6.29 -18.05
C THR A 113 32.79 -4.81 -18.39
N ASN A 114 33.02 -3.97 -17.39
CA ASN A 114 33.03 -2.52 -17.59
C ASN A 114 34.48 -2.03 -17.68
N THR A 115 34.90 -1.71 -18.91
CA THR A 115 36.19 -1.09 -19.16
C THR A 115 36.14 0.41 -18.92
N TYR A 116 34.94 0.97 -18.82
CA TYR A 116 34.70 2.41 -18.73
C TYR A 116 35.24 2.96 -17.41
N GLU A 117 35.76 4.19 -17.48
CA GLU A 117 36.28 4.88 -16.32
C GLU A 117 35.14 5.29 -15.39
N PRO A 118 35.40 5.47 -14.10
CA PRO A 118 34.33 5.84 -13.17
C PRO A 118 33.73 7.21 -13.46
N LYS A 119 32.53 7.42 -12.88
CA LYS A 119 31.71 8.63 -13.04
C LYS A 119 31.34 8.86 -14.51
N THR A 120 31.02 7.78 -15.20
CA THR A 120 30.57 7.79 -16.59
C THR A 120 29.11 7.30 -16.60
N LYS A 121 28.39 7.57 -17.69
CA LYS A 121 27.04 7.03 -17.81
C LYS A 121 27.07 5.52 -17.99
N MET A 122 27.92 5.03 -18.89
CA MET A 122 28.00 3.60 -19.15
C MET A 122 28.61 2.85 -17.99
N TYR A 123 29.49 3.49 -17.22
CA TYR A 123 30.04 2.86 -16.03
C TYR A 123 28.96 2.68 -14.97
N LYS A 124 28.10 3.68 -14.79
CA LYS A 124 27.00 3.55 -13.83
C LYS A 124 26.00 2.49 -14.28
N LEU A 125 25.76 2.40 -15.59
CA LEU A 125 24.83 1.39 -16.09
C LEU A 125 25.40 -0.02 -15.94
N HIS A 126 26.69 -0.21 -16.24
CA HIS A 126 27.28 -1.52 -16.09
C HIS A 126 27.49 -1.89 -14.63
N ALA A 127 27.71 -0.92 -13.74
CA ALA A 127 27.72 -1.23 -12.31
C ALA A 127 26.33 -1.63 -11.83
N ALA A 128 25.28 -1.00 -12.34
CA ALA A 128 23.93 -1.41 -11.96
C ALA A 128 23.56 -2.77 -12.51
N LEU A 129 24.03 -3.12 -13.71
CA LEU A 129 23.71 -4.44 -14.25
C LEU A 129 24.53 -5.53 -13.57
N ASP A 130 25.76 -5.21 -13.18
CA ASP A 130 26.53 -6.13 -12.34
C ASP A 130 25.86 -6.33 -10.99
N LYS A 131 25.33 -5.27 -10.41
CA LYS A 131 24.48 -5.36 -9.23
C LYS A 131 23.24 -6.20 -9.46
N LEU A 132 22.65 -6.14 -10.66
CA LEU A 132 21.48 -6.95 -10.97
C LEU A 132 21.84 -8.43 -10.98
N MET A 133 22.95 -8.78 -11.62
CA MET A 133 23.20 -10.21 -11.79
C MET A 133 23.97 -10.81 -10.61
N HIS A 134 24.52 -10.00 -9.70
CA HIS A 134 25.18 -10.61 -8.54
C HIS A 134 24.45 -10.36 -7.23
N VAL A 135 23.57 -9.36 -7.16
CA VAL A 135 23.00 -8.94 -5.89
C VAL A 135 21.52 -9.32 -5.82
N LYS A 136 20.79 -9.07 -6.90
CA LYS A 136 19.34 -9.29 -6.89
C LYS A 136 18.99 -10.77 -6.93
N GLN A 137 19.90 -11.62 -7.38
CA GLN A 137 19.66 -13.06 -7.35
C GLN A 137 19.87 -13.69 -5.99
N ARG A 138 20.43 -12.97 -5.02
CA ARG A 138 20.66 -13.56 -3.69
C ARG A 138 19.38 -13.40 -2.88
N LYS A 139 18.47 -14.35 -3.01
CA LYS A 139 17.24 -14.35 -2.23
C LYS A 139 16.96 -15.78 -1.78
N SER A 140 17.49 -16.16 -0.63
CA SER A 140 17.27 -17.50 -0.12
C SER A 140 16.76 -17.39 1.31
N ARG A 141 15.83 -18.27 1.68
CA ARG A 141 15.13 -18.11 2.95
C ARG A 141 15.96 -18.57 4.14
N PHE A 142 16.52 -19.77 4.08
CA PHE A 142 17.07 -20.39 5.28
C PHE A 142 18.59 -20.40 5.32
N ALA A 143 19.25 -20.86 4.26
CA ALA A 143 20.68 -21.14 4.31
C ALA A 143 21.26 -20.90 2.93
N ASP A 144 22.43 -21.51 2.70
CA ASP A 144 23.00 -21.57 1.37
C ASP A 144 22.03 -22.20 0.39
N LEU A 145 22.04 -21.70 -0.84
CA LEU A 145 21.17 -22.24 -1.88
C LEU A 145 21.52 -23.68 -2.24
N TRP A 146 22.79 -24.05 -2.08
CA TRP A 146 23.17 -25.45 -2.26
C TRP A 146 22.69 -26.33 -1.11
N ARG A 147 22.62 -25.80 0.11
CA ARG A 147 22.01 -26.53 1.21
C ARG A 147 20.52 -26.71 1.01
N GLU A 148 19.85 -25.67 0.52
CA GLU A 148 18.43 -25.78 0.22
C GLU A 148 18.15 -26.73 -0.92
N LEU A 149 19.07 -26.88 -1.86
CA LEU A 149 18.89 -27.90 -2.90
C LEU A 149 19.18 -29.30 -2.37
N CYS A 150 20.15 -29.43 -1.46
CA CYS A 150 20.47 -30.72 -0.87
C CYS A 150 19.33 -31.24 -0.01
N ALA A 151 18.61 -30.36 0.68
CA ALA A 151 17.48 -30.80 1.49
C ALA A 151 16.34 -31.35 0.64
N VAL A 152 16.07 -30.70 -0.50
CA VAL A 152 15.04 -31.16 -1.42
C VAL A 152 15.40 -32.52 -2.01
N ILE A 153 16.64 -32.65 -2.52
CA ILE A 153 16.99 -33.91 -3.15
C ILE A 153 17.19 -35.01 -2.12
N ALA A 154 17.52 -34.65 -0.87
CA ALA A 154 17.58 -35.61 0.22
C ALA A 154 16.20 -36.17 0.54
N SER A 155 15.19 -35.30 0.65
CA SER A 155 13.85 -35.78 0.96
C SER A 155 13.25 -36.58 -0.20
N LEU A 156 13.59 -36.21 -1.45
CA LEU A 156 13.19 -37.03 -2.59
C LEU A 156 13.85 -38.41 -2.57
N ASP A 157 15.14 -38.48 -2.22
CA ASP A 157 15.82 -39.77 -2.07
C ASP A 157 15.16 -40.63 -1.02
N VAL A 158 14.95 -40.09 0.18
CA VAL A 158 14.45 -40.86 1.30
C VAL A 158 13.01 -41.29 1.06
N TRP A 159 12.23 -40.46 0.35
CA TRP A 159 10.86 -40.87 0.02
C TRP A 159 10.86 -41.98 -1.02
N TYR A 160 11.38 -41.70 -2.22
CA TYR A 160 11.21 -42.64 -3.32
C TYR A 160 12.17 -43.81 -3.32
N GLN A 161 13.10 -43.87 -2.36
CA GLN A 161 14.02 -44.99 -2.12
C GLN A 161 14.97 -45.27 -3.28
N THR A 162 15.01 -44.41 -4.30
CA THR A 162 15.90 -44.60 -5.44
C THR A 162 16.69 -43.32 -5.65
N THR A 163 17.71 -43.43 -6.48
CA THR A 163 18.46 -42.29 -6.99
C THR A 163 18.08 -41.98 -8.43
N ASN A 164 17.31 -42.87 -9.04
CA ASN A 164 16.97 -42.82 -10.46
C ASN A 164 15.65 -42.06 -10.63
N TYR A 165 15.71 -40.74 -10.59
CA TYR A 165 14.54 -39.91 -10.86
C TYR A 165 15.01 -38.64 -11.55
N PRO A 166 14.22 -38.09 -12.49
CA PRO A 166 14.80 -37.19 -13.50
C PRO A 166 15.17 -35.79 -13.03
N LEU A 167 14.85 -35.39 -11.81
CA LEU A 167 15.24 -34.05 -11.38
C LEU A 167 16.73 -33.98 -11.08
N ARG A 168 17.28 -35.06 -10.55
CA ARG A 168 18.71 -35.17 -10.26
C ARG A 168 19.57 -35.08 -11.51
N THR A 169 19.06 -35.56 -12.65
CA THR A 169 19.80 -35.42 -13.90
C THR A 169 19.82 -33.97 -14.38
N TYR A 170 18.72 -33.24 -14.16
CA TYR A 170 18.73 -31.80 -14.42
C TYR A 170 19.74 -31.08 -13.53
N VAL A 171 19.78 -31.45 -12.24
CA VAL A 171 20.71 -30.84 -11.29
C VAL A 171 22.15 -31.09 -11.72
N LYS A 172 22.45 -32.31 -12.13
CA LYS A 172 23.80 -32.67 -12.53
C LYS A 172 24.21 -32.01 -13.84
N LEU A 173 23.34 -32.06 -14.86
CA LEU A 173 23.67 -31.48 -16.16
C LEU A 173 23.69 -29.96 -16.14
N LEU A 174 23.00 -29.32 -15.20
CA LEU A 174 23.06 -27.86 -15.12
C LEU A 174 24.21 -27.38 -14.25
N PHE A 175 24.38 -27.97 -13.07
CA PHE A 175 25.28 -27.39 -12.10
C PHE A 175 26.57 -28.18 -11.91
N HIS A 176 26.82 -29.22 -12.70
CA HIS A 176 28.04 -30.00 -12.53
C HIS A 176 29.10 -29.44 -13.48
N LYS A 177 29.78 -28.40 -13.02
CA LYS A 177 30.87 -27.77 -13.77
C LYS A 177 32.14 -27.85 -12.93
N GLY A 178 32.97 -28.83 -13.24
CA GLY A 178 34.22 -28.94 -12.52
C GLY A 178 34.14 -29.79 -11.27
N ASP A 179 35.06 -29.51 -10.35
CA ASP A 179 35.14 -30.22 -9.08
C ASP A 179 34.58 -29.40 -7.91
N GLU A 180 34.38 -28.10 -8.11
CA GLU A 180 33.77 -27.27 -7.09
C GLU A 180 32.47 -26.71 -7.66
N PHE A 181 31.71 -26.01 -6.82
CA PHE A 181 30.43 -25.47 -7.25
C PHE A 181 30.66 -24.31 -8.24
N PRO A 182 29.78 -24.13 -9.22
CA PRO A 182 30.00 -23.06 -10.21
C PRO A 182 29.82 -21.67 -9.64
N PHE A 183 29.11 -21.56 -8.52
CA PHE A 183 28.91 -20.29 -7.84
C PHE A 183 28.59 -20.57 -6.40
N TYR A 184 28.87 -19.57 -5.56
CA TYR A 184 28.48 -19.62 -4.17
C TYR A 184 28.06 -18.21 -3.77
N GLU A 185 27.24 -18.13 -2.73
CA GLU A 185 26.86 -16.85 -2.17
C GLU A 185 27.71 -16.58 -0.94
N SER A 186 28.03 -15.32 -0.69
CA SER A 186 28.84 -14.95 0.45
C SER A 186 28.04 -14.04 1.35
N PRO A 187 27.83 -14.39 2.63
CA PRO A 187 27.03 -13.52 3.50
C PRO A 187 27.73 -12.23 3.87
N SER A 188 29.05 -12.16 3.77
CA SER A 188 29.77 -10.94 4.11
C SER A 188 29.61 -9.89 3.02
N GLN A 189 29.79 -10.29 1.75
CA GLN A 189 29.71 -9.36 0.63
C GLN A 189 28.30 -9.17 0.11
N ASP A 190 27.33 -9.97 0.59
CA ASP A 190 25.92 -9.92 0.18
C ASP A 190 25.73 -10.11 -1.32
N LYS A 191 26.47 -11.05 -1.91
CA LYS A 191 26.41 -11.26 -3.35
C LYS A 191 26.91 -12.65 -3.72
N ILE A 192 26.53 -13.09 -4.92
CA ILE A 192 26.98 -14.36 -5.47
C ILE A 192 28.36 -14.17 -6.09
N ILE A 193 29.27 -15.09 -5.80
CA ILE A 193 30.62 -15.05 -6.34
C ILE A 193 30.76 -16.20 -7.34
N PHE A 194 30.87 -15.85 -8.62
CA PHE A 194 30.97 -16.85 -9.68
C PHE A 194 32.36 -17.49 -9.68
N ASN A 195 32.39 -18.81 -9.69
CA ASN A 195 33.66 -19.53 -9.83
C ASN A 195 33.99 -19.80 -11.29
N ASP A 196 33.05 -20.41 -12.01
CA ASP A 196 33.22 -20.70 -13.43
C ASP A 196 32.55 -19.59 -14.23
N LYS A 197 33.36 -18.74 -14.85
CA LYS A 197 32.84 -17.58 -15.55
C LYS A 197 32.25 -17.90 -16.91
N SER A 198 32.35 -19.16 -17.36
CA SER A 198 31.73 -19.58 -18.61
C SER A 198 30.30 -20.06 -18.41
N VAL A 199 29.71 -19.81 -17.24
CA VAL A 199 28.39 -20.32 -16.93
C VAL A 199 27.34 -19.29 -17.31
N ALA A 200 26.09 -19.71 -17.38
CA ALA A 200 25.01 -18.80 -17.71
C ALA A 200 24.65 -17.94 -16.50
N SER A 201 24.05 -16.78 -16.77
CA SER A 201 23.75 -15.81 -15.73
C SER A 201 22.46 -16.11 -14.97
N ILE A 202 21.79 -17.21 -15.28
CA ILE A 202 20.45 -17.44 -14.76
C ILE A 202 20.40 -18.64 -13.81
N LEU A 203 21.52 -19.36 -13.62
CA LEU A 203 21.49 -20.55 -12.79
C LEU A 203 21.30 -20.34 -11.29
N PRO A 204 21.68 -19.20 -10.64
CA PRO A 204 21.20 -18.99 -9.26
C PRO A 204 19.69 -18.94 -9.12
N THR A 205 18.97 -18.53 -10.16
CA THR A 205 17.52 -18.65 -10.14
C THR A 205 17.05 -20.08 -10.42
N PHE A 206 17.79 -20.85 -11.21
CA PHE A 206 17.42 -22.24 -11.45
C PHE A 206 17.71 -23.17 -10.27
N VAL A 207 18.60 -22.77 -9.34
CA VAL A 207 18.70 -23.51 -8.08
C VAL A 207 17.38 -23.45 -7.33
N TYR A 208 16.84 -22.24 -7.16
CA TYR A 208 15.56 -22.02 -6.51
C TYR A 208 14.42 -22.67 -7.27
N THR A 209 14.52 -22.68 -8.60
CA THR A 209 13.52 -23.33 -9.45
C THR A 209 13.52 -24.84 -9.26
N CYS A 210 14.68 -25.49 -9.21
CA CYS A 210 14.75 -26.92 -8.93
C CYS A 210 14.27 -27.26 -7.53
N CYS A 211 14.55 -26.38 -6.54
CA CYS A 211 13.99 -26.56 -5.20
C CYS A 211 12.47 -26.52 -5.21
N GLN A 212 11.87 -25.56 -5.91
CA GLN A 212 10.42 -25.46 -6.00
C GLN A 212 9.80 -26.63 -6.77
N VAL A 213 10.46 -27.12 -7.82
CA VAL A 213 9.94 -28.27 -8.54
C VAL A 213 9.99 -29.52 -7.68
N GLY A 214 11.09 -29.74 -6.93
CA GLY A 214 11.15 -30.89 -6.04
C GLY A 214 10.16 -30.81 -4.89
N THR A 215 9.90 -29.59 -4.41
CA THR A 215 8.78 -29.37 -3.49
C THR A 215 7.46 -29.76 -4.13
N ALA A 216 7.29 -29.49 -5.41
CA ALA A 216 6.04 -29.86 -6.08
C ALA A 216 5.94 -31.36 -6.36
N ILE A 217 7.06 -32.07 -6.48
CA ILE A 217 6.98 -33.53 -6.57
C ILE A 217 6.60 -34.12 -5.22
N MET A 218 7.30 -33.70 -4.14
CA MET A 218 7.01 -34.21 -2.81
C MET A 218 5.60 -33.84 -2.35
N SER A 219 5.09 -32.71 -2.84
CA SER A 219 3.75 -32.28 -2.51
C SER A 219 2.68 -33.08 -3.23
N GLY A 220 3.06 -33.89 -4.23
CA GLY A 220 2.10 -34.72 -4.91
C GLY A 220 1.35 -34.05 -6.02
N ILE A 221 1.65 -32.78 -6.31
CA ILE A 221 1.03 -32.07 -7.42
C ILE A 221 1.62 -32.58 -8.72
N LEU A 222 2.95 -32.65 -8.80
CA LEU A 222 3.63 -33.15 -9.99
C LEU A 222 4.20 -34.53 -9.76
N THR A 223 4.15 -35.36 -10.78
CA THR A 223 4.85 -36.63 -10.78
C THR A 223 6.22 -36.43 -11.44
N HIS A 224 6.94 -37.53 -11.66
CA HIS A 224 8.29 -37.43 -12.20
C HIS A 224 8.30 -37.05 -13.67
N VAL A 225 7.30 -37.45 -14.43
CA VAL A 225 7.25 -37.13 -15.86
C VAL A 225 6.78 -35.70 -16.06
N GLU A 226 5.81 -35.27 -15.26
CA GLU A 226 5.40 -33.89 -15.24
C GLU A 226 6.50 -32.97 -14.72
N SER A 227 7.40 -33.50 -13.88
CA SER A 227 8.61 -32.77 -13.53
C SER A 227 9.49 -32.49 -14.75
N ILE A 228 9.62 -33.47 -15.64
CA ILE A 228 10.39 -33.27 -16.86
C ILE A 228 9.74 -32.23 -17.74
N VAL A 229 8.41 -32.28 -17.87
CA VAL A 229 7.69 -31.30 -18.67
C VAL A 229 7.83 -29.90 -18.10
N ALA A 230 7.76 -29.76 -16.77
CA ALA A 230 7.88 -28.45 -16.14
C ALA A 230 9.29 -27.88 -16.26
N MET A 231 10.31 -28.72 -16.06
CA MET A 231 11.68 -28.24 -16.21
C MET A 231 12.03 -27.91 -17.65
N ASN A 232 11.52 -28.68 -18.62
CA ASN A 232 11.69 -28.34 -20.02
C ASN A 232 11.04 -27.01 -20.36
N HIS A 233 9.86 -26.75 -19.79
CA HIS A 233 9.20 -25.46 -20.01
C HIS A 233 10.04 -24.32 -19.46
N PHE A 234 10.57 -24.47 -18.24
CA PHE A 234 11.33 -23.38 -17.63
C PHE A 234 12.65 -23.14 -18.36
N LEU A 235 13.31 -24.22 -18.81
CA LEU A 235 14.52 -24.07 -19.58
C LEU A 235 14.25 -23.48 -20.97
N HIS A 236 13.09 -23.75 -21.55
CA HIS A 236 12.73 -23.09 -22.80
C HIS A 236 12.41 -21.62 -22.57
N CYS A 237 11.82 -21.29 -21.43
CA CYS A 237 11.56 -19.89 -21.12
C CYS A 237 12.84 -19.11 -20.85
N ALA A 238 13.91 -19.78 -20.43
CA ALA A 238 15.18 -19.11 -20.15
C ALA A 238 16.00 -18.94 -21.43
N LYS A 239 15.37 -18.37 -22.46
CA LYS A 239 16.02 -17.84 -23.65
C LYS A 239 15.07 -16.85 -24.35
N ASP A 240 15.49 -15.61 -24.57
CA ASP A 240 16.74 -15.07 -24.05
C ASP A 240 16.55 -14.49 -22.64
N SER A 241 15.34 -14.03 -22.36
CA SER A 241 14.98 -13.52 -21.04
C SER A 241 13.96 -14.44 -20.41
N TYR A 242 14.22 -14.84 -19.16
CA TYR A 242 13.46 -15.91 -18.53
C TYR A 242 12.15 -15.38 -17.96
N ILE A 243 12.22 -14.35 -17.12
CA ILE A 243 11.05 -13.86 -16.43
C ILE A 243 10.11 -13.11 -17.36
N ASP A 244 10.63 -12.51 -18.43
CA ASP A 244 9.79 -11.91 -19.45
C ASP A 244 8.91 -12.95 -20.13
N GLU A 245 9.48 -14.10 -20.48
CA GLU A 245 8.70 -15.18 -21.07
C GLU A 245 7.70 -15.77 -20.07
N LYS A 246 8.07 -15.84 -18.79
CA LYS A 246 7.13 -16.34 -17.80
C LYS A 246 5.92 -15.41 -17.64
N LEU A 247 6.16 -14.10 -17.58
CA LEU A 247 5.06 -13.16 -17.46
C LEU A 247 4.26 -13.06 -18.74
N LYS A 248 4.86 -13.43 -19.87
CA LYS A 248 4.14 -13.42 -21.13
C LYS A 248 3.28 -14.68 -21.28
N ILE A 249 3.67 -15.77 -20.63
CA ILE A 249 3.00 -17.05 -20.78
C ILE A 249 1.93 -17.29 -19.70
N LYS A 250 2.11 -16.67 -18.53
CA LYS A 250 1.56 -17.16 -17.25
C LYS A 250 0.04 -17.36 -17.24
N GLY A 251 -0.73 -16.36 -17.66
CA GLY A 251 -2.19 -16.48 -17.56
C GLY A 251 -2.80 -17.33 -18.66
N ILE A 252 -2.21 -17.26 -19.86
CA ILE A 252 -2.68 -18.02 -21.01
C ILE A 252 -2.42 -19.51 -20.79
N GLY A 253 -1.35 -19.83 -20.07
CA GLY A 253 -1.09 -21.21 -19.73
C GLY A 253 -2.00 -21.78 -18.66
N ARG A 254 -2.86 -20.95 -18.07
CA ARG A 254 -3.73 -21.37 -16.97
C ARG A 254 -5.21 -21.24 -17.27
N SER A 255 -5.60 -20.44 -18.25
CA SER A 255 -7.02 -20.16 -18.49
C SER A 255 -7.79 -21.33 -19.13
N TRP A 256 -7.15 -22.46 -19.40
CA TRP A 256 -7.78 -23.55 -20.13
C TRP A 256 -8.77 -24.37 -19.31
N TYR A 257 -8.81 -24.17 -17.99
CA TYR A 257 -9.64 -25.02 -17.14
C TYR A 257 -11.12 -24.77 -17.38
N GLN A 258 -11.46 -23.58 -17.90
CA GLN A 258 -12.82 -23.26 -18.29
C GLN A 258 -13.34 -24.26 -19.30
N GLU A 259 -12.59 -24.47 -20.38
CA GLU A 259 -12.99 -25.42 -21.41
C GLU A 259 -12.82 -26.85 -20.94
N ALA A 260 -11.83 -27.11 -20.07
CA ALA A 260 -11.64 -28.47 -19.56
C ALA A 260 -12.79 -28.90 -18.66
N LEU A 261 -13.37 -27.97 -17.90
CA LEU A 261 -14.49 -28.27 -17.04
C LEU A 261 -15.82 -28.09 -17.76
N HIS A 262 -15.81 -27.41 -18.90
CA HIS A 262 -16.92 -27.53 -19.84
C HIS A 262 -17.03 -28.94 -20.39
N ASN A 263 -15.92 -29.51 -20.84
CA ASN A 263 -15.94 -30.79 -21.54
C ASN A 263 -16.23 -31.98 -20.63
N VAL A 264 -16.28 -31.78 -19.32
CA VAL A 264 -16.71 -32.83 -18.40
C VAL A 264 -18.18 -33.16 -18.60
N GLY A 265 -19.01 -32.14 -18.76
CA GLY A 265 -20.43 -32.41 -18.87
C GLY A 265 -21.11 -32.17 -17.54
N ARG A 266 -21.34 -33.25 -16.79
CA ARG A 266 -21.98 -33.12 -15.50
C ARG A 266 -21.01 -33.43 -14.37
N ALA A 267 -21.32 -32.91 -13.19
CA ALA A 267 -20.48 -33.08 -12.01
C ALA A 267 -21.37 -33.08 -10.78
N THR A 268 -20.97 -33.84 -9.76
CA THR A 268 -21.72 -33.94 -8.52
C THR A 268 -20.92 -33.28 -7.40
N VAL A 269 -21.48 -32.21 -6.84
CA VAL A 269 -20.75 -31.29 -5.97
C VAL A 269 -21.55 -31.07 -4.70
N PRO A 270 -20.88 -30.73 -3.60
CA PRO A 270 -21.62 -30.42 -2.37
C PRO A 270 -22.36 -29.09 -2.46
N VAL A 271 -23.29 -28.92 -1.53
CA VAL A 271 -24.13 -27.74 -1.42
C VAL A 271 -23.91 -27.12 -0.06
N TRP A 272 -23.54 -25.85 -0.03
CA TRP A 272 -23.26 -25.13 1.20
C TRP A 272 -24.44 -24.23 1.55
N SER A 273 -24.63 -23.99 2.84
CA SER A 273 -25.67 -23.10 3.29
C SER A 273 -25.10 -21.72 3.55
N GLN A 274 -25.91 -20.84 4.12
CA GLN A 274 -25.43 -19.52 4.51
C GLN A 274 -24.55 -19.60 5.74
N PHE A 275 -24.64 -20.71 6.49
CA PHE A 275 -24.06 -20.81 7.81
C PHE A 275 -22.92 -21.81 7.87
N ASN A 276 -22.11 -21.91 6.82
CA ASN A 276 -20.84 -22.64 6.78
C ASN A 276 -21.01 -24.14 7.01
N GLU A 277 -21.97 -24.74 6.29
CA GLU A 277 -22.31 -26.14 6.48
C GLU A 277 -22.62 -26.80 5.15
N VAL A 278 -22.11 -28.02 4.98
CA VAL A 278 -22.46 -28.85 3.84
C VAL A 278 -23.82 -29.48 4.13
N ILE A 279 -24.83 -29.11 3.34
CA ILE A 279 -26.19 -29.57 3.58
C ILE A 279 -26.68 -30.55 2.53
N GLY A 280 -25.82 -31.00 1.63
CA GLY A 280 -26.23 -31.99 0.65
C GLY A 280 -25.33 -31.93 -0.57
N HIS A 281 -25.58 -32.86 -1.49
CA HIS A 281 -24.89 -32.87 -2.76
C HIS A 281 -25.91 -32.82 -3.89
N ARG A 282 -25.41 -32.61 -5.10
CA ARG A 282 -26.26 -32.20 -6.21
C ARG A 282 -25.55 -32.49 -7.52
N THR A 283 -26.24 -33.21 -8.39
CA THR A 283 -25.73 -33.53 -9.72
C THR A 283 -26.10 -32.39 -10.65
N LYS A 284 -25.14 -31.51 -10.91
CA LYS A 284 -25.35 -30.36 -11.76
C LYS A 284 -24.66 -30.57 -13.10
N THR A 285 -24.92 -29.65 -14.02
CA THR A 285 -24.27 -29.65 -15.32
C THR A 285 -23.30 -28.49 -15.36
N THR A 286 -22.08 -28.75 -15.85
CA THR A 286 -21.05 -27.75 -15.92
C THR A 286 -20.87 -27.18 -17.32
N SER A 287 -21.78 -27.49 -18.24
CA SER A 287 -21.66 -27.01 -19.61
C SER A 287 -21.95 -25.52 -19.69
N GLU A 288 -20.96 -24.76 -20.15
CA GLU A 288 -20.94 -23.31 -20.14
C GLU A 288 -21.92 -22.74 -21.17
N PRO A 289 -22.34 -21.49 -21.00
CA PRO A 289 -23.22 -20.86 -22.00
C PRO A 289 -22.47 -20.50 -23.28
N HIS A 290 -23.21 -19.89 -24.20
CA HIS A 290 -22.67 -19.63 -25.53
C HIS A 290 -21.68 -18.47 -25.52
N PHE A 291 -21.93 -17.44 -24.72
CA PHE A 291 -21.01 -16.32 -24.64
C PHE A 291 -19.73 -16.69 -23.90
N VAL A 292 -19.77 -17.73 -23.08
CA VAL A 292 -18.55 -18.27 -22.49
C VAL A 292 -17.83 -19.17 -23.48
N SER A 293 -18.58 -19.93 -24.28
CA SER A 293 -17.97 -20.83 -25.26
C SER A 293 -17.37 -20.08 -26.44
N SER A 294 -17.76 -18.83 -26.64
CA SER A 294 -17.18 -18.05 -27.74
C SER A 294 -15.74 -17.64 -27.46
N THR A 295 -15.30 -17.64 -26.20
CA THR A 295 -13.92 -17.30 -25.87
C THR A 295 -12.95 -18.45 -26.08
N PHE A 296 -13.47 -19.67 -26.25
CA PHE A 296 -12.62 -20.84 -26.39
C PHE A 296 -11.83 -20.81 -27.69
N ILE A 297 -12.39 -20.22 -28.75
CA ILE A 297 -11.71 -20.13 -30.04
C ILE A 297 -10.46 -19.28 -29.94
N SER A 298 -10.59 -18.09 -29.35
CA SER A 298 -9.45 -17.21 -29.19
C SER A 298 -8.44 -17.76 -28.19
N LEU A 299 -8.91 -18.50 -27.17
CA LEU A 299 -7.94 -19.11 -26.25
C LEU A 299 -7.15 -20.24 -26.90
N ARG A 300 -7.80 -21.07 -27.73
CA ARG A 300 -7.08 -22.09 -28.49
C ARG A 300 -6.07 -21.47 -29.43
N ALA A 301 -6.49 -20.43 -30.16
CA ALA A 301 -5.62 -19.79 -31.12
C ALA A 301 -4.45 -19.08 -30.46
N LYS A 302 -4.63 -18.59 -29.24
CA LYS A 302 -3.51 -17.90 -28.61
C LYS A 302 -2.56 -18.90 -27.96
N ARG A 303 -3.08 -19.99 -27.38
CA ARG A 303 -2.21 -21.02 -26.82
C ARG A 303 -1.39 -21.71 -27.89
N ALA A 304 -2.01 -22.08 -29.03
CA ALA A 304 -1.32 -22.81 -30.07
C ALA A 304 -0.24 -21.96 -30.74
N GLU A 305 -0.37 -20.64 -30.67
CA GLU A 305 0.70 -19.78 -31.16
C GLU A 305 1.81 -19.62 -30.14
N LEU A 306 1.45 -19.32 -28.88
CA LEU A 306 2.46 -18.79 -27.97
C LEU A 306 3.17 -19.86 -27.14
N LEU A 307 2.50 -20.95 -26.78
CA LEU A 307 3.08 -21.82 -25.77
C LEU A 307 4.15 -22.74 -26.36
N TYR A 308 5.03 -23.20 -25.48
CA TYR A 308 5.98 -24.26 -25.81
C TYR A 308 5.20 -25.51 -26.22
N PRO A 309 5.54 -26.17 -27.32
CA PRO A 309 4.66 -27.20 -27.89
C PRO A 309 4.48 -28.45 -27.03
N GLU A 310 5.45 -28.84 -26.21
CA GLU A 310 5.24 -29.97 -25.31
C GLU A 310 4.25 -29.63 -24.20
N PHE A 311 4.35 -28.41 -23.65
CA PHE A 311 3.40 -27.96 -22.63
C PHE A 311 2.02 -27.73 -23.23
N ASN A 312 1.97 -27.30 -24.49
CA ASN A 312 0.70 -27.18 -25.20
C ASN A 312 0.06 -28.53 -25.45
N GLU A 313 0.86 -29.54 -25.81
CA GLU A 313 0.36 -30.91 -25.92
C GLU A 313 -0.13 -31.46 -24.59
N TYR A 314 0.51 -31.07 -23.49
CA TYR A 314 0.01 -31.47 -22.18
C TYR A 314 -1.34 -30.82 -21.86
N ILE A 315 -1.50 -29.55 -22.23
CA ILE A 315 -2.77 -28.86 -21.99
C ILE A 315 -3.89 -29.46 -22.86
N ASN A 316 -3.59 -29.72 -24.13
CA ASN A 316 -4.57 -30.38 -24.99
C ASN A 316 -4.85 -31.81 -24.57
N ARG A 317 -3.90 -32.45 -23.88
CA ARG A 317 -4.18 -33.74 -23.27
C ARG A 317 -5.11 -33.62 -22.08
N ALA A 318 -4.88 -32.62 -21.23
CA ALA A 318 -5.75 -32.33 -20.10
C ALA A 318 -7.16 -31.95 -20.51
N LEU A 319 -7.31 -31.30 -21.66
CA LEU A 319 -8.63 -30.99 -22.20
C LEU A 319 -9.40 -32.25 -22.56
N ARG A 320 -8.74 -33.22 -23.18
CA ARG A 320 -9.48 -34.29 -23.84
C ARG A 320 -9.59 -35.52 -22.94
N LEU A 321 -8.70 -35.67 -21.97
CA LEU A 321 -8.73 -36.87 -21.14
C LEU A 321 -9.40 -36.66 -19.78
N SER A 322 -9.70 -35.43 -19.38
CA SER A 322 -10.25 -35.20 -18.05
C SER A 322 -11.72 -35.62 -18.01
N LYS A 323 -12.04 -36.52 -17.09
CA LYS A 323 -13.37 -37.12 -17.02
C LYS A 323 -14.23 -36.48 -15.93
N THR A 324 -13.64 -36.15 -14.78
CA THR A 324 -14.37 -35.55 -13.68
C THR A 324 -13.73 -34.22 -13.28
N GLN A 325 -14.46 -33.47 -12.45
CA GLN A 325 -13.97 -32.20 -11.92
C GLN A 325 -12.74 -32.39 -11.05
N ASN A 326 -12.63 -33.52 -10.34
CA ASN A 326 -11.41 -33.82 -9.61
C ASN A 326 -10.22 -33.99 -10.54
N ASP A 327 -10.45 -34.59 -11.71
CA ASP A 327 -9.37 -34.73 -12.69
C ASP A 327 -8.97 -33.37 -13.25
N VAL A 328 -9.94 -32.50 -13.49
CA VAL A 328 -9.66 -31.14 -13.96
C VAL A 328 -8.87 -30.37 -12.91
N ALA A 329 -9.19 -30.59 -11.64
CA ALA A 329 -8.47 -29.93 -10.55
C ALA A 329 -7.03 -30.40 -10.46
N ASN A 330 -6.81 -31.71 -10.64
CA ASN A 330 -5.46 -32.26 -10.60
C ASN A 330 -4.61 -31.73 -11.75
N TYR A 331 -5.18 -31.71 -12.97
CA TYR A 331 -4.47 -31.17 -14.12
C TYR A 331 -4.24 -29.67 -14.00
N TYR A 332 -5.16 -28.94 -13.37
CA TYR A 332 -4.96 -27.52 -13.16
C TYR A 332 -3.86 -27.24 -12.16
N ALA A 333 -3.77 -28.02 -11.08
CA ALA A 333 -2.67 -27.86 -10.14
C ALA A 333 -1.33 -28.20 -10.79
N ALA A 334 -1.30 -29.22 -11.66
CA ALA A 334 -0.08 -29.53 -12.39
C ALA A 334 0.35 -28.40 -13.33
N CYS A 335 -0.58 -27.88 -14.13
CA CYS A 335 -0.24 -26.78 -15.04
C CYS A 335 0.02 -25.47 -14.30
N ARG A 336 -0.49 -25.31 -13.09
CA ARG A 336 -0.14 -24.14 -12.31
C ARG A 336 1.27 -24.28 -11.74
N ALA A 337 1.68 -25.49 -11.36
CA ALA A 337 3.07 -25.71 -10.99
C ALA A 337 4.02 -25.68 -12.17
N MET A 338 3.52 -25.90 -13.39
CA MET A 338 4.38 -25.85 -14.58
C MET A 338 4.65 -24.43 -15.07
N THR A 339 3.94 -23.45 -14.53
CA THR A 339 4.10 -22.07 -14.97
C THR A 339 4.57 -21.13 -13.87
N ASN A 340 4.97 -21.65 -12.72
CA ASN A 340 5.38 -20.81 -11.59
C ASN A 340 6.46 -21.52 -10.82
N ASP A 341 7.60 -20.86 -10.66
CA ASP A 341 8.72 -21.39 -9.88
C ASP A 341 8.82 -20.79 -8.50
N GLY A 342 7.82 -20.03 -8.06
CA GLY A 342 7.74 -19.57 -6.69
C GLY A 342 8.67 -18.45 -6.29
N THR A 343 9.65 -18.10 -7.12
CA THR A 343 10.65 -17.11 -6.71
C THR A 343 10.07 -15.71 -6.74
N PHE A 344 10.67 -14.83 -5.94
CA PHE A 344 10.34 -13.42 -6.02
C PHE A 344 11.01 -12.78 -7.22
N LEU A 345 10.29 -11.88 -7.87
CA LEU A 345 10.70 -11.29 -9.14
C LEU A 345 11.30 -9.92 -8.88
N ALA A 346 12.59 -9.76 -9.18
CA ALA A 346 13.32 -8.55 -8.81
C ALA A 346 14.18 -8.06 -9.97
N THR A 347 14.20 -6.74 -10.16
CA THR A 347 14.96 -6.09 -11.22
C THR A 347 15.80 -4.97 -10.63
N LEU A 348 16.40 -4.20 -11.52
CA LEU A 348 16.69 -2.80 -11.25
C LEU A 348 15.38 -2.05 -11.31
N THR A 349 15.10 -1.25 -10.27
CA THR A 349 13.80 -0.62 -10.14
C THR A 349 13.55 0.51 -11.13
N GLU A 350 14.50 0.85 -11.98
CA GLU A 350 14.25 1.74 -13.12
C GLU A 350 14.15 0.99 -14.43
N LEU A 351 14.29 -0.35 -14.41
CA LEU A 351 13.90 -1.12 -15.60
C LEU A 351 12.41 -1.41 -15.59
N SER A 352 11.86 -1.72 -14.42
CA SER A 352 10.46 -2.09 -14.28
C SER A 352 9.56 -0.91 -13.93
N LEU A 353 10.14 0.28 -13.74
CA LEU A 353 9.37 1.46 -13.36
C LEU A 353 8.38 1.85 -14.45
N ASP A 354 8.79 1.72 -15.70
CA ASP A 354 7.96 2.16 -16.83
C ASP A 354 6.69 1.33 -16.92
N ALA A 355 6.84 0.01 -17.01
CA ALA A 355 5.71 -0.89 -17.08
C ALA A 355 5.00 -1.07 -15.75
N ALA A 356 5.56 -0.59 -14.65
CA ALA A 356 4.87 -0.68 -13.36
C ALA A 356 3.98 0.53 -13.10
N VAL A 357 4.52 1.75 -13.27
CA VAL A 357 3.83 2.95 -12.85
C VAL A 357 3.75 3.99 -13.98
N PHE A 358 3.76 3.55 -15.24
CA PHE A 358 3.55 4.62 -16.22
C PHE A 358 2.07 4.68 -16.58
N PRO A 359 1.48 5.86 -16.71
CA PRO A 359 0.03 5.94 -16.97
C PRO A 359 -0.31 5.59 -18.41
N ARG A 360 -1.58 5.28 -18.61
CA ARG A 360 -2.06 4.85 -19.91
C ARG A 360 -3.51 5.27 -20.09
N ILE A 361 -3.92 5.43 -21.35
CA ILE A 361 -5.27 5.84 -21.71
C ILE A 361 -5.97 4.66 -22.33
N GLU A 362 -7.15 4.32 -21.80
CA GLU A 362 -7.85 3.13 -22.22
C GLU A 362 -9.27 3.45 -22.66
N GLN A 363 -9.51 3.22 -23.95
CA GLN A 363 -10.79 2.99 -24.61
C GLN A 363 -11.59 4.28 -24.80
N ARG A 364 -11.36 5.35 -24.04
CA ARG A 364 -12.20 6.56 -24.01
C ARG A 364 -11.59 7.66 -23.16
N LEU A 365 -12.10 8.87 -23.34
CA LEU A 365 -11.70 10.02 -22.54
C LEU A 365 -12.85 10.43 -21.62
N VAL A 366 -12.53 10.66 -20.35
CA VAL A 366 -13.52 11.08 -19.38
C VAL A 366 -13.57 12.60 -19.34
N THR A 367 -14.77 13.16 -19.38
CA THR A 367 -14.97 14.60 -19.46
C THR A 367 -15.26 15.17 -18.08
N ARG A 368 -15.63 16.45 -18.06
CA ARG A 368 -15.74 17.18 -16.82
C ARG A 368 -17.20 17.30 -16.38
N PRO A 369 -17.43 17.51 -15.08
CA PRO A 369 -18.74 17.98 -14.63
C PRO A 369 -18.84 19.49 -14.75
N ALA A 370 -20.07 19.95 -14.83
CA ALA A 370 -20.32 21.39 -14.92
C ALA A 370 -20.11 22.06 -13.57
N VAL A 371 -19.23 23.04 -13.55
CA VAL A 371 -18.92 23.78 -12.32
C VAL A 371 -20.08 24.73 -12.03
N LEU A 372 -20.78 24.49 -10.93
CA LEU A 372 -21.91 25.32 -10.57
C LEU A 372 -21.57 26.39 -9.55
N MET A 373 -20.37 26.33 -8.99
CA MET A 373 -19.94 27.26 -7.94
C MET A 373 -18.43 27.22 -7.88
N SER A 374 -17.80 28.39 -7.77
CA SER A 374 -16.35 28.42 -7.87
C SER A 374 -15.76 29.38 -6.87
N ASN A 375 -14.46 29.21 -6.65
CA ASN A 375 -13.62 30.12 -5.88
C ASN A 375 -13.31 31.36 -6.72
N THR A 376 -12.68 32.36 -6.10
CA THR A 376 -12.23 33.51 -6.86
C THR A 376 -11.02 33.21 -7.73
N ARG A 377 -10.34 32.09 -7.50
CA ARG A 377 -9.36 31.56 -8.44
C ARG A 377 -9.99 30.62 -9.44
N HIS A 378 -11.33 30.60 -9.52
CA HIS A 378 -12.16 29.72 -10.35
C HIS A 378 -11.92 28.25 -10.04
N GLU A 379 -11.47 27.94 -8.83
CA GLU A 379 -11.39 26.57 -8.38
C GLU A 379 -12.78 26.11 -7.98
N SER A 380 -13.14 24.91 -8.39
CA SER A 380 -14.51 24.44 -8.22
C SER A 380 -14.84 24.15 -6.77
N LEU A 381 -15.98 24.67 -6.31
CA LEU A 381 -16.48 24.43 -4.96
C LEU A 381 -17.55 23.35 -4.94
N LYS A 382 -18.52 23.43 -5.84
CA LYS A 382 -19.43 22.32 -6.09
C LYS A 382 -19.66 22.23 -7.59
N GLN A 383 -20.05 21.04 -8.04
CA GLN A 383 -20.08 20.73 -9.46
C GLN A 383 -20.96 19.52 -9.70
N LYS A 384 -21.37 19.34 -10.96
CA LYS A 384 -22.41 18.39 -11.28
C LYS A 384 -22.25 17.90 -12.72
N TYR A 385 -22.52 16.61 -12.94
CA TYR A 385 -22.36 15.99 -14.24
C TYR A 385 -23.61 16.13 -15.11
N ALA A 386 -23.39 16.26 -16.41
CA ALA A 386 -24.50 16.42 -17.34
C ALA A 386 -25.07 15.07 -17.76
N ASN A 387 -24.24 14.20 -18.31
CA ASN A 387 -24.65 12.87 -18.76
C ASN A 387 -23.40 12.01 -18.86
N GLY A 388 -23.57 10.72 -18.67
CA GLY A 388 -22.47 9.77 -18.77
C GLY A 388 -22.20 9.05 -17.46
N VAL A 389 -20.97 8.53 -17.37
CA VAL A 389 -20.60 7.69 -16.22
C VAL A 389 -20.44 8.52 -14.96
N GLY A 390 -20.16 9.81 -15.09
CA GLY A 390 -20.16 10.68 -13.92
C GLY A 390 -21.54 10.80 -13.31
N SER A 391 -22.55 11.01 -14.16
CA SER A 391 -23.92 11.09 -13.69
C SER A 391 -24.41 9.75 -13.16
N ILE A 392 -23.94 8.65 -13.76
CA ILE A 392 -24.35 7.32 -13.31
C ILE A 392 -23.75 7.00 -11.95
N ALA A 393 -22.48 7.34 -11.74
CA ALA A 393 -21.86 7.11 -10.44
C ALA A 393 -22.41 8.04 -9.37
N GLN A 394 -22.77 9.28 -9.74
CA GLN A 394 -23.30 10.20 -8.76
C GLN A 394 -24.77 9.95 -8.45
N SER A 395 -25.47 9.21 -9.31
CA SER A 395 -26.84 8.82 -8.99
C SER A 395 -26.90 7.85 -7.82
N TYR A 396 -25.80 7.13 -7.53
CA TYR A 396 -25.74 6.31 -6.34
C TYR A 396 -24.93 6.97 -5.24
N LEU A 397 -23.85 7.67 -5.59
CA LEU A 397 -23.01 8.26 -4.56
C LEU A 397 -23.61 9.50 -3.94
N SER A 398 -24.58 10.15 -4.60
CA SER A 398 -25.14 11.35 -4.00
C SER A 398 -26.25 11.05 -3.02
N SER A 399 -26.62 9.79 -2.84
CA SER A 399 -27.61 9.42 -1.83
C SER A 399 -27.01 9.19 -0.46
N PHE A 400 -25.74 9.53 -0.27
CA PHE A 400 -25.01 9.29 0.96
C PHE A 400 -24.50 10.57 1.62
N THR A 401 -24.61 11.71 0.95
CA THR A 401 -23.88 12.91 1.37
C THR A 401 -24.43 13.51 2.65
N ASP A 402 -25.75 13.64 2.77
CA ASP A 402 -26.36 14.19 3.96
C ASP A 402 -26.29 13.28 5.16
N GLU A 403 -25.98 11.99 4.97
CA GLU A 403 -25.73 11.11 6.09
C GLU A 403 -24.27 11.10 6.50
N ILE A 404 -23.35 11.15 5.52
CA ILE A 404 -21.94 11.19 5.81
C ILE A 404 -21.56 12.50 6.50
N ALA A 405 -22.24 13.60 6.15
CA ALA A 405 -21.92 14.89 6.74
C ALA A 405 -22.24 14.94 8.23
N LYS A 406 -23.23 14.17 8.68
CA LYS A 406 -23.51 14.05 10.10
C LYS A 406 -22.35 13.39 10.84
N ARG A 407 -21.77 12.36 10.25
CA ARG A 407 -20.67 11.67 10.91
C ARG A 407 -19.36 12.43 10.79
N VAL A 408 -19.24 13.30 9.79
CA VAL A 408 -18.05 14.14 9.70
C VAL A 408 -18.14 15.32 10.66
N ASN A 409 -19.35 15.86 10.88
CA ASN A 409 -19.52 16.97 11.83
C ASN A 409 -19.23 16.59 13.27
N GLY A 410 -19.30 15.30 13.61
CA GLY A 410 -19.20 14.90 15.01
C GLY A 410 -17.79 14.75 15.52
N ILE A 411 -16.81 14.67 14.63
CA ILE A 411 -15.45 14.31 15.03
C ILE A 411 -14.53 15.52 14.91
N HIS A 412 -13.53 15.59 15.80
CA HIS A 412 -12.63 16.74 15.92
C HIS A 412 -11.37 16.47 15.10
N HIS A 413 -11.14 17.29 14.08
CA HIS A 413 -10.17 16.96 13.06
C HIS A 413 -8.77 17.42 13.42
N ASP A 414 -8.64 18.51 14.17
CA ASP A 414 -7.36 18.91 14.72
C ASP A 414 -6.84 17.86 15.69
N GLU A 415 -7.75 17.31 16.51
CA GLU A 415 -7.43 16.20 17.37
C GLU A 415 -7.03 14.95 16.59
N ALA A 416 -7.72 14.66 15.49
CA ALA A 416 -7.36 13.51 14.66
C ALA A 416 -5.99 13.64 14.03
N TRP A 417 -5.63 14.85 13.59
CA TRP A 417 -4.30 15.04 13.03
C TRP A 417 -3.21 15.01 14.09
N LEU A 418 -3.50 15.51 15.31
CA LEU A 418 -2.56 15.33 16.41
C LEU A 418 -2.37 13.87 16.76
N ASN A 419 -3.44 13.08 16.70
CA ASN A 419 -3.33 11.65 16.93
C ASN A 419 -2.48 10.97 15.87
N PHE A 420 -2.61 11.38 14.61
CA PHE A 420 -1.75 10.85 13.56
C PHE A 420 -0.28 11.20 13.78
N LEU A 421 0.00 12.48 14.10
CA LEU A 421 1.37 12.91 14.33
C LEU A 421 1.98 12.26 15.55
N THR A 422 1.18 11.95 16.57
CA THR A 422 1.73 11.36 17.78
C THR A 422 1.94 9.86 17.61
N THR A 423 0.96 9.16 17.03
CA THR A 423 1.06 7.71 16.89
C THR A 423 1.82 7.29 15.64
N SER A 424 2.29 8.22 14.83
CA SER A 424 3.12 7.86 13.68
C SER A 424 4.13 8.97 13.36
N ARG A 449 2.71 15.09 24.74
CA ARG A 449 1.61 15.67 23.98
C ARG A 449 1.80 17.16 23.76
N ILE A 450 2.20 17.86 24.84
CA ILE A 450 2.39 19.31 24.82
C ILE A 450 3.47 19.71 23.83
N VAL A 451 4.52 18.90 23.71
CA VAL A 451 5.54 19.13 22.69
C VAL A 451 4.94 18.98 21.29
N MET A 452 4.09 17.98 21.10
CA MET A 452 3.44 17.80 19.81
C MET A 452 2.40 18.88 19.54
N GLN A 453 1.74 19.41 20.57
CA GLN A 453 0.84 20.55 20.37
C GLN A 453 1.61 21.81 19.99
N ALA A 454 2.79 22.01 20.55
CA ALA A 454 3.63 23.13 20.13
C ALA A 454 4.10 22.98 18.70
N VAL A 455 4.46 21.75 18.30
CA VAL A 455 4.82 21.47 16.91
C VAL A 455 3.63 21.73 15.98
N PHE A 456 2.44 21.34 16.42
CA PHE A 456 1.22 21.56 15.63
C PHE A 456 0.90 23.03 15.46
N ALA A 457 1.00 23.81 16.54
CA ALA A 457 0.75 25.24 16.44
C ALA A 457 1.84 25.96 15.67
N ARG A 458 3.05 25.40 15.61
CA ARG A 458 4.10 26.04 14.82
C ARG A 458 3.97 25.72 13.34
N GLU A 459 3.61 24.48 13.01
CA GLU A 459 3.71 24.03 11.62
C GLU A 459 2.37 24.08 10.90
N TYR A 460 1.30 23.66 11.55
CA TYR A 460 0.05 23.35 10.86
C TYR A 460 -1.03 24.40 11.05
N ARG A 461 -0.72 25.59 11.56
CA ARG A 461 -1.69 26.68 11.58
C ARG A 461 -1.35 27.80 10.62
N THR A 462 -0.35 27.62 9.78
CA THR A 462 0.20 28.62 8.88
C THR A 462 -0.15 28.25 7.43
N PRO A 463 -0.39 29.21 6.54
CA PRO A 463 -0.48 28.86 5.10
C PRO A 463 0.84 28.41 4.49
N GLU A 464 1.96 28.52 5.21
CA GLU A 464 3.23 27.98 4.75
C GLU A 464 3.20 26.45 4.68
N ARG A 465 2.31 25.79 5.43
CA ARG A 465 2.26 24.34 5.41
C ARG A 465 1.68 23.83 4.10
N ILE A 466 0.67 24.53 3.57
CA ILE A 466 0.12 24.24 2.25
C ILE A 466 1.19 24.40 1.19
N PHE A 467 2.07 25.39 1.36
CA PHE A 467 3.07 25.71 0.35
C PHE A 467 4.20 24.68 0.39
N LYS A 468 4.58 24.23 1.59
CA LYS A 468 5.52 23.12 1.73
C LYS A 468 4.96 21.84 1.14
N SER A 469 3.68 21.57 1.37
CA SER A 469 3.06 20.36 0.85
C SER A 469 2.91 20.37 -0.66
N LEU A 470 2.78 21.55 -1.26
CA LEU A 470 2.80 21.64 -2.72
C LEU A 470 4.20 21.63 -3.30
N LYS A 471 5.20 22.06 -2.52
CA LYS A 471 6.57 22.15 -2.99
C LYS A 471 7.32 20.82 -2.94
N ALA A 472 7.11 20.02 -1.90
CA ALA A 472 7.91 18.82 -1.67
C ALA A 472 7.50 17.71 -2.66
N PRO A 473 8.42 16.82 -3.02
CA PRO A 473 8.09 15.76 -3.98
C PRO A 473 7.44 14.56 -3.31
N ILE A 474 7.21 13.54 -4.13
CA ILE A 474 6.70 12.25 -3.69
C ILE A 474 7.72 11.20 -4.05
N LYS A 475 8.19 10.46 -3.06
CA LYS A 475 9.15 9.40 -3.30
C LYS A 475 8.44 8.10 -3.63
N LEU A 476 9.12 7.24 -4.39
CA LEU A 476 8.52 6.05 -4.99
C LEU A 476 8.88 4.83 -4.14
N VAL A 477 7.87 4.07 -3.75
CA VAL A 477 8.04 2.85 -2.96
C VAL A 477 7.55 1.68 -3.80
N GLU A 478 8.34 0.61 -3.89
CA GLU A 478 7.93 -0.59 -4.59
C GLU A 478 7.93 -1.78 -3.65
N ARG A 479 7.27 -2.85 -4.09
CA ARG A 479 7.11 -4.04 -3.27
C ARG A 479 7.18 -5.27 -4.17
N GLN A 480 8.15 -6.14 -3.92
CA GLN A 480 8.31 -7.35 -4.70
C GLN A 480 7.26 -8.38 -4.30
N GLN A 481 6.89 -9.24 -5.25
CA GLN A 481 5.98 -10.34 -4.99
C GLN A 481 6.16 -11.41 -6.05
N SER A 482 5.78 -12.63 -5.70
CA SER A 482 5.92 -13.79 -6.58
C SER A 482 4.85 -13.90 -7.65
N ASP A 483 5.30 -14.17 -8.88
CA ASP A 483 4.49 -14.37 -10.10
C ASP A 483 3.83 -13.11 -10.67
N ARG A 484 4.24 -11.95 -10.17
CA ARG A 484 3.71 -10.68 -10.62
C ARG A 484 4.85 -9.67 -10.66
N ARG A 485 4.73 -8.66 -11.51
CA ARG A 485 5.78 -7.65 -11.58
C ARG A 485 5.90 -6.88 -10.27
N GLN A 486 6.97 -6.10 -10.15
CA GLN A 486 7.16 -5.23 -9.00
C GLN A 486 6.08 -4.15 -8.96
N ARG A 487 5.30 -4.17 -7.89
CA ARG A 487 4.17 -3.28 -7.73
C ARG A 487 4.63 -1.99 -7.07
N ALA A 488 4.25 -0.85 -7.65
CA ALA A 488 4.50 0.45 -7.04
C ALA A 488 3.33 0.79 -6.12
N ILE A 489 3.63 1.12 -4.86
CA ILE A 489 2.63 1.52 -3.89
C ILE A 489 3.09 2.81 -3.21
N SER A 490 2.11 3.55 -2.70
CA SER A 490 2.37 4.86 -2.11
C SER A 490 2.63 4.71 -0.62
N GLY A 491 3.61 5.45 -0.11
CA GLY A 491 3.97 5.40 1.30
C GLY A 491 3.41 6.58 2.07
N LEU A 492 3.59 6.51 3.40
CA LEU A 492 3.02 7.49 4.30
C LEU A 492 3.94 8.70 4.40
N ASP A 493 3.36 9.89 4.28
CA ASP A 493 4.08 11.16 4.38
C ASP A 493 3.43 12.04 5.44
N ASN A 494 4.12 13.13 5.77
CA ASN A 494 3.53 14.10 6.69
C ASN A 494 2.98 15.30 5.95
N ASP A 495 3.42 15.51 4.72
CA ASP A 495 3.08 16.74 4.01
C ASP A 495 2.08 16.51 2.89
N ARG A 496 2.33 15.53 2.02
CA ARG A 496 1.37 15.21 0.96
C ARG A 496 0.10 14.58 1.54
N LEU A 497 0.24 13.81 2.62
CA LEU A 497 -0.92 13.21 3.28
C LEU A 497 -1.77 14.26 4.02
N PHE A 498 -1.18 15.39 4.39
CA PHE A 498 -1.95 16.43 5.06
C PHE A 498 -2.96 17.08 4.12
N LEU A 499 -2.65 17.14 2.82
CA LEU A 499 -3.61 17.65 1.85
C LEU A 499 -4.82 16.74 1.75
N SER A 500 -4.61 15.43 1.69
CA SER A 500 -5.68 14.48 1.43
C SER A 500 -6.17 13.79 2.69
N PHE A 501 -5.83 14.30 3.87
CA PHE A 501 -6.38 13.74 5.10
C PHE A 501 -7.88 13.98 5.22
N MET A 502 -8.37 15.11 4.70
CA MET A 502 -9.79 15.39 4.83
C MET A 502 -10.65 14.67 3.78
N PRO A 503 -10.27 14.56 2.49
CA PRO A 503 -11.05 13.66 1.62
C PRO A 503 -10.98 12.20 2.00
N TYR A 504 -9.91 11.75 2.66
CA TYR A 504 -9.89 10.40 3.22
C TYR A 504 -10.91 10.27 4.34
N THR A 505 -10.97 11.26 5.24
CA THR A 505 -11.90 11.22 6.36
C THR A 505 -13.33 11.26 5.89
N ILE A 506 -13.59 11.95 4.78
CA ILE A 506 -14.93 11.95 4.20
C ILE A 506 -15.23 10.63 3.50
N GLY A 507 -14.31 10.13 2.69
CA GLY A 507 -14.61 8.97 1.88
C GLY A 507 -14.60 7.66 2.66
N LYS A 508 -14.05 7.67 3.86
CA LYS A 508 -14.03 6.42 4.62
C LYS A 508 -15.30 6.16 5.40
N GLN A 509 -16.34 6.96 5.21
CA GLN A 509 -17.56 6.77 5.97
C GLN A 509 -18.54 5.83 5.29
N ILE A 510 -18.31 5.49 4.02
CA ILE A 510 -19.21 4.58 3.33
C ILE A 510 -19.01 3.14 3.74
N TYR A 511 -17.92 2.83 4.44
CA TYR A 511 -17.69 1.46 4.88
C TYR A 511 -18.68 1.05 5.94
N ASP A 512 -19.18 2.00 6.71
CA ASP A 512 -20.18 1.75 7.74
C ASP A 512 -21.61 1.89 7.22
N LEU A 513 -21.79 2.18 5.94
CA LEU A 513 -23.11 2.44 5.38
C LEU A 513 -23.52 1.42 4.32
N ASN A 514 -22.58 0.68 3.75
CA ASN A 514 -22.88 -0.26 2.69
C ASN A 514 -22.48 -1.67 3.09
N ASP A 515 -22.63 -2.58 2.14
CA ASP A 515 -22.10 -3.92 2.19
C ASP A 515 -20.98 -4.13 1.18
N ASN A 516 -20.80 -3.18 0.26
CA ASN A 516 -20.07 -3.36 -0.99
C ASN A 516 -18.56 -3.53 -0.81
N ALA A 517 -17.99 -3.07 0.29
CA ALA A 517 -16.56 -3.21 0.50
C ALA A 517 -16.32 -4.23 1.59
N ALA A 518 -15.26 -5.03 1.40
CA ALA A 518 -14.89 -6.05 2.38
C ALA A 518 -13.64 -5.57 3.09
N GLN A 519 -13.83 -4.93 4.24
CA GLN A 519 -12.73 -4.34 4.99
C GLN A 519 -12.51 -5.03 6.33
N GLY A 520 -13.34 -6.00 6.68
CA GLY A 520 -13.29 -6.60 8.00
C GLY A 520 -12.09 -7.51 8.20
N LYS A 521 -11.97 -7.99 9.43
CA LYS A 521 -10.84 -8.84 9.78
C LYS A 521 -11.01 -10.22 9.16
N GLN A 522 -9.88 -10.87 8.88
CA GLN A 522 -9.87 -12.15 8.18
C GLN A 522 -9.62 -13.24 9.21
N ALA A 523 -10.48 -14.25 9.22
CA ALA A 523 -10.36 -15.30 10.22
C ALA A 523 -9.26 -16.30 9.86
N GLY A 524 -9.00 -16.49 8.57
CA GLY A 524 -8.03 -17.45 8.11
C GLY A 524 -8.56 -18.85 7.94
N ASN A 525 -9.85 -19.07 8.21
CA ASN A 525 -10.47 -20.37 8.10
C ASN A 525 -11.12 -20.52 6.72
N ALA A 526 -11.90 -21.58 6.54
CA ALA A 526 -12.87 -21.62 5.46
C ALA A 526 -14.13 -20.85 5.79
N PHE A 527 -14.24 -20.34 7.01
CA PHE A 527 -15.22 -19.30 7.33
C PHE A 527 -15.02 -18.07 6.47
N ASP A 528 -13.78 -17.79 6.10
CA ASP A 528 -13.42 -16.55 5.43
C ASP A 528 -13.84 -16.57 3.97
N ILE A 529 -13.89 -17.76 3.36
CA ILE A 529 -14.41 -17.88 1.99
C ILE A 529 -15.80 -18.48 1.95
N GLY A 530 -16.54 -18.47 3.06
CA GLY A 530 -17.82 -19.15 3.12
C GLY A 530 -18.93 -18.48 2.35
N GLU A 531 -18.72 -17.24 1.88
CA GLU A 531 -19.73 -16.57 1.08
C GLU A 531 -19.75 -17.07 -0.36
N MET A 532 -18.60 -17.24 -0.98
CA MET A 532 -18.52 -17.75 -2.34
C MET A 532 -18.56 -19.28 -2.39
N LEU A 533 -18.47 -19.95 -1.24
CA LEU A 533 -18.87 -21.34 -1.18
C LEU A 533 -20.39 -21.49 -1.18
N TYR A 534 -21.10 -20.44 -0.77
CA TYR A 534 -22.54 -20.44 -0.81
C TYR A 534 -23.08 -20.12 -2.20
N TRP A 535 -22.51 -19.10 -2.87
CA TRP A 535 -23.08 -18.67 -4.13
C TRP A 535 -22.73 -19.58 -5.30
N THR A 536 -21.66 -20.36 -5.20
CA THR A 536 -21.38 -21.34 -6.25
C THR A 536 -22.11 -22.65 -6.02
N SER A 537 -22.86 -22.75 -4.93
CA SER A 537 -23.74 -23.88 -4.67
C SER A 537 -25.16 -23.64 -5.17
N GLN A 538 -25.51 -22.40 -5.49
CA GLN A 538 -26.89 -22.07 -5.83
C GLN A 538 -27.15 -22.24 -7.32
N ARG A 539 -28.42 -22.15 -7.67
CA ARG A 539 -28.92 -22.48 -8.99
C ARG A 539 -29.21 -21.21 -9.79
N ASN A 540 -28.91 -21.26 -11.09
CA ASN A 540 -29.07 -20.14 -12.03
C ASN A 540 -28.27 -18.92 -11.60
N VAL A 541 -26.95 -19.10 -11.50
CA VAL A 541 -26.05 -18.07 -10.99
C VAL A 541 -24.96 -17.81 -12.01
N LEU A 542 -24.73 -16.53 -12.33
CA LEU A 542 -23.61 -16.10 -13.17
C LEU A 542 -22.60 -15.40 -12.28
N LEU A 543 -21.31 -15.59 -12.57
CA LEU A 543 -20.23 -15.19 -11.69
C LEU A 543 -19.25 -14.31 -12.47
N SER A 544 -18.87 -13.17 -11.90
CA SER A 544 -17.88 -12.28 -12.49
C SER A 544 -16.73 -12.05 -11.51
N SER A 545 -15.55 -11.77 -12.04
CA SER A 545 -14.38 -11.42 -11.24
C SER A 545 -13.44 -10.59 -12.09
N ILE A 546 -13.26 -9.33 -11.73
CA ILE A 546 -12.44 -8.41 -12.50
C ILE A 546 -11.07 -8.30 -11.84
N ASP A 547 -10.03 -8.57 -12.62
CA ASP A 547 -8.65 -8.39 -12.15
C ASP A 547 -8.29 -6.92 -12.32
N VAL A 548 -8.21 -6.19 -11.20
CA VAL A 548 -8.21 -4.74 -11.24
C VAL A 548 -6.92 -4.14 -10.63
N ALA A 549 -5.83 -4.90 -10.63
CA ALA A 549 -4.60 -4.42 -10.00
C ALA A 549 -3.93 -3.32 -10.82
N GLY A 550 -4.22 -3.24 -12.11
CA GLY A 550 -3.63 -2.22 -12.95
C GLY A 550 -4.50 -1.00 -13.13
N MET A 551 -5.47 -0.84 -12.23
CA MET A 551 -6.41 0.27 -12.29
C MET A 551 -5.75 1.61 -11.99
N ASP A 552 -4.76 1.62 -11.09
CA ASP A 552 -4.17 2.88 -10.64
C ASP A 552 -3.33 3.55 -11.71
N ALA A 553 -2.96 2.83 -12.77
CA ALA A 553 -2.34 3.48 -13.92
C ALA A 553 -3.39 4.00 -14.89
N SER A 554 -4.53 3.31 -14.97
CA SER A 554 -5.58 3.72 -15.91
C SER A 554 -6.38 4.90 -15.37
N VAL A 555 -6.33 5.13 -14.05
CA VAL A 555 -7.04 6.26 -13.45
C VAL A 555 -6.35 7.54 -13.86
N THR A 556 -7.11 8.48 -14.41
CA THR A 556 -6.61 9.74 -14.89
C THR A 556 -7.08 10.88 -14.00
N THR A 557 -6.64 12.09 -14.36
CA THR A 557 -7.00 13.28 -13.60
C THR A 557 -8.49 13.58 -13.72
N ASN A 558 -9.07 13.32 -14.89
CA ASN A 558 -10.51 13.46 -15.05
C ASN A 558 -11.28 12.31 -14.45
N THR A 559 -10.63 11.16 -14.25
CA THR A 559 -11.28 10.04 -13.58
C THR A 559 -11.41 10.32 -12.08
N LYS A 560 -10.42 11.02 -11.51
CA LYS A 560 -10.52 11.40 -10.09
C LYS A 560 -11.60 12.45 -9.84
N ASP A 561 -12.04 13.14 -10.88
CA ASP A 561 -13.04 14.18 -10.72
C ASP A 561 -14.44 13.62 -10.45
N ILE A 562 -14.66 12.32 -10.70
CA ILE A 562 -15.91 11.68 -10.25
C ILE A 562 -15.98 11.67 -8.74
N TYR A 563 -14.89 11.31 -8.08
CA TYR A 563 -14.83 11.27 -6.63
C TYR A 563 -14.74 12.66 -6.03
N ASN A 564 -14.18 13.62 -6.77
CA ASN A 564 -14.13 14.99 -6.29
C ASN A 564 -15.52 15.60 -6.13
N THR A 565 -16.46 15.26 -7.03
CA THR A 565 -17.84 15.74 -6.90
C THR A 565 -18.52 15.23 -5.64
N PHE A 566 -18.31 13.97 -5.30
CA PHE A 566 -18.86 13.39 -4.09
C PHE A 566 -18.26 14.01 -2.83
N VAL A 567 -16.94 14.21 -2.81
CA VAL A 567 -16.29 14.82 -1.66
C VAL A 567 -16.74 16.27 -1.48
N LEU A 568 -16.88 17.02 -2.57
CA LEU A 568 -17.35 18.39 -2.46
C LEU A 568 -18.83 18.49 -2.10
N ASP A 569 -19.65 17.52 -2.51
CA ASP A 569 -21.03 17.49 -2.06
C ASP A 569 -21.16 17.21 -0.58
N VAL A 570 -20.31 16.34 -0.02
CA VAL A 570 -20.32 16.13 1.42
C VAL A 570 -19.79 17.36 2.15
N ALA A 571 -18.71 17.96 1.65
CA ALA A 571 -18.09 19.09 2.30
C ALA A 571 -18.93 20.35 2.24
N SER A 572 -19.83 20.47 1.24
CA SER A 572 -20.71 21.63 1.20
C SER A 572 -21.81 21.56 2.25
N LYS A 573 -22.09 20.36 2.77
CA LYS A 573 -23.10 20.23 3.81
C LYS A 573 -22.46 20.11 5.20
N CYS A 574 -21.17 19.77 5.24
CA CYS A 574 -20.47 19.67 6.51
C CYS A 574 -20.28 21.04 7.14
N THR A 575 -20.11 21.07 8.47
CA THR A 575 -19.84 22.30 9.22
C THR A 575 -18.75 22.04 10.26
N VAL A 576 -17.50 22.35 9.91
CA VAL A 576 -16.40 22.32 10.86
C VAL A 576 -15.85 23.73 11.00
N PRO A 577 -15.55 24.18 12.21
CA PRO A 577 -15.02 25.55 12.36
C PRO A 577 -13.59 25.70 11.88
N ARG A 578 -12.67 24.87 12.34
CA ARG A 578 -11.26 25.01 12.01
C ARG A 578 -10.63 23.65 11.77
N PHE A 579 -10.08 23.48 10.59
CA PHE A 579 -9.11 22.45 10.29
C PHE A 579 -7.89 23.18 9.79
N GLY A 580 -6.98 23.53 10.72
CA GLY A 580 -5.93 24.49 10.50
C GLY A 580 -4.99 24.10 9.39
N PRO A 581 -4.59 25.06 8.54
CA PRO A 581 -4.77 26.52 8.63
C PRO A 581 -6.02 27.10 7.97
N TYR A 582 -7.17 26.43 8.03
CA TYR A 582 -8.36 26.89 7.35
C TYR A 582 -9.41 27.34 8.36
N TYR A 583 -10.15 28.39 8.01
CA TYR A 583 -11.21 28.91 8.86
C TYR A 583 -12.52 28.85 8.12
N ALA A 584 -13.61 28.94 8.87
CA ALA A 584 -14.94 29.13 8.29
C ALA A 584 -15.18 30.64 8.19
N LYS A 585 -15.46 31.12 6.98
CA LYS A 585 -15.45 32.56 6.78
C LYS A 585 -16.29 32.93 5.57
N ASN A 586 -16.58 34.23 5.46
CA ASN A 586 -17.35 34.76 4.35
C ASN A 586 -16.44 34.95 3.14
N MET A 587 -16.62 34.10 2.15
CA MET A 587 -15.73 34.03 1.00
C MET A 587 -16.46 34.47 -0.24
N GLU A 588 -15.80 35.26 -1.08
CA GLU A 588 -16.39 35.65 -2.35
C GLU A 588 -16.45 34.44 -3.27
N VAL A 589 -17.56 34.32 -3.99
CA VAL A 589 -17.94 33.09 -4.69
C VAL A 589 -18.61 33.47 -6.00
N PHE A 590 -18.12 32.92 -7.11
CA PHE A 590 -18.81 33.04 -8.38
C PHE A 590 -19.79 31.89 -8.51
N GLU A 591 -20.92 32.14 -9.17
CA GLU A 591 -21.95 31.13 -9.36
C GLU A 591 -22.37 31.09 -10.82
N VAL A 592 -23.35 30.25 -11.11
CA VAL A 592 -23.85 30.10 -12.48
C VAL A 592 -25.08 30.97 -12.68
N GLY A 593 -25.03 31.82 -13.71
CA GLY A 593 -26.06 32.79 -13.97
C GLY A 593 -25.80 34.13 -13.30
N LYS A 594 -24.90 34.16 -12.33
CA LYS A 594 -24.52 35.38 -11.64
C LYS A 594 -23.32 35.98 -12.33
N ARG A 595 -23.44 37.23 -12.76
CA ARG A 595 -22.38 37.92 -13.49
C ARG A 595 -21.31 38.48 -12.55
N GLN A 596 -21.63 38.63 -11.26
CA GLN A 596 -20.67 39.08 -10.27
C GLN A 596 -20.49 38.02 -9.19
N SER A 597 -19.63 38.34 -8.23
CA SER A 597 -19.28 37.39 -7.18
C SER A 597 -20.24 37.50 -6.01
N GLN A 598 -20.79 36.36 -5.60
CA GLN A 598 -21.63 36.29 -4.41
C GLN A 598 -20.74 36.14 -3.18
N VAL A 599 -21.35 36.04 -2.00
CA VAL A 599 -20.63 35.78 -0.76
C VAL A 599 -21.37 34.73 0.03
N LYS A 600 -20.70 33.62 0.35
CA LYS A 600 -21.27 32.58 1.19
C LYS A 600 -20.32 32.28 2.35
N TYR A 601 -20.80 31.47 3.28
CA TYR A 601 -20.03 31.09 4.47
C TYR A 601 -19.44 29.71 4.25
N VAL A 602 -18.23 29.67 3.71
CA VAL A 602 -17.57 28.43 3.32
C VAL A 602 -16.67 28.03 4.47
N ASN A 603 -16.76 26.77 4.87
CA ASN A 603 -16.10 26.31 6.08
C ASN A 603 -14.80 25.57 5.77
N ALA A 604 -14.14 25.09 6.83
CA ALA A 604 -12.77 24.61 6.74
C ALA A 604 -12.61 23.34 5.92
N ALA A 605 -13.54 22.39 6.03
CA ALA A 605 -13.43 21.15 5.24
C ALA A 605 -13.67 21.42 3.77
N TRP A 606 -14.55 22.36 3.45
CA TRP A 606 -14.84 22.68 2.06
C TRP A 606 -13.90 23.73 1.51
N GLN A 607 -12.98 24.24 2.33
CA GLN A 607 -11.80 24.88 1.78
C GLN A 607 -10.69 23.86 1.53
N ALA A 608 -10.52 22.92 2.47
CA ALA A 608 -9.46 21.91 2.37
C ALA A 608 -9.67 20.95 1.21
N CYS A 609 -10.86 20.38 1.09
CA CYS A 609 -11.17 19.48 -0.03
C CYS A 609 -11.17 20.20 -1.36
N ALA A 610 -11.50 21.49 -1.38
CA ALA A 610 -11.46 22.24 -2.63
C ALA A 610 -10.03 22.54 -3.05
N LEU A 611 -9.17 22.91 -2.11
CA LEU A 611 -7.77 23.14 -2.41
C LEU A 611 -7.04 21.87 -2.82
N GLU A 612 -7.29 20.75 -2.16
CA GLU A 612 -6.66 19.49 -2.54
C GLU A 612 -7.17 18.99 -3.88
N ALA A 613 -8.43 19.29 -4.23
CA ALA A 613 -8.93 18.90 -5.53
C ALA A 613 -8.35 19.77 -6.64
N ALA A 614 -8.15 21.05 -6.36
CA ALA A 614 -7.65 21.94 -7.40
C ALA A 614 -6.15 21.83 -7.58
N ASN A 615 -5.41 21.46 -6.53
CA ASN A 615 -3.97 21.32 -6.70
C ASN A 615 -3.65 19.83 -6.69
N SER A 616 -3.38 19.27 -7.85
CA SER A 616 -3.08 17.84 -7.93
C SER A 616 -1.84 17.44 -8.70
N GLN A 617 -0.95 16.73 -8.03
CA GLN A 617 0.22 16.19 -8.68
C GLN A 617 0.28 14.71 -8.33
N THR A 618 0.25 13.84 -9.33
CA THR A 618 0.34 12.41 -9.07
C THR A 618 1.68 11.74 -9.44
N SER A 619 2.62 12.52 -9.98
CA SER A 619 3.91 11.95 -10.36
C SER A 619 4.78 11.56 -9.16
N THR A 620 5.44 10.41 -9.29
CA THR A 620 6.33 9.88 -8.26
C THR A 620 7.73 9.93 -8.81
N SER A 621 8.67 10.43 -8.01
CA SER A 621 10.04 10.58 -8.49
C SER A 621 10.92 9.54 -7.80
N TYR A 622 11.70 8.81 -8.57
CA TYR A 622 12.71 7.91 -8.03
C TYR A 622 14.09 8.47 -8.31
N GLU A 623 14.97 8.37 -7.33
CA GLU A 623 16.34 8.89 -7.42
C GLU A 623 17.28 7.73 -7.66
N SER A 624 17.70 7.54 -8.90
CA SER A 624 18.47 6.39 -9.32
C SER A 624 19.95 6.68 -9.28
N GLU A 625 20.75 5.62 -9.30
CA GLU A 625 22.20 5.78 -9.33
C GLU A 625 22.70 6.14 -10.71
N ILE A 626 22.03 5.67 -11.75
CA ILE A 626 22.48 5.87 -13.12
C ILE A 626 22.12 7.27 -13.59
N PHE A 627 20.86 7.64 -13.45
CA PHE A 627 20.31 8.81 -14.13
C PHE A 627 20.00 9.97 -13.20
N GLY A 628 20.18 9.82 -11.90
CA GLY A 628 19.80 10.89 -10.99
C GLY A 628 18.33 10.82 -10.63
N GLN A 629 17.65 11.97 -10.61
CA GLN A 629 16.24 12.02 -10.26
C GLN A 629 15.39 11.70 -11.49
N VAL A 630 14.69 10.58 -11.44
CA VAL A 630 13.84 10.13 -12.54
C VAL A 630 12.39 10.25 -12.11
N LYS A 631 11.60 10.99 -12.89
CA LYS A 631 10.24 11.35 -12.53
C LYS A 631 9.27 10.64 -13.45
N ASN A 632 8.00 10.61 -13.07
CA ASN A 632 7.00 9.88 -13.82
C ASN A 632 6.13 10.87 -14.60
N ALA A 633 5.36 10.34 -15.54
CA ALA A 633 4.43 11.17 -16.30
C ALA A 633 3.27 11.47 -15.35
N GLU A 634 2.79 12.69 -15.33
CA GLU A 634 1.69 13.01 -14.43
C GLU A 634 0.45 12.23 -14.84
N GLY A 635 -0.24 11.64 -13.86
CA GLY A 635 -1.46 10.92 -14.15
C GLY A 635 -1.84 9.85 -13.14
N THR A 636 -1.01 8.82 -13.06
CA THR A 636 -1.25 7.68 -12.18
C THR A 636 -0.70 7.80 -10.77
N TYR A 637 -1.54 7.46 -9.78
CA TYR A 637 -1.11 7.49 -8.40
C TYR A 637 -1.20 6.07 -7.85
N PRO A 638 -0.16 5.55 -7.22
CA PRO A 638 -0.17 4.15 -6.79
C PRO A 638 -1.12 3.90 -5.63
N SER A 639 -1.58 2.66 -5.53
CA SER A 639 -2.73 2.28 -4.72
C SER A 639 -2.37 1.57 -3.43
N GLY A 640 -1.34 2.02 -2.72
CA GLY A 640 -0.99 1.37 -1.47
C GLY A 640 -1.79 1.89 -0.29
N ARG A 641 -1.82 3.20 -0.10
CA ARG A 641 -2.34 3.77 1.13
C ARG A 641 -3.87 3.74 1.19
N ALA A 642 -4.36 4.12 2.37
CA ALA A 642 -5.78 4.13 2.64
C ALA A 642 -6.52 5.23 1.91
N ASP A 643 -5.92 6.41 1.76
CA ASP A 643 -6.60 7.53 1.13
C ASP A 643 -6.84 7.31 -0.36
N THR A 644 -5.99 6.51 -0.99
CA THR A 644 -6.15 6.18 -2.39
C THR A 644 -6.71 4.80 -2.61
N SER A 645 -6.87 4.00 -1.55
CA SER A 645 -7.70 2.81 -1.68
C SER A 645 -9.17 3.14 -1.46
N THR A 646 -9.48 4.16 -0.64
CA THR A 646 -10.85 4.62 -0.53
C THR A 646 -11.36 5.21 -1.83
N HIS A 647 -10.51 5.91 -2.58
CA HIS A 647 -10.89 6.44 -3.89
C HIS A 647 -11.24 5.31 -4.85
N HIS A 648 -10.40 4.28 -4.89
CA HIS A 648 -10.62 3.13 -5.75
C HIS A 648 -11.78 2.27 -5.30
N THR A 649 -12.16 2.33 -4.03
CA THR A 649 -13.35 1.61 -3.59
C THR A 649 -14.63 2.37 -3.93
N VAL A 650 -14.65 3.66 -3.60
CA VAL A 650 -15.84 4.49 -3.77
C VAL A 650 -16.21 4.63 -5.23
N LEU A 651 -15.21 4.82 -6.10
CA LEU A 651 -15.51 4.99 -7.53
C LEU A 651 -16.09 3.72 -8.15
N LEU A 652 -15.55 2.56 -7.79
CA LEU A 652 -16.04 1.32 -8.38
C LEU A 652 -17.43 0.95 -7.86
N GLN A 653 -17.67 1.10 -6.55
CA GLN A 653 -19.00 0.81 -6.04
C GLN A 653 -20.02 1.80 -6.56
N GLY A 654 -19.61 3.06 -6.78
CA GLY A 654 -20.52 4.04 -7.32
C GLY A 654 -20.92 3.73 -8.75
N LEU A 655 -19.95 3.35 -9.59
CA LEU A 655 -20.25 2.96 -10.97
C LEU A 655 -21.15 1.74 -11.05
N VAL A 656 -20.85 0.69 -10.29
CA VAL A 656 -21.59 -0.55 -10.53
C VAL A 656 -22.96 -0.52 -9.84
N ARG A 657 -23.13 0.23 -8.74
CA ARG A 657 -24.48 0.34 -8.19
C ARG A 657 -25.31 1.39 -8.92
N GLY A 658 -24.68 2.45 -9.43
CA GLY A 658 -25.41 3.40 -10.24
C GLY A 658 -25.86 2.83 -11.56
N ASN A 659 -25.11 1.87 -12.09
CA ASN A 659 -25.60 1.13 -13.25
C ASN A 659 -26.86 0.34 -12.93
N GLU A 660 -26.92 -0.24 -11.72
CA GLU A 660 -28.11 -0.95 -11.27
C GLU A 660 -29.30 -0.02 -11.10
N LEU A 661 -29.04 1.22 -10.69
CA LEU A 661 -30.11 2.22 -10.66
C LEU A 661 -30.54 2.65 -12.06
N LYS A 662 -29.58 2.77 -12.99
CA LYS A 662 -29.89 3.22 -14.34
C LYS A 662 -30.68 2.17 -15.11
N ARG A 663 -30.45 0.88 -14.85
CA ARG A 663 -31.25 -0.15 -15.49
C ARG A 663 -32.71 -0.10 -15.06
N ALA A 664 -32.96 0.21 -13.79
CA ALA A 664 -34.33 0.41 -13.35
C ALA A 664 -34.90 1.71 -13.92
N SER A 665 -34.06 2.72 -14.10
CA SER A 665 -34.50 3.96 -14.72
C SER A 665 -34.78 3.82 -16.20
N ASP A 666 -34.27 2.77 -16.85
CA ASP A 666 -34.57 2.49 -18.24
C ASP A 666 -35.61 1.40 -18.42
N GLY A 667 -35.98 0.69 -17.36
CA GLY A 667 -37.04 -0.30 -17.43
C GLY A 667 -36.58 -1.74 -17.50
N LYS A 668 -35.28 -2.00 -17.38
CA LYS A 668 -34.77 -3.35 -17.45
C LYS A 668 -34.68 -3.96 -16.06
N ASN A 669 -34.59 -5.27 -16.01
CA ASN A 669 -34.50 -5.97 -14.74
C ASN A 669 -33.10 -5.80 -14.14
N SER A 670 -33.01 -5.92 -12.83
CA SER A 670 -31.74 -5.83 -12.11
C SER A 670 -31.53 -7.12 -11.33
N CYS A 671 -30.59 -7.93 -11.79
CA CYS A 671 -30.37 -9.28 -11.26
C CYS A 671 -29.07 -9.42 -10.49
N LEU A 672 -28.52 -8.33 -9.97
CA LEU A 672 -27.28 -8.41 -9.20
C LEU A 672 -27.59 -8.62 -7.73
N THR A 673 -26.83 -9.50 -7.08
CA THR A 673 -26.99 -9.74 -5.65
C THR A 673 -25.95 -9.05 -4.80
N THR A 674 -24.67 -9.40 -4.98
CA THR A 674 -23.62 -8.86 -4.13
C THR A 674 -22.50 -8.29 -4.99
N ILE A 675 -21.82 -7.31 -4.42
CA ILE A 675 -20.56 -6.78 -4.93
C ILE A 675 -19.60 -6.73 -3.77
N LYS A 676 -18.45 -7.39 -3.89
CA LYS A 676 -17.44 -7.32 -2.87
C LYS A 676 -16.15 -6.82 -3.52
N ILE A 677 -15.89 -5.52 -3.39
CA ILE A 677 -14.65 -4.94 -3.88
C ILE A 677 -13.55 -5.36 -2.92
N LEU A 678 -12.83 -6.41 -3.28
CA LEU A 678 -11.75 -6.94 -2.47
C LEU A 678 -10.50 -6.10 -2.68
N GLY A 679 -9.35 -6.59 -2.25
CA GLY A 679 -8.11 -5.85 -2.38
C GLY A 679 -7.67 -5.64 -3.80
N ASP A 680 -7.85 -6.65 -4.65
CA ASP A 680 -7.44 -6.59 -6.05
C ASP A 680 -8.53 -7.07 -7.00
N ASP A 681 -9.76 -7.24 -6.52
CA ASP A 681 -10.81 -7.89 -7.28
C ASP A 681 -12.15 -7.21 -7.02
N ILE A 682 -12.98 -7.17 -8.06
CA ILE A 682 -14.41 -6.89 -7.89
C ILE A 682 -15.14 -8.18 -8.17
N MET A 683 -16.01 -8.59 -7.26
CA MET A 683 -16.72 -9.86 -7.36
C MET A 683 -18.22 -9.58 -7.43
N GLU A 684 -18.82 -9.78 -8.60
CA GLU A 684 -20.27 -9.74 -8.72
C GLU A 684 -20.82 -11.16 -8.79
N ILE A 685 -22.04 -11.32 -8.27
CA ILE A 685 -22.82 -12.54 -8.43
C ILE A 685 -24.17 -12.14 -8.99
N PHE A 686 -24.51 -12.68 -10.14
CA PHE A 686 -25.80 -12.44 -10.78
C PHE A 686 -26.66 -13.69 -10.65
N GLN A 687 -27.93 -13.52 -10.25
CA GLN A 687 -28.86 -14.64 -10.22
C GLN A 687 -30.13 -14.24 -10.97
N GLY A 688 -30.56 -15.07 -11.90
CA GLY A 688 -31.78 -14.81 -12.62
C GLY A 688 -31.84 -15.64 -13.88
N ASN A 689 -32.61 -15.16 -14.85
CA ASN A 689 -32.64 -15.76 -16.17
C ASN A 689 -31.29 -15.56 -16.85
N GLU A 690 -30.95 -16.47 -17.76
CA GLU A 690 -29.67 -16.42 -18.45
C GLU A 690 -29.53 -15.16 -19.29
N ASN A 691 -30.63 -14.73 -19.92
CA ASN A 691 -30.62 -13.50 -20.70
C ASN A 691 -30.47 -12.28 -19.82
N ASP A 692 -31.10 -12.29 -18.65
CA ASP A 692 -31.00 -11.19 -17.70
C ASP A 692 -29.59 -11.05 -17.16
N THR A 693 -28.99 -12.18 -16.76
CA THR A 693 -27.64 -12.16 -16.23
C THR A 693 -26.62 -11.77 -17.28
N HIS A 694 -26.79 -12.23 -18.52
CA HIS A 694 -25.86 -11.82 -19.58
C HIS A 694 -26.00 -10.34 -19.90
N ASP A 695 -27.23 -9.81 -19.92
CA ASP A 695 -27.37 -8.40 -20.24
C ASP A 695 -26.84 -7.50 -19.14
N HIS A 696 -27.03 -7.88 -17.87
CA HIS A 696 -26.51 -7.05 -16.80
C HIS A 696 -24.98 -7.14 -16.72
N ALA A 697 -24.41 -8.32 -17.02
CA ALA A 697 -22.97 -8.45 -17.12
C ALA A 697 -22.37 -7.63 -18.25
N VAL A 698 -23.01 -7.64 -19.43
CA VAL A 698 -22.52 -6.86 -20.56
C VAL A 698 -22.64 -5.36 -20.29
N SER A 699 -23.71 -4.94 -19.62
CA SER A 699 -23.83 -3.52 -19.28
C SER A 699 -22.81 -3.08 -18.23
N ASN A 700 -22.53 -3.89 -17.21
CA ASN A 700 -21.47 -3.53 -16.26
C ASN A 700 -20.08 -3.61 -16.88
N ALA A 701 -19.89 -4.44 -17.90
CA ALA A 701 -18.62 -4.41 -18.62
C ALA A 701 -18.48 -3.13 -19.43
N SER A 702 -19.54 -2.75 -20.14
CA SER A 702 -19.49 -1.59 -21.02
C SER A 702 -19.37 -0.29 -20.25
N ILE A 703 -19.88 -0.23 -19.02
CA ILE A 703 -19.72 1.01 -18.27
C ILE A 703 -18.29 1.18 -17.74
N LEU A 704 -17.59 0.09 -17.40
CA LEU A 704 -16.18 0.21 -17.05
C LEU A 704 -15.33 0.45 -18.28
N ASN A 705 -15.79 0.02 -19.46
CA ASN A 705 -15.15 0.46 -20.69
C ASN A 705 -15.34 1.96 -20.90
N GLU A 706 -16.52 2.47 -20.58
CA GLU A 706 -16.81 3.89 -20.74
C GLU A 706 -16.00 4.77 -19.80
N SER A 707 -15.82 4.37 -18.55
CA SER A 707 -15.13 5.20 -17.57
C SER A 707 -13.62 5.20 -17.72
N GLY A 708 -13.08 4.47 -18.68
CA GLY A 708 -11.67 4.54 -18.98
C GLY A 708 -10.82 3.37 -18.55
N PHE A 709 -11.41 2.22 -18.28
CA PHE A 709 -10.66 1.03 -17.91
C PHE A 709 -10.84 -0.02 -19.00
N ALA A 710 -9.75 -0.68 -19.38
CA ALA A 710 -9.82 -1.81 -20.30
C ALA A 710 -9.71 -3.08 -19.48
N THR A 711 -10.78 -3.41 -18.76
CA THR A 711 -10.78 -4.61 -17.93
C THR A 711 -11.80 -5.59 -18.48
N THR A 712 -11.39 -6.85 -18.56
CA THR A 712 -12.24 -7.92 -19.09
C THR A 712 -12.62 -8.84 -17.94
N ALA A 713 -13.89 -8.78 -17.55
CA ALA A 713 -14.39 -9.66 -16.50
C ALA A 713 -14.46 -11.09 -16.99
N GLU A 714 -14.11 -12.02 -16.10
CA GLU A 714 -14.12 -13.44 -16.43
C GLU A 714 -15.46 -14.03 -16.03
N LEU A 715 -16.35 -14.15 -17.01
CA LEU A 715 -17.69 -14.70 -16.80
C LEU A 715 -17.59 -16.22 -16.71
N SER A 716 -18.28 -16.79 -15.73
CA SER A 716 -18.34 -18.25 -15.62
C SER A 716 -19.64 -18.66 -14.98
N GLN A 717 -20.10 -19.86 -15.32
CA GLN A 717 -21.29 -20.42 -14.69
C GLN A 717 -20.99 -20.89 -13.28
N ASN A 718 -19.82 -21.50 -13.08
CA ASN A 718 -19.63 -22.40 -11.96
C ASN A 718 -18.33 -22.21 -11.19
N SER A 719 -17.35 -21.50 -11.74
CA SER A 719 -16.12 -21.23 -11.02
C SER A 719 -15.95 -19.74 -10.83
N ILE A 720 -15.21 -19.36 -9.79
CA ILE A 720 -15.00 -17.95 -9.48
C ILE A 720 -13.55 -17.75 -9.02
N VAL A 721 -12.92 -16.69 -9.50
CA VAL A 721 -11.47 -16.55 -9.50
C VAL A 721 -11.08 -15.39 -8.60
N LEU A 722 -10.05 -15.57 -7.79
CA LEU A 722 -9.46 -14.48 -7.03
C LEU A 722 -7.95 -14.63 -7.13
N LEU A 723 -7.22 -13.88 -6.32
CA LEU A 723 -5.84 -14.23 -6.00
C LEU A 723 -5.83 -15.25 -4.89
N GLN A 724 -4.83 -16.14 -4.94
CA GLN A 724 -4.50 -17.23 -4.00
C GLN A 724 -5.66 -18.19 -3.72
N GLN A 725 -6.75 -18.14 -4.50
CA GLN A 725 -7.96 -18.91 -4.23
C GLN A 725 -8.70 -19.15 -5.54
N LEU A 726 -9.41 -20.27 -5.60
CA LEU A 726 -10.29 -20.58 -6.72
C LEU A 726 -11.39 -21.48 -6.20
N VAL A 727 -12.64 -21.04 -6.31
CA VAL A 727 -13.78 -21.75 -5.77
C VAL A 727 -14.60 -22.25 -6.94
N VAL A 728 -14.64 -23.57 -7.13
CA VAL A 728 -15.32 -24.18 -8.26
C VAL A 728 -16.41 -25.09 -7.72
N ASN A 729 -17.66 -24.64 -7.80
CA ASN A 729 -18.86 -25.40 -7.43
C ASN A 729 -18.83 -25.88 -5.98
N GLY A 730 -18.55 -24.96 -5.07
CA GLY A 730 -18.50 -25.32 -3.67
C GLY A 730 -17.28 -26.11 -3.25
N THR A 731 -16.18 -26.01 -3.98
CA THR A 731 -14.92 -26.63 -3.62
C THR A 731 -13.86 -25.54 -3.49
N PHE A 732 -12.65 -25.94 -3.13
CA PHE A 732 -11.54 -25.01 -2.92
C PHE A 732 -10.32 -25.53 -3.65
N TRP A 733 -9.94 -24.86 -4.73
CA TRP A 733 -8.75 -25.22 -5.49
C TRP A 733 -7.66 -24.24 -5.08
N GLY A 734 -6.95 -24.58 -4.01
CA GLY A 734 -5.95 -23.68 -3.47
C GLY A 734 -4.70 -23.63 -4.31
N PHE A 735 -3.99 -22.51 -4.19
CA PHE A 735 -2.83 -22.23 -5.03
C PHE A 735 -1.57 -22.43 -4.18
N ALA A 736 -0.90 -23.57 -4.38
CA ALA A 736 0.27 -23.93 -3.59
C ALA A 736 1.55 -23.28 -4.10
N ASP A 737 1.56 -22.75 -5.31
CA ASP A 737 2.76 -22.13 -5.84
C ASP A 737 3.04 -20.77 -5.22
N ARG A 738 2.04 -20.14 -4.61
CA ARG A 738 2.22 -18.80 -4.05
C ARG A 738 2.86 -18.81 -2.68
N ILE A 739 3.21 -19.98 -2.14
CA ILE A 739 3.96 -20.08 -0.90
C ILE A 739 5.37 -20.51 -1.26
N SER A 740 6.33 -19.63 -1.09
CA SER A 740 7.72 -19.91 -1.43
C SER A 740 8.44 -20.37 -0.18
N LEU A 741 8.83 -21.64 -0.15
CA LEU A 741 9.56 -22.16 1.00
C LEU A 741 11.03 -21.79 0.96
N TRP A 742 11.55 -21.36 -0.18
CA TRP A 742 12.99 -21.31 -0.37
C TRP A 742 13.53 -19.92 -0.64
N THR A 743 12.69 -18.97 -1.03
CA THR A 743 13.15 -17.62 -1.30
C THR A 743 12.49 -16.65 -0.34
N ARG A 744 13.03 -15.44 -0.25
CA ARG A 744 12.41 -14.38 0.53
C ARG A 744 12.46 -13.05 -0.23
N GLU A 745 11.74 -12.08 0.32
CA GLU A 745 11.78 -10.72 -0.18
C GLU A 745 12.50 -9.78 0.78
N ASP A 746 12.54 -10.11 2.07
CA ASP A 746 13.05 -9.18 3.07
C ASP A 746 14.57 -9.26 3.20
N THR A 747 15.14 -10.41 2.82
CA THR A 747 16.58 -10.73 2.96
C THR A 747 17.06 -10.54 4.40
N LYS A 748 16.25 -11.02 5.34
CA LYS A 748 16.62 -11.06 6.75
C LYS A 748 17.16 -12.44 7.13
N ASP A 749 17.90 -13.07 6.23
CA ASP A 749 18.44 -14.41 6.47
C ASP A 749 19.56 -14.32 7.49
N ILE A 750 19.19 -14.45 8.77
CA ILE A 750 20.12 -14.39 9.89
C ILE A 750 20.07 -15.77 10.52
N GLY A 751 21.07 -16.12 11.33
CA GLY A 751 21.06 -17.39 12.05
C GLY A 751 20.23 -17.39 13.31
N ARG A 752 19.00 -16.89 13.24
CA ARG A 752 18.08 -16.89 14.37
C ARG A 752 17.18 -18.12 14.26
N LEU A 753 17.51 -19.16 15.03
CA LEU A 753 16.91 -20.47 14.82
C LEU A 753 15.46 -20.52 15.28
N ASN A 754 15.12 -19.77 16.33
CA ASN A 754 13.74 -19.78 16.81
C ASN A 754 12.81 -19.07 15.84
N LEU A 755 13.22 -17.91 15.34
CA LEU A 755 12.43 -17.20 14.32
C LEU A 755 12.35 -18.00 13.03
N ALA A 756 13.45 -18.65 12.63
CA ALA A 756 13.46 -19.44 11.41
C ALA A 756 12.58 -20.67 11.53
N MET A 757 12.56 -21.30 12.71
CA MET A 757 11.75 -22.49 12.89
C MET A 757 10.27 -22.14 13.01
N MET A 758 9.95 -21.01 13.62
CA MET A 758 8.56 -20.54 13.63
C MET A 758 8.09 -20.20 12.23
N GLU A 759 8.94 -19.59 11.43
CA GLU A 759 8.61 -19.29 10.03
C GLU A 759 8.44 -20.55 9.19
N LEU A 760 9.26 -21.58 9.44
CA LEU A 760 9.11 -22.86 8.76
C LEU A 760 7.80 -23.54 9.12
N ASN A 761 7.45 -23.56 10.40
CA ASN A 761 6.17 -24.11 10.83
C ASN A 761 4.98 -23.35 10.25
N ALA A 762 5.06 -22.02 10.18
CA ALA A 762 4.01 -21.23 9.57
C ALA A 762 3.85 -21.53 8.09
N LEU A 763 4.94 -21.70 7.34
CA LEU A 763 4.81 -21.99 5.92
C LEU A 763 4.30 -23.41 5.66
N ILE A 764 4.75 -24.37 6.48
CA ILE A 764 4.26 -25.74 6.32
C ILE A 764 2.79 -25.84 6.68
N ASP A 765 2.35 -25.11 7.70
CA ASP A 765 0.93 -25.08 8.03
C ASP A 765 0.13 -24.29 7.00
N ASP A 766 0.79 -23.38 6.27
CA ASP A 766 0.10 -22.62 5.25
C ASP A 766 -0.09 -23.41 3.96
N LEU A 767 0.82 -24.32 3.64
CA LEU A 767 0.69 -25.17 2.46
C LEU A 767 -0.26 -26.36 2.63
N LEU A 768 -0.96 -26.44 3.77
CA LEU A 768 -1.38 -27.73 4.27
C LEU A 768 -2.66 -28.23 3.59
N PHE A 769 -3.56 -27.33 3.18
CA PHE A 769 -4.69 -27.76 2.39
C PHE A 769 -4.54 -27.42 0.92
N ARG A 770 -3.40 -26.87 0.53
CA ARG A 770 -3.08 -26.61 -0.87
C ARG A 770 -2.23 -27.72 -1.45
N VAL A 771 -1.65 -28.56 -0.61
CA VAL A 771 -0.87 -29.72 -1.00
C VAL A 771 -1.84 -30.87 -1.29
N ARG A 772 -1.44 -31.80 -2.17
CA ARG A 772 -2.20 -33.03 -2.36
C ARG A 772 -1.75 -34.16 -1.44
N ARG A 773 -0.63 -33.99 -0.74
CA ARG A 773 -0.05 -35.04 0.08
C ARG A 773 0.79 -34.42 1.18
N PRO A 774 0.22 -34.22 2.37
CA PRO A 774 0.97 -33.59 3.46
C PRO A 774 2.07 -34.46 4.06
N GLU A 775 2.05 -35.76 3.80
CA GLU A 775 3.16 -36.60 4.23
C GLU A 775 4.44 -36.27 3.49
N GLY A 776 4.34 -35.72 2.29
CA GLY A 776 5.52 -35.24 1.59
C GLY A 776 6.04 -33.96 2.21
N LEU A 777 5.12 -33.07 2.60
CA LEU A 777 5.50 -31.85 3.30
C LEU A 777 6.17 -32.13 4.63
N LYS A 778 5.76 -33.17 5.35
CA LYS A 778 6.39 -33.43 6.64
C LYS A 778 7.84 -33.87 6.48
N MET A 779 8.13 -34.72 5.49
CA MET A 779 9.51 -35.12 5.23
C MET A 779 10.34 -33.98 4.66
N LEU A 780 9.75 -33.15 3.80
CA LEU A 780 10.52 -32.04 3.24
C LEU A 780 10.84 -30.97 4.28
N GLY A 781 9.87 -30.61 5.14
CA GLY A 781 10.16 -29.72 6.24
C GLY A 781 11.11 -30.31 7.27
N PHE A 782 11.04 -31.63 7.49
CA PHE A 782 12.00 -32.31 8.35
C PHE A 782 13.43 -32.20 7.83
N PHE A 783 13.65 -32.45 6.54
CA PHE A 783 15.00 -32.32 6.04
C PHE A 783 15.45 -30.87 5.86
N CYS A 784 14.51 -29.94 5.65
CA CYS A 784 14.86 -28.52 5.68
C CYS A 784 15.34 -28.11 7.06
N GLY A 785 14.60 -28.48 8.11
CA GLY A 785 15.04 -28.18 9.46
C GLY A 785 16.26 -28.96 9.91
N ALA A 786 16.51 -30.12 9.32
CA ALA A 786 17.64 -30.93 9.76
C ALA A 786 18.94 -30.55 9.05
N ILE A 787 18.87 -30.03 7.83
CA ILE A 787 20.09 -29.66 7.12
C ILE A 787 20.28 -28.15 7.13
N CYS A 788 19.25 -27.41 6.72
CA CYS A 788 19.41 -25.96 6.53
C CYS A 788 19.44 -25.22 7.87
N LEU A 789 18.74 -25.74 8.86
CA LEU A 789 18.63 -25.07 10.16
C LEU A 789 19.32 -25.83 11.29
N ARG A 790 20.55 -26.30 11.08
CA ARG A 790 21.16 -27.14 12.09
C ARG A 790 22.34 -26.47 12.80
N ARG A 791 23.23 -25.79 12.07
CA ARG A 791 24.41 -25.27 12.74
C ARG A 791 24.16 -23.89 13.32
N PHE A 792 24.93 -23.56 14.36
CA PHE A 792 24.74 -22.35 15.14
C PHE A 792 26.05 -21.95 15.78
N THR A 793 26.53 -20.76 15.43
CA THR A 793 27.87 -20.32 15.80
C THR A 793 27.80 -19.44 17.04
N LEU A 794 28.78 -19.61 17.92
CA LEU A 794 28.93 -18.78 19.10
C LEU A 794 30.41 -18.57 19.39
N SER A 795 30.74 -17.41 19.95
CA SER A 795 32.13 -17.01 20.15
C SER A 795 32.46 -17.07 21.63
N VAL A 796 33.49 -17.85 21.97
CA VAL A 796 33.89 -18.03 23.36
C VAL A 796 35.20 -17.29 23.59
N ASP A 797 35.38 -16.75 24.79
CA ASP A 797 36.66 -16.21 25.22
C ASP A 797 37.73 -17.29 25.25
N ASN A 798 38.99 -16.84 25.19
CA ASN A 798 40.11 -17.76 24.98
C ASN A 798 40.40 -18.60 26.22
N LYS A 799 40.21 -18.03 27.41
CA LYS A 799 40.60 -18.71 28.63
C LYS A 799 39.59 -19.77 29.04
N LEU A 800 38.37 -19.70 28.53
CA LEU A 800 37.30 -20.63 28.91
C LEU A 800 36.89 -21.55 27.78
N TYR A 801 37.68 -21.60 26.71
CA TYR A 801 37.26 -22.22 25.45
C TYR A 801 37.20 -23.74 25.57
N ASP A 802 38.32 -24.35 25.94
CA ASP A 802 38.37 -25.80 26.05
C ASP A 802 37.55 -26.30 27.24
N SER A 803 37.45 -25.51 28.31
CA SER A 803 36.61 -25.89 29.43
C SER A 803 35.12 -25.78 29.11
N THR A 804 34.76 -24.92 28.15
CA THR A 804 33.37 -24.88 27.68
C THR A 804 33.08 -26.04 26.74
N TYR A 805 34.06 -26.36 25.88
CA TYR A 805 33.92 -27.50 24.96
C TYR A 805 33.80 -28.82 25.71
N ASN A 806 34.58 -29.00 26.77
CA ASN A 806 34.52 -30.26 27.52
C ASN A 806 33.24 -30.40 28.32
N ASN A 807 32.64 -29.28 28.73
CA ASN A 807 31.34 -29.35 29.39
C ASN A 807 30.23 -29.65 28.40
N LEU A 808 30.14 -28.89 27.31
CA LEU A 808 29.04 -29.06 26.38
C LEU A 808 29.20 -30.25 25.45
N SER A 809 30.36 -30.90 25.44
CA SER A 809 30.56 -32.00 24.51
C SER A 809 30.01 -33.32 25.03
N LYS A 810 29.49 -33.36 26.25
CA LYS A 810 28.86 -34.57 26.76
C LYS A 810 27.50 -34.80 26.12
N TYR A 811 26.84 -33.74 25.66
CA TYR A 811 25.45 -33.80 25.22
C TYR A 811 25.34 -33.46 23.75
N MET A 812 26.20 -32.57 23.28
CA MET A 812 26.19 -32.13 21.89
C MET A 812 27.49 -32.51 21.20
N THR A 813 27.51 -32.32 19.89
CA THR A 813 28.76 -32.36 19.12
C THR A 813 29.13 -30.96 18.69
N LEU A 814 30.34 -30.55 18.99
CA LEU A 814 30.82 -29.21 18.70
C LEU A 814 31.97 -29.31 17.71
N VAL A 815 32.28 -28.20 17.07
CA VAL A 815 33.42 -28.13 16.15
C VAL A 815 34.30 -26.97 16.60
N LYS A 816 35.51 -27.29 17.02
CA LYS A 816 36.46 -26.25 17.42
C LYS A 816 37.13 -25.64 16.20
N TYR A 817 37.41 -24.35 16.29
CA TYR A 817 38.13 -23.64 15.25
C TYR A 817 39.46 -23.14 15.79
N ASP A 818 40.22 -22.51 14.89
CA ASP A 818 41.58 -22.11 15.19
C ASP A 818 41.59 -20.97 16.22
N LYS A 819 42.58 -21.03 17.12
CA LYS A 819 42.73 -20.02 18.15
C LYS A 819 43.70 -18.94 17.70
N ASN A 820 43.18 -17.72 17.52
CA ASN A 820 43.95 -16.62 16.96
C ASN A 820 44.51 -15.78 18.10
N PRO A 821 45.82 -15.62 18.22
CA PRO A 821 46.38 -14.85 19.34
C PRO A 821 46.23 -13.34 19.18
N ASP A 822 45.75 -12.85 18.04
CA ASP A 822 45.62 -11.42 17.81
C ASP A 822 44.33 -10.82 18.34
N PHE A 823 43.44 -11.63 18.91
CA PHE A 823 42.16 -11.12 19.40
C PHE A 823 41.85 -11.73 20.76
N ASP A 824 40.69 -11.35 21.30
CA ASP A 824 40.29 -11.76 22.64
C ASP A 824 39.44 -13.02 22.66
N SER A 825 38.75 -13.34 21.58
CA SER A 825 37.83 -14.47 21.58
C SER A 825 37.87 -15.18 20.25
N THR A 826 37.46 -16.45 20.26
CA THR A 826 37.41 -17.29 19.07
C THR A 826 36.02 -17.87 18.90
N LEU A 827 35.64 -18.13 17.66
CA LEU A 827 34.37 -18.77 17.35
C LEU A 827 34.46 -20.27 17.61
N MET A 828 33.31 -20.89 17.86
CA MET A 828 33.21 -22.34 17.82
C MET A 828 31.79 -22.70 17.41
N SER A 829 31.67 -23.78 16.64
CA SER A 829 30.41 -24.15 16.02
C SER A 829 29.64 -25.14 16.90
N LEU A 830 28.36 -24.87 17.06
CA LEU A 830 27.45 -25.73 17.82
C LEU A 830 26.38 -26.23 16.87
N ILE A 831 26.52 -27.46 16.39
CA ILE A 831 25.47 -28.07 15.61
C ILE A 831 24.50 -28.77 16.56
N LEU A 832 23.21 -28.60 16.31
CA LEU A 832 22.20 -29.03 17.25
C LEU A 832 22.07 -30.55 17.20
N PRO A 833 21.53 -31.17 18.25
CA PRO A 833 21.02 -32.53 18.09
C PRO A 833 19.80 -32.52 17.19
N LEU A 834 19.56 -33.62 16.49
CA LEU A 834 18.44 -33.65 15.55
C LEU A 834 17.11 -33.72 16.30
N ALA A 835 17.14 -34.15 17.56
CA ALA A 835 15.93 -34.17 18.37
C ALA A 835 15.43 -32.79 18.75
N TRP A 836 16.20 -31.74 18.49
CA TRP A 836 15.81 -30.38 18.85
C TRP A 836 14.60 -29.91 18.06
N LEU A 837 14.37 -30.47 16.87
CA LEU A 837 13.23 -30.05 16.06
C LEU A 837 11.90 -30.48 16.67
N PHE A 838 11.92 -31.50 17.54
CA PHE A 838 10.71 -32.06 18.08
C PHE A 838 10.45 -31.62 19.51
N MET A 839 11.02 -30.48 19.94
CA MET A 839 10.96 -30.27 21.38
C MET A 839 9.86 -29.28 21.75
N PRO A 840 9.41 -29.29 23.02
CA PRO A 840 8.32 -28.37 23.39
C PRO A 840 8.66 -26.90 23.31
N ARG A 841 9.66 -26.43 24.03
CA ARG A 841 9.89 -24.99 24.04
C ARG A 841 10.89 -24.56 22.98
N GLY A 842 11.69 -25.49 22.46
CA GLY A 842 12.61 -25.19 21.38
C GLY A 842 11.92 -25.18 20.03
N GLY A 843 12.59 -25.78 19.06
CA GLY A 843 11.92 -26.03 17.78
C GLY A 843 10.85 -27.11 17.96
N GLU A 844 9.67 -26.84 17.43
CA GLU A 844 8.53 -27.73 17.61
C GLU A 844 7.94 -28.05 16.26
N TYR A 845 7.73 -29.34 16.00
CA TYR A 845 7.50 -29.86 14.67
C TYR A 845 6.94 -31.27 14.81
N PRO A 846 6.02 -31.69 13.94
CA PRO A 846 5.41 -33.02 14.08
C PRO A 846 6.41 -34.15 13.87
N ALA A 847 6.39 -35.13 14.76
CA ALA A 847 7.42 -36.15 14.82
C ALA A 847 7.11 -37.34 13.93
N TYR A 848 7.92 -38.37 14.08
CA TYR A 848 7.82 -39.70 13.49
C TYR A 848 7.67 -40.72 14.61
N PRO A 849 7.31 -41.97 14.28
CA PRO A 849 7.26 -43.00 15.34
C PRO A 849 8.61 -43.29 15.96
N PHE A 850 8.76 -42.93 17.23
CA PHE A 850 9.88 -43.34 18.03
C PHE A 850 9.61 -44.73 18.62
N GLU A 851 10.65 -45.52 18.79
CA GLU A 851 10.52 -46.89 19.29
C GLU A 851 10.69 -46.89 20.80
N ARG A 852 9.72 -47.45 21.51
CA ARG A 852 9.80 -47.59 22.95
C ARG A 852 10.72 -48.77 23.31
N ARG A 853 10.79 -49.10 24.60
CA ARG A 853 11.56 -50.28 24.99
C ARG A 853 10.84 -51.57 24.63
N ASP A 854 9.51 -51.51 24.47
CA ASP A 854 8.75 -52.72 24.25
C ASP A 854 8.59 -53.05 22.78
N GLY A 855 9.20 -52.27 21.90
CA GLY A 855 9.07 -52.47 20.48
C GLY A 855 7.90 -51.75 19.86
N THR A 856 6.96 -51.28 20.68
CA THR A 856 5.86 -50.49 20.16
C THR A 856 6.34 -49.09 19.81
N PHE A 857 5.66 -48.48 18.86
CA PHE A 857 6.01 -47.17 18.36
C PHE A 857 5.00 -46.15 18.83
N THR A 858 5.48 -44.95 19.12
CA THR A 858 4.56 -43.85 19.34
C THR A 858 3.86 -43.51 18.03
N GLU A 859 2.64 -42.98 18.14
CA GLU A 859 1.83 -42.80 16.95
C GLU A 859 2.35 -41.64 16.11
N ASP A 860 2.30 -41.83 14.79
CA ASP A 860 2.88 -40.89 13.84
C ASP A 860 2.08 -39.59 13.85
N GLU A 861 2.74 -38.51 14.24
CA GLU A 861 2.06 -37.24 14.43
C GLU A 861 1.69 -36.62 13.08
N SER A 862 0.44 -36.18 13.01
CA SER A 862 -0.15 -35.69 11.79
C SER A 862 0.29 -34.25 11.51
N MET A 863 -0.32 -33.66 10.50
CA MET A 863 -0.22 -32.23 10.27
C MET A 863 -1.18 -31.42 11.11
N PHE A 864 -2.05 -32.09 11.84
CA PHE A 864 -3.12 -31.46 12.61
C PHE A 864 -2.76 -31.38 14.08
N THR A 865 -1.55 -31.74 14.47
CA THR A 865 -1.15 -31.76 15.87
C THR A 865 -0.99 -30.36 16.42
N ALA A 866 -1.24 -30.22 17.71
CA ALA A 866 -1.19 -28.94 18.38
C ALA A 866 0.22 -28.71 18.93
N ARG A 867 0.69 -27.48 18.86
CA ARG A 867 1.99 -27.11 19.40
C ARG A 867 1.79 -26.51 20.79
N GLY A 868 2.85 -25.93 21.35
CA GLY A 868 2.76 -25.34 22.68
C GLY A 868 3.15 -26.33 23.76
N ALA A 869 2.38 -26.38 24.85
CA ALA A 869 2.69 -27.30 25.92
C ALA A 869 2.28 -28.74 25.60
N TYR A 870 1.55 -28.97 24.52
CA TYR A 870 1.13 -30.32 24.17
C TYR A 870 2.29 -31.15 23.63
N LYS A 871 3.39 -30.50 23.25
CA LYS A 871 4.57 -31.24 22.79
C LYS A 871 5.35 -31.87 23.94
N ARG A 872 5.03 -31.55 25.20
CA ARG A 872 5.66 -32.23 26.32
C ARG A 872 5.17 -33.64 26.51
N ARG A 873 4.05 -34.02 25.90
CA ARG A 873 3.53 -35.36 26.06
C ARG A 873 4.41 -36.40 25.38
N LEU A 874 5.23 -36.00 24.41
CA LEU A 874 6.08 -36.94 23.70
C LEU A 874 7.17 -37.51 24.62
N LEU A 875 7.64 -36.71 25.58
CA LEU A 875 8.64 -37.19 26.53
C LEU A 875 8.09 -38.28 27.41
N TYR A 876 6.80 -38.23 27.71
CA TYR A 876 6.15 -39.28 28.48
C TYR A 876 5.65 -40.41 27.59
N ASP A 877 5.43 -40.13 26.31
CA ASP A 877 4.93 -41.14 25.39
C ASP A 877 6.03 -42.10 24.97
N VAL A 878 7.26 -41.59 24.81
CA VAL A 878 8.40 -42.48 24.68
C VAL A 878 8.67 -43.21 25.98
N SER A 879 8.39 -42.58 27.13
CA SER A 879 8.56 -43.19 28.43
C SER A 879 7.42 -44.14 28.82
N ASN A 880 6.55 -44.48 27.87
CA ASN A 880 5.50 -45.49 27.99
C ASN A 880 4.49 -45.16 29.08
N ILE A 881 3.62 -44.17 28.82
CA ILE A 881 2.44 -43.89 29.64
C ILE A 881 1.66 -45.14 30.03
N ARG A 882 1.48 -46.09 29.10
CA ARG A 882 0.84 -47.37 29.37
C ARG A 882 1.55 -48.22 30.39
N GLU A 883 2.84 -48.00 30.62
CA GLU A 883 3.58 -48.61 31.71
C GLU A 883 3.49 -47.76 32.96
N MET A 884 3.43 -46.44 32.78
CA MET A 884 3.36 -45.52 33.90
C MET A 884 2.02 -45.61 34.64
N ILE A 885 0.94 -45.91 33.91
CA ILE A 885 -0.35 -46.07 34.57
C ILE A 885 -0.40 -47.38 35.34
N GLN A 886 0.15 -48.46 34.76
CA GLN A 886 0.12 -49.76 35.42
C GLN A 886 0.99 -49.79 36.67
N GLN A 887 2.17 -49.18 36.61
CA GLN A 887 3.11 -49.25 37.71
C GLN A 887 3.03 -48.05 38.64
N ASN A 888 2.13 -47.10 38.36
CA ASN A 888 1.94 -45.86 39.13
C ASN A 888 3.24 -45.07 39.26
N SER A 889 3.87 -44.81 38.12
CA SER A 889 5.08 -43.99 38.05
C SER A 889 4.70 -42.65 37.44
N MET A 890 5.44 -41.60 37.80
CA MET A 890 5.25 -40.29 37.18
C MET A 890 6.56 -39.59 36.86
N VAL A 891 7.71 -40.25 36.97
CA VAL A 891 8.93 -39.44 36.89
C VAL A 891 9.32 -39.20 35.44
N LEU A 892 9.99 -40.19 34.80
CA LEU A 892 10.40 -40.19 33.39
C LEU A 892 11.21 -41.46 33.12
N ASP A 893 11.57 -41.70 31.86
CA ASP A 893 12.53 -42.73 31.47
C ASP A 893 13.73 -42.03 30.85
N ASP A 894 14.73 -41.69 31.68
CA ASP A 894 15.80 -40.82 31.24
C ASP A 894 16.79 -41.48 30.29
N ASP A 895 16.88 -42.81 30.30
CA ASP A 895 17.93 -43.47 29.53
C ASP A 895 17.61 -43.49 28.04
N LEU A 896 16.36 -43.76 27.66
CA LEU A 896 15.95 -43.64 26.25
C LEU A 896 16.09 -42.22 25.74
N LEU A 897 15.76 -41.25 26.59
CA LEU A 897 15.80 -39.87 26.15
C LEU A 897 17.23 -39.40 25.98
N HIS A 898 18.15 -39.83 26.85
CA HIS A 898 19.55 -39.53 26.63
C HIS A 898 20.14 -40.33 25.47
N GLU A 899 19.54 -41.48 25.15
CA GLU A 899 19.95 -42.21 23.95
C GLU A 899 19.56 -41.48 22.68
N TYR A 900 18.34 -40.96 22.62
CA TYR A 900 17.88 -40.22 21.44
C TYR A 900 18.36 -38.78 21.41
N GLY A 901 18.91 -38.25 22.49
CA GLY A 901 19.40 -36.89 22.48
C GLY A 901 18.45 -35.85 23.03
N PHE A 902 17.35 -36.30 23.65
CA PHE A 902 16.38 -35.36 24.22
C PHE A 902 16.95 -34.60 25.41
N THR A 903 17.87 -35.22 26.16
CA THR A 903 18.49 -34.52 27.28
C THR A 903 19.38 -33.39 26.78
N GLY A 904 20.15 -33.63 25.72
CA GLY A 904 20.95 -32.58 25.14
C GLY A 904 20.12 -31.48 24.52
N ALA A 905 19.00 -31.84 23.89
CA ALA A 905 18.08 -30.84 23.35
C ALA A 905 17.45 -29.96 24.43
N LEU A 906 16.96 -30.57 25.52
CA LEU A 906 16.37 -29.78 26.58
C LEU A 906 17.39 -28.99 27.38
N LEU A 907 18.63 -29.47 27.48
CA LEU A 907 19.67 -28.65 28.09
C LEU A 907 20.01 -27.45 27.20
N LEU A 908 19.99 -27.65 25.88
CA LEU A 908 20.20 -26.54 24.96
C LEU A 908 19.10 -25.50 25.08
N ILE A 909 17.87 -25.95 25.33
CA ILE A 909 16.77 -25.01 25.58
C ILE A 909 16.94 -24.31 26.91
N ASP A 910 17.41 -25.03 27.94
CA ASP A 910 17.49 -24.42 29.28
C ASP A 910 18.67 -23.48 29.41
N LEU A 911 19.67 -23.59 28.53
CA LEU A 911 20.77 -22.64 28.60
C LEU A 911 20.39 -21.28 28.04
N ASN A 912 19.33 -21.20 27.25
CA ASN A 912 18.80 -19.96 26.65
C ASN A 912 19.84 -19.27 25.78
N ILE A 913 20.60 -20.07 25.05
CA ILE A 913 21.63 -19.54 24.16
C ILE A 913 21.00 -18.94 22.91
N LEU A 914 19.90 -19.51 22.45
CA LEU A 914 19.30 -19.11 21.19
C LEU A 914 18.58 -17.78 21.32
N ASP A 915 18.14 -17.25 20.17
CA ASP A 915 17.65 -15.88 20.12
C ASP A 915 16.15 -15.81 20.41
N LEU A 916 15.74 -14.79 21.15
CA LEU A 916 14.37 -14.67 21.61
C LEU A 916 13.51 -13.95 20.57
N ILE A 917 12.19 -14.09 20.72
CA ILE A 917 11.21 -13.56 19.78
C ILE A 917 10.24 -12.68 20.55
N ASP A 918 10.02 -11.46 20.06
CA ASP A 918 9.05 -10.58 20.67
C ASP A 918 7.63 -10.99 20.31
N GLU A 919 6.67 -10.43 21.04
CA GLU A 919 5.26 -10.62 20.74
C GLU A 919 4.88 -9.98 19.41
N VAL A 920 5.56 -8.90 19.02
CA VAL A 920 5.33 -8.26 17.73
C VAL A 920 5.78 -9.17 16.59
N LYS A 921 6.95 -9.79 16.72
CA LYS A 921 7.42 -10.73 15.70
C LYS A 921 6.61 -12.00 15.71
N LYS A 922 6.02 -12.36 16.86
CA LYS A 922 5.06 -13.47 16.87
C LYS A 922 3.75 -13.11 16.19
N GLU A 923 3.34 -11.84 16.22
CA GLU A 923 2.09 -11.47 15.56
C GLU A 923 2.21 -11.45 14.04
N ASP A 924 3.42 -11.52 13.51
CA ASP A 924 3.62 -11.69 12.07
C ASP A 924 3.67 -13.19 11.79
N ILE A 925 2.56 -13.87 12.05
CA ILE A 925 2.46 -15.30 11.79
C ILE A 925 2.56 -15.58 10.28
N SER A 926 2.78 -14.52 9.51
CA SER A 926 2.92 -14.59 8.06
C SER A 926 1.78 -15.35 7.37
N PRO A 927 0.53 -14.90 7.60
CA PRO A 927 -0.64 -15.53 6.99
C PRO A 927 -1.22 -14.66 5.88
N VAL A 928 -1.10 -15.10 4.63
CA VAL A 928 -1.63 -14.35 3.50
C VAL A 928 -3.11 -14.06 3.71
N LYS A 929 -3.50 -12.80 3.63
CA LYS A 929 -4.91 -12.46 3.83
C LYS A 929 -5.67 -12.50 2.51
N VAL A 930 -7.00 -12.60 2.63
CA VAL A 930 -7.85 -12.76 1.45
C VAL A 930 -7.96 -11.44 0.67
N ASN A 931 -8.19 -10.33 1.35
CA ASN A 931 -8.19 -9.02 0.72
C ASN A 931 -7.11 -8.15 1.34
N GLU A 932 -6.49 -7.31 0.51
CA GLU A 932 -5.51 -6.36 1.01
C GLU A 932 -6.07 -4.95 1.13
N LEU A 933 -7.36 -4.77 0.87
CA LEU A 933 -8.02 -3.51 1.23
C LEU A 933 -8.03 -3.32 2.74
N ALA A 934 -8.13 -4.41 3.50
CA ALA A 934 -8.02 -4.34 4.95
C ALA A 934 -6.62 -3.95 5.40
N THR A 935 -5.59 -4.45 4.73
CA THR A 935 -4.23 -4.05 5.08
C THR A 935 -3.95 -2.62 4.66
N SER A 936 -4.65 -2.15 3.62
CA SER A 936 -4.52 -0.75 3.22
C SER A 936 -5.17 0.17 4.24
N LEU A 937 -6.36 -0.16 4.69
CA LEU A 937 -7.07 0.66 5.66
C LEU A 937 -6.61 0.43 7.09
N GLU A 938 -5.70 -0.53 7.30
CA GLU A 938 -5.21 -0.85 8.64
C GLU A 938 -4.28 0.21 9.20
N GLN A 939 -3.46 0.82 8.34
CA GLN A 939 -2.35 1.64 8.80
C GLN A 939 -2.83 2.96 9.40
N LEU A 940 -3.76 3.63 8.70
CA LEU A 940 -4.07 5.01 8.99
C LEU A 940 -5.29 5.17 9.90
N GLY A 941 -6.04 4.10 10.14
CA GLY A 941 -7.24 4.18 10.94
C GLY A 941 -7.00 3.92 12.42
N LYS A 942 -8.07 4.14 13.20
CA LYS A 942 -8.18 3.79 14.62
C LYS A 942 -7.18 4.61 15.46
N LEU A 943 -7.01 5.86 15.03
CA LEU A 943 -6.04 6.79 15.60
C LEU A 943 -6.36 7.15 17.04
N GLY A 944 -7.63 7.39 17.35
CA GLY A 944 -8.00 7.75 18.70
C GLY A 944 -7.79 6.64 19.70
N GLU A 945 -8.08 5.39 19.30
CA GLU A 945 -7.85 4.24 20.16
C GLU A 945 -6.36 3.99 20.37
N ARG A 946 -5.56 4.11 19.31
CA ARG A 946 -4.12 3.93 19.48
C ARG A 946 -3.49 5.06 20.29
N GLU A 947 -4.03 6.27 20.20
CA GLU A 947 -3.57 7.36 21.06
C GLU A 947 -3.98 7.14 22.51
N LYS A 948 -5.18 6.60 22.73
CA LYS A 948 -5.63 6.30 24.09
C LYS A 948 -4.76 5.23 24.74
N SER A 949 -4.38 4.20 23.98
CA SER A 949 -3.46 3.20 24.50
C SER A 949 -2.07 3.75 24.72
N ARG A 950 -1.59 4.66 23.87
CA ARG A 950 -0.30 5.31 24.11
C ARG A 950 -0.32 6.16 25.39
N ARG A 951 -1.39 6.94 25.60
CA ARG A 951 -1.53 7.73 26.81
C ARG A 951 -1.58 6.84 28.04
N ALA A 952 -2.28 5.72 27.94
CA ALA A 952 -2.35 4.76 29.04
C ALA A 952 -0.99 4.18 29.36
N ALA A 953 -0.22 3.82 28.33
CA ALA A 953 1.10 3.21 28.54
C ALA A 953 2.09 4.20 29.13
N SER A 954 2.10 5.44 28.64
CA SER A 954 3.05 6.43 29.15
C SER A 954 2.68 6.88 30.56
N ASP A 955 1.39 7.13 30.81
CA ASP A 955 0.97 7.59 32.12
C ASP A 955 0.93 6.45 33.13
N LEU A 956 1.01 5.20 32.67
CA LEU A 956 1.21 4.08 33.57
C LEU A 956 2.69 3.85 33.84
N LYS A 957 3.54 4.17 32.86
CA LYS A 957 4.99 4.16 33.07
C LYS A 957 5.42 5.20 34.08
N ILE A 958 4.74 6.35 34.11
CA ILE A 958 5.06 7.39 35.09
C ILE A 958 4.74 6.93 36.50
N ARG A 959 3.65 6.18 36.67
CA ARG A 959 3.23 5.75 38.01
C ARG A 959 4.05 4.60 38.57
N GLY A 960 5.07 4.12 37.87
CA GLY A 960 5.99 3.13 38.40
C GLY A 960 5.85 1.75 37.80
N HIS A 961 4.67 1.39 37.31
CA HIS A 961 4.43 0.08 36.73
C HIS A 961 4.51 0.21 35.21
N ALA A 962 5.69 -0.01 34.67
CA ALA A 962 5.95 0.15 33.25
C ALA A 962 5.66 -1.16 32.52
N LEU A 963 5.11 -1.04 31.31
CA LEU A 963 4.79 -2.19 30.47
C LEU A 963 5.84 -2.31 29.36
N SER A 964 6.08 -3.54 28.92
CA SER A 964 6.93 -3.74 27.77
C SER A 964 6.21 -3.27 26.50
N ASN A 965 7.00 -2.88 25.51
CA ASN A 965 6.43 -2.19 24.35
C ASN A 965 5.65 -3.13 23.43
N ASP A 966 5.93 -4.44 23.49
CA ASP A 966 5.22 -5.38 22.63
C ASP A 966 3.78 -5.61 23.07
N ILE A 967 3.43 -5.21 24.30
CA ILE A 967 2.09 -5.43 24.83
C ILE A 967 1.19 -4.23 24.54
N VAL A 968 1.79 -3.04 24.48
CA VAL A 968 1.07 -1.82 24.16
C VAL A 968 0.53 -1.88 22.73
N TYR A 969 -0.65 -1.31 22.53
CA TYR A 969 -1.48 -1.61 21.36
C TYR A 969 -0.93 -0.99 20.06
N GLY A 970 -0.48 0.27 20.12
CA GLY A 970 -0.08 0.92 18.88
C GLY A 970 1.34 0.68 18.42
N TYR A 971 2.13 -0.05 19.20
CA TYR A 971 3.56 -0.14 18.93
C TYR A 971 3.85 -1.04 17.73
N GLY A 972 3.01 -2.04 17.48
CA GLY A 972 3.25 -2.94 16.36
C GLY A 972 3.11 -2.25 15.01
N LEU A 973 2.25 -1.24 14.93
CA LEU A 973 2.17 -0.41 13.73
C LEU A 973 3.20 0.70 13.73
N GLN A 974 3.48 1.31 14.89
CA GLN A 974 4.47 2.37 14.95
C GLN A 974 5.87 1.90 14.56
N GLU A 975 6.22 0.66 14.95
CA GLU A 975 7.53 0.12 14.61
C GLU A 975 7.64 -0.13 13.11
N LYS A 976 6.59 -0.64 12.48
CA LYS A 976 6.63 -0.87 11.04
C LYS A 976 6.58 0.43 10.25
N ILE A 977 6.01 1.50 10.81
CA ILE A 977 6.07 2.80 10.15
C ILE A 977 7.47 3.38 10.24
N GLN A 978 8.03 3.43 11.45
CA GLN A 978 9.32 4.09 11.64
C GLN A 978 10.49 3.24 11.16
N LYS A 979 10.27 1.96 10.88
CA LYS A 979 11.35 1.11 10.41
C LYS A 979 11.66 1.37 8.95
N SER A 980 10.62 1.45 8.11
CA SER A 980 10.79 1.59 6.67
C SER A 980 11.23 2.99 6.24
N ALA A 981 11.37 3.92 7.17
CA ALA A 981 11.95 5.22 6.89
C ALA A 981 13.45 5.27 7.16
N MET A 982 14.06 4.12 7.46
CA MET A 982 15.51 4.01 7.64
C MET A 982 16.11 3.23 6.48
N ALA A 983 17.34 3.57 6.12
CA ALA A 983 18.10 2.82 5.12
C ALA A 983 19.28 2.07 5.72
N THR A 984 19.25 1.79 7.01
CA THR A 984 20.38 1.14 7.67
C THR A 984 20.48 -0.32 7.29
N LYS A 985 21.70 -0.85 7.34
CA LYS A 985 21.92 -2.27 7.11
C LYS A 985 21.39 -3.07 8.28
N GLU A 986 20.38 -3.90 8.02
CA GLU A 986 19.87 -4.83 9.02
C GLU A 986 20.57 -6.18 8.97
N THR A 987 21.55 -6.34 8.09
CA THR A 987 22.27 -7.60 7.94
C THR A 987 23.59 -7.52 8.70
N THR A 988 23.67 -8.27 9.81
CA THR A 988 24.87 -8.37 10.61
C THR A 988 24.94 -9.81 11.09
N VAL A 989 26.15 -10.39 11.11
CA VAL A 989 26.31 -11.78 11.51
C VAL A 989 26.00 -11.92 13.00
N GLN A 990 25.33 -13.02 13.35
CA GLN A 990 24.84 -13.24 14.69
C GLN A 990 25.81 -14.15 15.43
N SER A 991 26.42 -13.62 16.49
CA SER A 991 27.36 -14.35 17.32
C SER A 991 26.94 -14.25 18.78
N LYS A 992 27.01 -15.37 19.50
CA LYS A 992 26.66 -15.43 20.90
C LYS A 992 27.93 -15.49 21.73
N ARG A 993 28.11 -14.53 22.63
CA ARG A 993 29.31 -14.43 23.45
C ARG A 993 29.12 -15.17 24.75
N VAL A 994 29.88 -16.25 24.93
CA VAL A 994 29.83 -17.05 26.15
C VAL A 994 30.93 -16.54 27.08
N SER A 995 30.57 -15.58 27.93
CA SER A 995 31.49 -15.00 28.90
C SER A 995 31.59 -15.87 30.14
N SER A 996 32.15 -15.30 31.21
CA SER A 996 32.38 -16.06 32.43
C SER A 996 31.07 -16.41 33.13
N ARG A 997 30.08 -15.53 33.05
CA ARG A 997 28.80 -15.79 33.69
C ARG A 997 28.04 -16.90 32.97
N LEU A 998 28.02 -16.86 31.64
CA LEU A 998 27.36 -17.92 30.89
C LEU A 998 28.15 -19.23 31.00
N HIS A 999 29.47 -19.13 31.16
CA HIS A 999 30.30 -20.31 31.41
C HIS A 999 29.93 -20.97 32.75
N GLU A 1000 29.82 -20.18 33.81
CA GLU A 1000 29.53 -20.79 35.11
C GLU A 1000 28.10 -21.28 35.18
N VAL A 1001 27.19 -20.68 34.39
CA VAL A 1001 25.86 -21.26 34.22
C VAL A 1001 25.94 -22.62 33.54
N ILE A 1002 26.80 -22.75 32.50
CA ILE A 1002 26.99 -24.05 31.84
C ILE A 1002 27.57 -25.07 32.80
N VAL A 1003 28.54 -24.66 33.61
CA VAL A 1003 29.17 -25.56 34.58
C VAL A 1003 28.17 -25.99 35.65
N ALA A 1004 27.27 -25.09 36.04
CA ALA A 1004 26.25 -25.44 37.02
C ALA A 1004 25.20 -26.37 36.44
N LYS A 1005 24.87 -26.24 35.16
CA LYS A 1005 23.80 -27.07 34.59
C LYS A 1005 24.32 -28.45 34.21
N THR A 1006 25.45 -28.53 33.52
CA THR A 1006 25.80 -29.76 32.82
C THR A 1006 26.38 -30.80 33.77
N ARG A 1007 26.74 -30.41 34.99
CA ARG A 1007 27.36 -31.37 35.89
C ARG A 1007 26.33 -32.26 36.56
N ASP A 1008 25.09 -31.78 36.66
CA ASP A 1008 24.03 -32.49 37.34
C ASP A 1008 22.72 -32.41 36.56
N TYR A 1009 22.78 -32.25 35.24
CA TYR A 1009 21.57 -32.12 34.47
C TYR A 1009 20.84 -33.44 34.30
N LYS A 1010 19.58 -33.46 34.73
CA LYS A 1010 18.57 -34.40 34.27
C LYS A 1010 17.33 -33.61 33.91
N ILE A 1011 16.31 -34.29 33.38
CA ILE A 1011 15.17 -33.57 32.83
C ILE A 1011 14.27 -33.09 33.98
N PRO A 1012 13.93 -31.82 34.05
CA PRO A 1012 13.01 -31.35 35.09
C PRO A 1012 11.56 -31.61 34.73
N THR A 1013 10.76 -31.99 35.73
CA THR A 1013 9.34 -32.22 35.55
C THR A 1013 8.58 -31.28 36.47
N MET A 1014 7.84 -30.35 35.88
CA MET A 1014 6.95 -29.51 36.65
C MET A 1014 5.76 -30.34 37.13
N PRO A 1015 5.15 -29.98 38.27
CA PRO A 1015 4.06 -30.81 38.81
C PRO A 1015 2.80 -30.79 37.97
N ALA A 1016 2.65 -29.83 37.06
CA ALA A 1016 1.52 -29.80 36.14
C ALA A 1016 1.72 -30.70 34.93
N ASP A 1017 2.74 -31.56 34.93
CA ASP A 1017 2.90 -32.55 33.88
C ASP A 1017 2.00 -33.76 34.06
N ALA A 1018 1.25 -33.81 35.16
CA ALA A 1018 0.36 -34.94 35.39
C ALA A 1018 -0.84 -34.94 34.45
N LEU A 1019 -1.11 -33.80 33.79
CA LEU A 1019 -2.17 -33.75 32.79
C LEU A 1019 -1.79 -34.49 31.51
N HIS A 1020 -0.52 -34.78 31.29
CA HIS A 1020 -0.08 -35.47 30.08
C HIS A 1020 -0.20 -36.98 30.19
N LEU A 1021 -0.65 -37.51 31.31
CA LEU A 1021 -0.59 -38.95 31.58
C LEU A 1021 -1.95 -39.57 31.29
N TYR A 1022 -2.24 -39.83 30.02
CA TYR A 1022 -3.51 -40.41 29.65
C TYR A 1022 -3.35 -41.25 28.39
N GLU A 1023 -4.24 -42.22 28.23
CA GLU A 1023 -4.11 -43.31 27.28
C GLU A 1023 -5.45 -43.52 26.59
N PHE A 1024 -5.41 -43.93 25.32
CA PHE A 1024 -6.59 -44.30 24.56
C PHE A 1024 -6.42 -45.71 24.03
N GLU A 1025 -7.28 -46.62 24.49
CA GLU A 1025 -7.23 -48.02 24.07
C GLU A 1025 -8.27 -48.25 22.99
N VAL A 1026 -7.94 -49.11 22.04
CA VAL A 1026 -8.78 -49.29 20.86
C VAL A 1026 -9.85 -50.34 21.15
N GLU A 1027 -11.10 -49.90 21.06
CA GLU A 1027 -12.28 -50.71 21.31
C GLU A 1027 -12.68 -51.41 20.00
N ASP A 1028 -13.51 -52.45 20.09
CA ASP A 1028 -13.85 -53.27 18.94
C ASP A 1028 -15.15 -52.83 18.26
N VAL A 1029 -15.58 -51.59 18.43
CA VAL A 1029 -16.84 -51.11 17.89
C VAL A 1029 -16.57 -49.93 16.96
N THR A 1030 -17.09 -50.00 15.74
CA THR A 1030 -16.95 -48.90 14.79
C THR A 1030 -17.83 -47.74 15.18
N VAL A 1031 -17.53 -46.57 14.61
CA VAL A 1031 -18.21 -45.33 14.93
C VAL A 1031 -19.03 -44.90 13.73
N ASP A 1032 -20.23 -44.37 13.97
CA ASP A 1032 -21.02 -43.75 12.91
C ASP A 1032 -20.34 -42.48 12.42
N LEU A 1033 -20.22 -42.35 11.11
CA LEU A 1033 -19.70 -41.14 10.51
C LEU A 1033 -20.78 -40.07 10.47
N LEU A 1034 -20.36 -38.83 10.23
CA LEU A 1034 -21.31 -37.76 10.06
C LEU A 1034 -22.04 -37.90 8.72
N PRO A 1035 -23.26 -37.35 8.59
CA PRO A 1035 -23.98 -37.49 7.33
C PRO A 1035 -23.37 -36.74 6.16
N HIS A 1036 -22.49 -35.77 6.40
CA HIS A 1036 -21.77 -35.16 5.30
C HIS A 1036 -20.47 -35.87 4.97
N ALA A 1037 -20.30 -37.12 5.43
CA ALA A 1037 -19.28 -37.96 4.83
C ALA A 1037 -19.69 -38.43 3.45
N LYS A 1038 -20.99 -38.50 3.19
CA LYS A 1038 -21.47 -38.91 1.88
C LYS A 1038 -21.44 -37.76 0.88
N HIS A 1039 -21.70 -36.54 1.35
CA HIS A 1039 -21.85 -35.43 0.43
C HIS A 1039 -20.50 -34.97 -0.13
N THR A 1040 -19.45 -35.05 0.67
CA THR A 1040 -18.12 -34.60 0.29
C THR A 1040 -17.28 -35.70 -0.33
N SER A 1041 -17.90 -36.82 -0.70
CA SER A 1041 -17.17 -37.98 -1.19
C SER A 1041 -17.11 -38.05 -2.71
N TYR A 1042 -17.79 -37.16 -3.41
CA TYR A 1042 -17.88 -37.23 -4.87
C TYR A 1042 -16.83 -36.35 -5.53
N SER A 1043 -16.87 -35.05 -5.24
CA SER A 1043 -15.85 -34.12 -5.71
C SER A 1043 -15.30 -33.37 -4.51
N ASN A 1044 -13.99 -33.23 -4.46
CA ASN A 1044 -13.27 -32.96 -3.22
C ASN A 1044 -13.31 -31.50 -2.86
N LEU A 1045 -13.50 -31.24 -1.56
CA LEU A 1045 -13.48 -29.89 -1.02
C LEU A 1045 -12.11 -29.23 -1.03
N ALA A 1046 -11.04 -30.02 -1.07
CA ALA A 1046 -9.69 -29.50 -1.14
C ALA A 1046 -8.83 -30.56 -1.79
N TYR A 1047 -7.54 -30.25 -1.95
CA TYR A 1047 -6.66 -31.21 -2.62
C TYR A 1047 -6.29 -32.36 -1.70
N ASN A 1048 -6.08 -32.09 -0.41
CA ASN A 1048 -5.67 -33.18 0.46
C ASN A 1048 -6.83 -34.08 0.85
N MET A 1049 -8.05 -33.57 0.89
CA MET A 1049 -9.21 -34.37 1.27
C MET A 1049 -9.87 -34.94 0.02
N SER A 1050 -9.14 -35.80 -0.67
CA SER A 1050 -9.70 -36.74 -1.63
C SER A 1050 -10.36 -37.87 -0.85
N PHE A 1051 -11.13 -38.71 -1.55
CA PHE A 1051 -11.92 -39.72 -0.89
C PHE A 1051 -11.04 -40.82 -0.29
N GLY A 1052 -11.16 -41.01 1.02
CA GLY A 1052 -10.42 -42.02 1.74
C GLY A 1052 -9.16 -41.51 2.38
N SER A 1053 -8.88 -40.23 2.28
CA SER A 1053 -7.65 -39.69 2.81
C SER A 1053 -7.84 -39.17 4.22
N ASP A 1054 -6.76 -38.65 4.79
CA ASP A 1054 -6.73 -38.23 6.18
C ASP A 1054 -7.58 -36.99 6.45
N GLY A 1055 -7.52 -36.01 5.55
CA GLY A 1055 -8.36 -34.83 5.71
C GLY A 1055 -9.84 -35.09 5.55
N TRP A 1056 -10.21 -35.94 4.59
CA TRP A 1056 -11.61 -36.31 4.41
C TRP A 1056 -12.13 -37.11 5.59
N PHE A 1057 -11.32 -38.02 6.11
CA PHE A 1057 -11.80 -38.83 7.23
C PHE A 1057 -11.82 -38.02 8.52
N ALA A 1058 -10.91 -37.05 8.68
CA ALA A 1058 -11.00 -36.12 9.80
C ALA A 1058 -12.19 -35.20 9.69
N PHE A 1059 -12.60 -34.84 8.47
CA PHE A 1059 -13.81 -34.06 8.29
C PHE A 1059 -15.06 -34.91 8.49
N ALA A 1060 -14.98 -36.21 8.22
CA ALA A 1060 -16.11 -37.10 8.42
C ALA A 1060 -16.31 -37.42 9.89
N LEU A 1061 -15.23 -37.42 10.67
CA LEU A 1061 -15.36 -37.62 12.11
C LEU A 1061 -15.69 -36.31 12.83
N LEU A 1062 -14.89 -35.27 12.57
CA LEU A 1062 -15.00 -33.98 13.24
C LEU A 1062 -15.47 -32.96 12.21
N GLY A 1063 -16.78 -32.80 12.07
CA GLY A 1063 -17.29 -31.92 11.03
C GLY A 1063 -17.26 -30.47 11.45
N GLY A 1064 -16.32 -29.71 10.89
CA GLY A 1064 -16.21 -28.30 11.18
C GLY A 1064 -17.20 -27.50 10.34
N LEU A 1065 -17.37 -26.23 10.69
CA LEU A 1065 -16.69 -25.54 11.80
C LEU A 1065 -17.71 -24.80 12.65
N ASP A 1066 -17.24 -24.16 13.74
CA ASP A 1066 -18.14 -23.49 14.66
C ASP A 1066 -18.28 -22.02 14.29
N ARG A 1067 -19.40 -21.69 13.65
CA ARG A 1067 -19.66 -20.32 13.21
C ARG A 1067 -19.84 -19.38 14.40
N SER A 1068 -20.51 -19.84 15.45
CA SER A 1068 -20.72 -19.00 16.63
C SER A 1068 -19.43 -18.79 17.43
N ALA A 1069 -18.42 -19.62 17.23
CA ALA A 1069 -17.12 -19.37 17.84
C ALA A 1069 -16.26 -18.47 16.98
N ASN A 1070 -16.35 -18.62 15.66
CA ASN A 1070 -15.58 -17.75 14.78
C ASN A 1070 -16.10 -16.33 14.78
N LEU A 1071 -17.41 -16.15 14.95
CA LEU A 1071 -17.93 -14.79 15.09
C LEU A 1071 -17.50 -14.15 16.39
N LEU A 1072 -17.38 -14.96 17.45
CA LEU A 1072 -16.91 -14.44 18.73
C LEU A 1072 -15.44 -14.05 18.66
N ARG A 1073 -14.61 -14.88 18.03
CA ARG A 1073 -13.20 -14.52 17.92
C ARG A 1073 -12.97 -13.35 16.98
N LEU A 1074 -13.82 -13.16 15.95
CA LEU A 1074 -13.69 -11.95 15.16
C LEU A 1074 -14.19 -10.70 15.88
N ASP A 1075 -15.24 -10.82 16.69
CA ASP A 1075 -15.67 -9.69 17.52
C ASP A 1075 -14.62 -9.31 18.55
N VAL A 1076 -13.92 -10.28 19.12
CA VAL A 1076 -12.82 -9.99 20.02
C VAL A 1076 -11.64 -9.38 19.26
N ALA A 1077 -11.32 -9.92 18.09
CA ALA A 1077 -10.19 -9.44 17.29
C ALA A 1077 -10.44 -8.07 16.68
N SER A 1078 -11.69 -7.62 16.60
CA SER A 1078 -11.98 -6.29 16.09
C SER A 1078 -11.59 -5.16 17.03
N ILE A 1079 -11.13 -5.46 18.25
CA ILE A 1079 -10.60 -4.44 19.15
C ILE A 1079 -9.08 -4.47 19.09
N ARG A 1080 -8.50 -5.64 19.36
CA ARG A 1080 -7.04 -5.74 19.46
C ARG A 1080 -6.35 -5.80 18.11
N GLY A 1081 -7.09 -5.95 17.01
CA GLY A 1081 -6.51 -6.17 15.71
C GLY A 1081 -6.07 -7.59 15.42
N ASN A 1082 -5.89 -8.41 16.46
CA ASN A 1082 -5.48 -9.80 16.30
C ASN A 1082 -6.01 -10.57 17.50
N TYR A 1083 -6.33 -11.84 17.27
CA TYR A 1083 -6.83 -12.73 18.30
C TYR A 1083 -5.74 -13.70 18.74
N HIS A 1084 -5.61 -13.86 20.06
CA HIS A 1084 -4.71 -14.83 20.66
C HIS A 1084 -5.47 -15.58 21.75
N LYS A 1085 -5.24 -16.88 21.84
CA LYS A 1085 -5.84 -17.63 22.93
C LYS A 1085 -5.09 -17.33 24.22
N PHE A 1086 -5.81 -17.39 25.33
CA PHE A 1086 -5.22 -17.03 26.61
C PHE A 1086 -4.28 -18.11 27.10
N SER A 1087 -3.20 -17.68 27.75
CA SER A 1087 -2.24 -18.56 28.39
C SER A 1087 -1.76 -17.91 29.68
N TYR A 1088 -1.30 -18.72 30.63
CA TYR A 1088 -0.71 -18.16 31.84
C TYR A 1088 0.75 -17.78 31.65
N ASP A 1089 1.41 -18.25 30.59
CA ASP A 1089 2.78 -17.84 30.29
C ASP A 1089 2.83 -16.67 29.33
N ASP A 1090 1.72 -16.01 29.11
CA ASP A 1090 1.69 -14.83 28.25
C ASP A 1090 2.31 -13.67 29.02
N PRO A 1091 3.22 -12.89 28.41
CA PRO A 1091 3.74 -11.70 29.10
C PRO A 1091 2.69 -10.65 29.38
N VAL A 1092 1.62 -10.60 28.59
CA VAL A 1092 0.45 -9.78 28.92
C VAL A 1092 -0.11 -10.17 30.28
N PHE A 1093 -0.33 -11.47 30.48
CA PHE A 1093 -0.82 -11.97 31.77
C PHE A 1093 0.18 -11.73 32.88
N LYS A 1094 1.48 -11.91 32.60
CA LYS A 1094 2.46 -11.80 33.67
C LYS A 1094 2.59 -10.37 34.19
N GLN A 1095 2.59 -9.40 33.28
CA GLN A 1095 2.64 -8.02 33.73
C GLN A 1095 1.31 -7.58 34.34
N GLY A 1096 0.19 -8.08 33.82
CA GLY A 1096 -1.08 -7.80 34.44
C GLY A 1096 -1.22 -8.38 35.83
N TYR A 1097 -0.63 -9.55 36.06
CA TYR A 1097 -0.66 -10.15 37.39
C TYR A 1097 0.27 -9.45 38.36
N LYS A 1098 1.41 -8.94 37.89
CA LYS A 1098 2.24 -8.08 38.72
C LYS A 1098 1.48 -6.83 39.17
N ILE A 1099 0.76 -6.20 38.23
CA ILE A 1099 -0.02 -5.00 38.57
C ILE A 1099 -1.19 -5.37 39.49
N TYR A 1100 -1.81 -6.53 39.27
CA TYR A 1100 -2.92 -6.99 40.09
C TYR A 1100 -2.49 -7.26 41.53
N LYS A 1101 -1.34 -7.90 41.71
CA LYS A 1101 -0.84 -8.19 43.03
C LYS A 1101 -0.32 -6.93 43.74
N SER A 1102 0.26 -5.98 43.01
CA SER A 1102 0.81 -4.81 43.68
C SER A 1102 -0.21 -3.70 43.89
N ASP A 1103 -0.76 -3.16 42.81
CA ASP A 1103 -1.65 -2.00 42.88
C ASP A 1103 -2.84 -2.25 41.96
N ALA A 1104 -3.96 -2.66 42.54
CA ALA A 1104 -5.14 -3.04 41.74
C ALA A 1104 -5.91 -1.83 41.20
N THR A 1105 -5.58 -0.62 41.64
CA THR A 1105 -6.26 0.56 41.11
C THR A 1105 -5.80 0.93 39.71
N LEU A 1106 -4.77 0.28 39.19
CA LEU A 1106 -4.25 0.55 37.86
C LEU A 1106 -4.66 -0.50 36.83
N LEU A 1107 -5.58 -1.40 37.19
CA LEU A 1107 -6.03 -2.41 36.25
C LEU A 1107 -6.81 -1.80 35.10
N ASN A 1108 -7.56 -0.73 35.35
CA ASN A 1108 -8.31 -0.06 34.30
C ASN A 1108 -7.37 0.58 33.29
N ASP A 1109 -6.33 1.25 33.79
CA ASP A 1109 -5.29 1.82 32.97
C ASP A 1109 -4.53 0.76 32.17
N PHE A 1110 -4.28 -0.39 32.79
CA PHE A 1110 -3.64 -1.52 32.10
C PHE A 1110 -4.52 -2.06 30.97
N PHE A 1111 -5.82 -2.23 31.24
CA PHE A 1111 -6.74 -2.77 30.26
C PHE A 1111 -6.95 -1.80 29.11
N VAL A 1112 -6.84 -0.51 29.37
CA VAL A 1112 -6.84 0.47 28.28
C VAL A 1112 -5.53 0.39 27.50
N ALA A 1113 -4.42 0.14 28.19
CA ALA A 1113 -3.11 0.12 27.52
C ALA A 1113 -2.96 -1.08 26.60
N ILE A 1114 -3.52 -2.23 26.99
CA ILE A 1114 -3.51 -3.40 26.12
C ILE A 1114 -4.68 -3.41 25.16
N SER A 1115 -5.63 -2.48 25.31
CA SER A 1115 -6.90 -2.40 24.57
C SER A 1115 -7.68 -3.71 24.64
N ALA A 1116 -8.11 -4.05 25.85
CA ALA A 1116 -8.92 -5.24 26.05
C ALA A 1116 -10.39 -4.89 25.99
N GLY A 1117 -11.18 -5.73 25.32
CA GLY A 1117 -12.61 -5.59 25.29
C GLY A 1117 -13.22 -6.07 26.60
N PRO A 1118 -14.52 -5.84 26.79
CA PRO A 1118 -15.15 -6.19 28.07
C PRO A 1118 -15.26 -7.69 28.33
N LYS A 1119 -15.04 -8.53 27.33
CA LYS A 1119 -15.02 -9.97 27.57
C LYS A 1119 -13.62 -10.43 27.98
N GLU A 1120 -12.59 -9.88 27.33
CA GLU A 1120 -11.21 -10.20 27.72
C GLU A 1120 -10.87 -9.67 29.10
N GLN A 1121 -11.48 -8.57 29.53
CA GLN A 1121 -11.26 -8.10 30.89
C GLN A 1121 -11.86 -9.06 31.91
N GLY A 1122 -13.00 -9.66 31.59
CA GLY A 1122 -13.58 -10.69 32.43
C GLY A 1122 -12.73 -11.94 32.48
N ILE A 1123 -12.16 -12.34 31.33
CA ILE A 1123 -11.26 -13.49 31.29
C ILE A 1123 -10.01 -13.24 32.12
N LEU A 1124 -9.42 -12.03 31.99
CA LEU A 1124 -8.20 -11.71 32.73
C LEU A 1124 -8.47 -11.59 34.22
N LEU A 1125 -9.61 -11.01 34.60
CA LEU A 1125 -9.91 -10.89 36.03
C LEU A 1125 -10.27 -12.23 36.66
N ARG A 1126 -10.84 -13.17 35.91
CA ARG A 1126 -10.99 -14.51 36.46
C ARG A 1126 -9.64 -15.20 36.58
N ALA A 1127 -8.77 -15.00 35.58
CA ALA A 1127 -7.48 -15.68 35.58
C ALA A 1127 -6.55 -15.17 36.66
N PHE A 1128 -6.65 -13.89 37.03
CA PHE A 1128 -5.83 -13.37 38.13
C PHE A 1128 -6.17 -14.06 39.44
N ALA A 1129 -7.47 -14.19 39.74
CA ALA A 1129 -7.91 -14.84 40.96
C ALA A 1129 -7.68 -16.34 40.94
N TYR A 1130 -7.71 -16.96 39.76
CA TYR A 1130 -7.35 -18.38 39.68
C TYR A 1130 -5.85 -18.58 39.87
N TYR A 1131 -5.04 -17.66 39.35
CA TYR A 1131 -3.60 -17.81 39.45
C TYR A 1131 -3.09 -17.55 40.86
N SER A 1132 -3.73 -16.62 41.58
CA SER A 1132 -3.35 -16.34 42.96
C SER A 1132 -3.59 -17.54 43.86
N LEU A 1133 -4.62 -18.33 43.55
CA LEU A 1133 -4.89 -19.54 44.33
C LEU A 1133 -3.99 -20.69 43.89
N TYR A 1134 -3.97 -20.98 42.60
CA TYR A 1134 -3.51 -22.28 42.12
C TYR A 1134 -2.21 -22.22 41.35
N GLY A 1135 -1.87 -21.11 40.71
CA GLY A 1135 -0.67 -21.11 39.91
C GLY A 1135 -0.97 -21.48 38.46
N ASN A 1136 0.09 -21.79 37.72
CA ASN A 1136 -0.03 -22.18 36.33
C ASN A 1136 -0.48 -23.63 36.31
N VAL A 1137 -1.74 -23.84 35.97
CA VAL A 1137 -2.32 -25.17 35.96
C VAL A 1137 -2.75 -25.61 34.56
N GLU A 1138 -3.03 -24.62 33.70
CA GLU A 1138 -3.67 -24.81 32.39
C GLU A 1138 -3.09 -25.79 31.38
N TYR A 1139 -4.00 -26.49 30.70
CA TYR A 1139 -3.60 -27.46 29.69
C TYR A 1139 -3.57 -26.71 28.38
N HIS A 1140 -2.38 -26.32 27.96
CA HIS A 1140 -2.21 -25.38 26.86
C HIS A 1140 -1.91 -26.13 25.57
N TYR A 1141 -2.45 -25.62 24.47
CA TYR A 1141 -2.19 -26.18 23.15
C TYR A 1141 -2.43 -25.07 22.13
N VAL A 1142 -1.70 -25.13 21.02
CA VAL A 1142 -1.76 -24.10 19.99
C VAL A 1142 -2.11 -24.76 18.66
N LEU A 1143 -3.26 -24.39 18.10
CA LEU A 1143 -3.66 -24.81 16.76
C LEU A 1143 -3.86 -23.58 15.91
N SER A 1144 -3.25 -23.57 14.73
CA SER A 1144 -3.44 -22.45 13.82
C SER A 1144 -4.76 -22.57 13.09
N PRO A 1145 -5.42 -21.45 12.82
CA PRO A 1145 -6.64 -21.51 12.00
C PRO A 1145 -6.37 -21.88 10.56
N ARG A 1146 -5.18 -21.57 10.03
CA ARG A 1146 -4.81 -22.03 8.70
C ARG A 1146 -4.52 -23.52 8.69
N GLN A 1147 -4.01 -24.04 9.81
CA GLN A 1147 -3.75 -25.48 9.93
C GLN A 1147 -5.05 -26.28 9.94
N LEU A 1148 -6.10 -25.71 10.52
CA LEU A 1148 -7.42 -26.32 10.58
C LEU A 1148 -8.38 -25.46 9.79
N PHE A 1149 -8.43 -25.70 8.48
CA PHE A 1149 -9.12 -24.80 7.56
C PHE A 1149 -10.60 -25.18 7.41
N PHE A 1150 -10.89 -26.46 7.15
CA PHE A 1150 -12.28 -26.90 7.15
C PHE A 1150 -12.68 -27.55 8.46
N LEU A 1151 -11.72 -27.93 9.30
CA LEU A 1151 -12.01 -28.70 10.50
C LEU A 1151 -12.49 -27.80 11.63
N SER A 1152 -12.94 -28.44 12.71
CA SER A 1152 -13.60 -27.76 13.80
C SER A 1152 -12.62 -27.26 14.85
N ASP A 1153 -12.97 -26.15 15.48
CA ASP A 1153 -12.21 -25.59 16.58
C ASP A 1153 -12.77 -25.97 17.95
N ASN A 1154 -13.94 -26.60 17.99
CA ASN A 1154 -14.62 -26.87 19.24
C ASN A 1154 -14.40 -28.33 19.62
N PRO A 1155 -13.79 -28.62 20.77
CA PRO A 1155 -13.51 -30.02 21.14
C PRO A 1155 -14.73 -30.79 21.65
N VAL A 1156 -15.94 -30.24 21.58
CA VAL A 1156 -17.12 -31.01 21.95
C VAL A 1156 -17.52 -31.95 20.83
N SER A 1157 -16.96 -31.78 19.63
CA SER A 1157 -17.25 -32.68 18.53
C SER A 1157 -16.52 -34.00 18.64
N ALA A 1158 -15.54 -34.10 19.54
CA ALA A 1158 -14.84 -35.35 19.79
C ALA A 1158 -15.44 -36.13 20.95
N GLU A 1159 -16.62 -35.73 21.43
CA GLU A 1159 -17.22 -36.38 22.59
C GLU A 1159 -17.80 -37.73 22.22
N ARG A 1160 -18.40 -37.86 21.04
CA ARG A 1160 -19.04 -39.10 20.63
C ARG A 1160 -18.07 -40.16 20.14
N LEU A 1161 -16.78 -39.87 20.14
CA LEU A 1161 -15.78 -40.74 19.54
C LEU A 1161 -15.02 -41.58 20.57
N VAL A 1162 -15.04 -41.17 21.84
CA VAL A 1162 -14.29 -41.82 22.90
C VAL A 1162 -15.24 -42.15 24.05
N ARG A 1163 -15.23 -43.40 24.50
CA ARG A 1163 -16.04 -43.82 25.63
C ARG A 1163 -15.30 -43.64 26.93
N ILE A 1164 -15.88 -42.86 27.84
CA ILE A 1164 -15.35 -42.67 29.18
C ILE A 1164 -15.95 -43.76 30.06
N PRO A 1165 -15.14 -44.56 30.75
CA PRO A 1165 -15.69 -45.57 31.64
C PRO A 1165 -16.31 -44.93 32.87
N PRO A 1166 -17.35 -45.53 33.45
CA PRO A 1166 -18.16 -44.81 34.44
C PRO A 1166 -17.54 -44.69 35.81
N SER A 1167 -16.29 -45.12 36.01
CA SER A 1167 -15.65 -44.95 37.31
C SER A 1167 -14.93 -43.63 37.44
N TYR A 1168 -14.91 -42.81 36.39
CA TYR A 1168 -14.29 -41.50 36.42
C TYR A 1168 -15.27 -40.39 36.79
N TYR A 1169 -16.56 -40.62 36.52
CA TYR A 1169 -17.61 -39.68 36.92
C TYR A 1169 -17.78 -39.62 38.42
N VAL A 1170 -17.47 -40.71 39.12
CA VAL A 1170 -17.50 -40.71 40.57
C VAL A 1170 -16.43 -39.79 41.14
N SER A 1171 -15.23 -39.85 40.56
CA SER A 1171 -14.10 -39.14 41.14
C SER A 1171 -14.09 -37.68 40.73
N THR A 1172 -14.05 -37.40 39.43
CA THR A 1172 -13.72 -36.06 38.95
C THR A 1172 -14.92 -35.37 38.29
N GLN A 1173 -14.82 -34.06 38.15
CA GLN A 1173 -15.82 -33.24 37.47
C GLN A 1173 -15.23 -32.47 36.29
N CYS A 1174 -14.32 -33.07 35.52
CA CYS A 1174 -13.74 -32.41 34.36
C CYS A 1174 -14.11 -33.20 33.11
N ARG A 1175 -15.28 -32.90 32.55
CA ARG A 1175 -15.71 -33.50 31.29
C ARG A 1175 -15.08 -32.82 30.09
N ALA A 1176 -15.13 -31.48 30.05
CA ALA A 1176 -14.62 -30.72 28.93
C ALA A 1176 -13.11 -30.81 28.78
N LEU A 1177 -12.39 -31.16 29.85
CA LEU A 1177 -10.98 -31.45 29.72
C LEU A 1177 -10.74 -32.78 29.02
N TYR A 1178 -11.59 -33.76 29.31
CA TYR A 1178 -11.50 -35.06 28.66
C TYR A 1178 -11.84 -34.95 27.18
N ASN A 1179 -12.77 -34.06 26.83
CA ASN A 1179 -13.05 -33.78 25.43
C ASN A 1179 -11.86 -33.14 24.73
N ILE A 1180 -11.10 -32.29 25.42
CA ILE A 1180 -9.90 -31.70 24.84
C ILE A 1180 -8.84 -32.76 24.62
N PHE A 1181 -8.67 -33.67 25.59
CA PHE A 1181 -7.75 -34.80 25.44
C PHE A 1181 -8.10 -35.64 24.21
N SER A 1182 -9.38 -35.96 24.05
CA SER A 1182 -9.83 -36.78 22.92
C SER A 1182 -9.64 -36.06 21.59
N TYR A 1183 -9.97 -34.76 21.56
CA TYR A 1183 -9.83 -33.94 20.36
C TYR A 1183 -8.39 -33.87 19.87
N LEU A 1184 -7.47 -33.56 20.79
CA LEU A 1184 -6.06 -33.49 20.44
C LEU A 1184 -5.50 -34.85 20.01
N HIS A 1185 -5.90 -35.93 20.68
CA HIS A 1185 -5.41 -37.25 20.28
C HIS A 1185 -5.91 -37.67 18.91
N ILE A 1186 -7.18 -37.39 18.58
CA ILE A 1186 -7.70 -37.82 17.30
C ILE A 1186 -7.09 -37.01 16.16
N LEU A 1187 -6.86 -35.72 16.38
CA LEU A 1187 -6.11 -34.94 15.40
C LEU A 1187 -4.67 -35.41 15.27
N ARG A 1188 -4.11 -35.97 16.35
CA ARG A 1188 -2.73 -36.45 16.27
C ARG A 1188 -2.64 -37.79 15.56
N SER A 1189 -3.62 -38.67 15.75
CA SER A 1189 -3.57 -40.03 15.23
C SER A 1189 -4.57 -40.29 14.11
N ILE A 1190 -4.97 -39.25 13.37
CA ILE A 1190 -5.81 -39.43 12.19
C ILE A 1190 -5.08 -40.21 11.09
N THR A 1191 -3.75 -40.30 11.14
CA THR A 1191 -3.02 -41.03 10.12
C THR A 1191 -3.25 -42.54 10.23
N SER A 1192 -3.52 -43.04 11.44
CA SER A 1192 -3.74 -44.46 11.62
C SER A 1192 -5.11 -44.78 12.20
N ASN A 1193 -5.99 -43.79 12.32
CA ASN A 1193 -7.36 -44.05 12.75
C ASN A 1193 -8.14 -44.68 11.60
N GLN A 1194 -8.66 -45.88 11.82
CA GLN A 1194 -9.53 -46.55 10.86
C GLN A 1194 -11.00 -46.33 11.10
N GLY A 1195 -11.38 -45.88 12.30
CA GLY A 1195 -12.79 -45.65 12.61
C GLY A 1195 -13.29 -46.33 13.86
N LYS A 1196 -12.44 -46.97 14.66
CA LYS A 1196 -12.89 -47.61 15.88
C LYS A 1196 -12.99 -46.58 17.00
N ARG A 1197 -13.93 -46.80 17.91
CA ARG A 1197 -14.02 -45.92 19.06
C ARG A 1197 -12.90 -46.26 20.04
N LEU A 1198 -12.65 -45.34 20.95
CA LEU A 1198 -11.52 -45.44 21.85
C LEU A 1198 -12.01 -45.65 23.28
N GLY A 1199 -11.07 -45.70 24.21
CA GLY A 1199 -11.40 -45.79 25.61
C GLY A 1199 -10.40 -45.03 26.45
N MET A 1200 -10.88 -44.07 27.22
CA MET A 1200 -10.01 -43.21 28.00
C MET A 1200 -9.46 -43.94 29.21
N VAL A 1201 -8.14 -43.91 29.38
CA VAL A 1201 -7.47 -44.49 30.54
C VAL A 1201 -6.70 -43.37 31.23
N LEU A 1202 -7.00 -43.14 32.50
CA LEU A 1202 -6.43 -42.02 33.23
C LEU A 1202 -5.51 -42.51 34.34
N HIS A 1203 -4.51 -41.72 34.62
CA HIS A 1203 -3.52 -42.02 35.64
C HIS A 1203 -4.06 -41.59 37.01
N PRO A 1204 -3.75 -42.32 38.07
CA PRO A 1204 -4.22 -41.91 39.40
C PRO A 1204 -3.60 -40.60 39.88
N GLY A 1205 -2.35 -40.33 39.49
CA GLY A 1205 -1.78 -39.01 39.72
C GLY A 1205 -2.47 -37.92 38.96
N LEU A 1206 -2.96 -38.21 37.76
CA LEU A 1206 -3.78 -37.25 37.01
C LEU A 1206 -5.08 -36.97 37.73
N ILE A 1207 -5.75 -38.00 38.25
CA ILE A 1207 -7.01 -37.79 38.96
C ILE A 1207 -6.79 -37.02 40.26
N ALA A 1208 -5.72 -37.35 40.99
CA ALA A 1208 -5.39 -36.61 42.21
C ALA A 1208 -4.93 -35.19 41.93
N TYR A 1209 -4.39 -34.92 40.75
CA TYR A 1209 -4.04 -33.55 40.41
C TYR A 1209 -5.29 -32.76 39.99
N VAL A 1210 -6.22 -33.43 39.32
CA VAL A 1210 -7.45 -32.78 38.88
C VAL A 1210 -8.33 -32.41 40.06
N ARG A 1211 -8.55 -33.32 41.00
CA ARG A 1211 -9.53 -33.07 42.06
C ARG A 1211 -9.00 -32.15 43.17
N GLY A 1212 -7.81 -31.57 43.02
CA GLY A 1212 -7.35 -30.51 43.87
C GLY A 1212 -7.37 -29.14 43.21
N THR A 1213 -8.12 -28.97 42.13
CA THR A 1213 -8.18 -27.75 41.34
C THR A 1213 -9.55 -27.67 40.70
N SER A 1214 -10.14 -26.48 40.64
CA SER A 1214 -11.35 -26.31 39.86
C SER A 1214 -11.04 -26.35 38.37
N GLN A 1215 -12.03 -26.78 37.58
CA GLN A 1215 -11.83 -26.89 36.13
C GLN A 1215 -11.69 -25.53 35.48
N GLY A 1216 -12.33 -24.50 36.04
CA GLY A 1216 -12.20 -23.15 35.54
C GLY A 1216 -10.80 -22.58 35.66
N ALA A 1217 -10.00 -23.09 36.60
CA ALA A 1217 -8.60 -22.69 36.68
C ALA A 1217 -7.79 -23.34 35.58
N ILE A 1218 -8.16 -24.55 35.18
CA ILE A 1218 -7.46 -25.22 34.09
C ILE A 1218 -7.83 -24.60 32.75
N LEU A 1219 -9.10 -24.26 32.56
CA LEU A 1219 -9.59 -23.72 31.30
C LEU A 1219 -10.24 -22.35 31.55
N PRO A 1220 -9.44 -21.30 31.76
CA PRO A 1220 -10.04 -20.00 32.06
C PRO A 1220 -10.65 -19.33 30.84
N GLU A 1221 -10.29 -19.78 29.65
CA GLU A 1221 -10.87 -19.23 28.43
C GLU A 1221 -12.32 -19.64 28.27
N ALA A 1222 -12.66 -20.88 28.63
CA ALA A 1222 -13.98 -21.41 28.36
C ALA A 1222 -14.96 -21.04 29.47
N ASP A 1223 -16.25 -21.09 29.12
CA ASP A 1223 -17.34 -20.78 30.03
C ASP A 1223 -18.11 -22.07 30.28
N ASN A 1224 -18.07 -22.57 31.51
CA ASN A 1224 -18.61 -23.88 31.84
C ASN A 1224 -20.13 -23.87 31.96
N PHE B 2 -4.71 43.05 17.80
CA PHE B 2 -4.36 42.55 16.48
C PHE B 2 -3.41 41.37 16.53
N ALA B 3 -3.28 40.68 15.41
CA ALA B 3 -2.38 39.54 15.33
C ALA B 3 -0.95 39.98 15.06
N ILE B 4 -0.79 40.99 14.20
CA ILE B 4 0.50 41.60 13.93
C ILE B 4 0.48 43.00 14.51
N ASP B 5 1.53 43.35 15.27
CA ASP B 5 1.59 44.57 16.06
C ASP B 5 1.55 45.81 15.16
N PRO B 6 0.57 46.69 15.32
CA PRO B 6 0.48 47.86 14.43
C PRO B 6 1.54 48.91 14.67
N LEU B 7 2.16 48.94 15.85
CA LEU B 7 3.13 50.00 16.12
C LEU B 7 4.52 49.61 15.65
N LYS B 8 4.88 48.34 15.76
CA LYS B 8 6.20 47.91 15.30
C LYS B 8 6.22 47.68 13.80
N HIS B 9 5.23 46.97 13.28
CA HIS B 9 5.15 46.62 11.87
C HIS B 9 4.21 47.54 11.10
N SER B 10 4.23 48.84 11.40
CA SER B 10 3.33 49.84 10.81
C SER B 10 3.41 49.91 9.29
N LYS B 11 4.59 49.65 8.72
CA LYS B 11 4.77 49.77 7.28
C LYS B 11 4.04 48.65 6.52
N LEU B 12 3.73 47.55 7.19
CA LEU B 12 2.82 46.56 6.61
C LEU B 12 1.42 47.13 6.48
N TYR B 13 0.93 47.79 7.53
CA TYR B 13 -0.41 48.35 7.54
C TYR B 13 -0.53 49.60 6.68
N GLU B 14 0.60 50.23 6.33
CA GLU B 14 0.57 51.34 5.40
C GLU B 14 0.15 50.90 4.00
N GLU B 15 0.31 49.61 3.69
CA GLU B 15 0.05 49.14 2.34
C GLU B 15 -1.43 48.82 2.11
N TYR B 16 -2.16 48.56 3.18
CA TYR B 16 -3.61 48.40 3.03
C TYR B 16 -4.35 49.72 3.07
N GLY B 17 -3.65 50.84 3.22
CA GLY B 17 -4.28 52.14 3.31
C GLY B 17 -4.67 52.57 4.69
N LEU B 18 -4.24 51.86 5.73
CA LEU B 18 -4.68 52.09 7.09
C LEU B 18 -3.54 52.74 7.86
N TYR B 19 -3.66 54.04 8.13
CA TYR B 19 -2.58 54.79 8.74
C TYR B 19 -2.97 55.12 10.18
N LEU B 20 -1.97 55.19 11.05
CA LEU B 20 -2.24 55.29 12.48
C LEU B 20 -2.67 56.69 12.90
N ARG B 21 -3.73 56.74 13.72
CA ARG B 21 -4.09 57.95 14.44
C ARG B 21 -2.99 58.32 15.43
N PRO B 22 -2.75 59.61 15.65
CA PRO B 22 -1.56 60.02 16.40
C PRO B 22 -1.69 59.75 17.90
N HIS B 23 -0.55 59.47 18.52
CA HIS B 23 -0.48 59.20 19.94
C HIS B 23 0.86 59.65 20.51
N ALA B 40 -9.21 59.98 25.04
CA ALA B 40 -9.51 59.00 24.01
C ALA B 40 -9.15 57.60 24.49
N PRO B 41 -10.17 56.81 24.86
CA PRO B 41 -9.87 55.49 25.43
C PRO B 41 -9.50 54.45 24.40
N THR B 42 -9.69 54.71 23.10
CA THR B 42 -9.28 53.79 22.06
C THR B 42 -7.89 54.08 21.52
N ILE B 43 -7.13 54.96 22.18
CA ILE B 43 -5.77 55.23 21.74
C ILE B 43 -4.77 54.62 22.72
N ARG B 44 -5.12 54.56 24.00
CA ARG B 44 -4.27 53.90 24.98
C ARG B 44 -4.28 52.39 24.79
N SER B 45 -5.34 51.84 24.19
CA SER B 45 -5.45 50.40 23.98
C SER B 45 -4.43 49.86 22.98
N ILE B 46 -4.00 50.64 21.99
CA ILE B 46 -3.03 50.11 21.05
C ILE B 46 -1.62 50.14 21.66
N LYS B 47 -1.32 51.10 22.54
CA LYS B 47 -0.12 51.01 23.36
C LYS B 47 -0.16 49.81 24.28
N TYR B 48 -1.33 49.51 24.84
CA TYR B 48 -1.47 48.37 25.74
C TYR B 48 -1.24 47.06 24.99
N ALA B 49 -1.79 46.96 23.78
CA ALA B 49 -1.57 45.79 22.93
C ALA B 49 -0.12 45.67 22.48
N SER B 50 0.56 46.79 22.24
CA SER B 50 1.98 46.72 21.91
C SER B 50 2.83 46.24 23.09
N LEU B 51 2.52 46.68 24.31
CA LEU B 51 3.18 46.15 25.49
C LEU B 51 2.93 44.65 25.66
N ILE B 52 1.71 44.20 25.39
CA ILE B 52 1.40 42.78 25.47
C ILE B 52 2.15 41.98 24.41
N HIS B 53 2.29 42.52 23.20
CA HIS B 53 3.07 41.84 22.16
C HIS B 53 4.55 41.74 22.54
N SER B 54 5.11 42.79 23.13
CA SER B 54 6.51 42.73 23.56
C SER B 54 6.70 41.73 24.69
N MET B 55 5.77 41.69 25.65
CA MET B 55 5.86 40.73 26.75
C MET B 55 5.71 39.29 26.26
N LEU B 56 4.79 39.04 25.32
CA LEU B 56 4.63 37.72 24.73
C LEU B 56 5.86 37.29 23.96
N ALA B 57 6.47 38.22 23.21
CA ALA B 57 7.69 37.90 22.47
C ALA B 57 8.85 37.56 23.40
N LYS B 58 9.01 38.30 24.50
CA LYS B 58 10.06 37.99 25.46
C LYS B 58 9.83 36.64 26.14
N HIS B 59 8.60 36.37 26.59
CA HIS B 59 8.32 35.12 27.26
C HIS B 59 8.39 33.93 26.30
N ALA B 60 8.10 34.14 25.02
CA ALA B 60 8.21 33.06 24.05
C ALA B 60 9.67 32.76 23.75
N ALA B 61 10.48 33.81 23.55
CA ALA B 61 11.89 33.61 23.26
C ALA B 61 12.67 33.08 24.45
N ARG B 62 12.15 33.23 25.67
CA ARG B 62 12.85 32.69 26.84
C ARG B 62 12.83 31.17 26.85
N HIS B 63 11.73 30.54 26.44
CA HIS B 63 11.58 29.09 26.50
C HIS B 63 11.42 28.54 25.09
N ASN B 64 12.55 28.39 24.38
CA ASN B 64 12.71 27.69 23.10
C ASN B 64 11.69 28.08 22.03
N GLY B 65 11.19 29.31 22.07
CA GLY B 65 10.24 29.76 21.06
C GLY B 65 8.80 29.32 21.27
N THR B 66 8.48 28.75 22.44
CA THR B 66 7.12 28.29 22.71
C THR B 66 6.63 28.83 24.05
N LEU B 67 5.35 29.19 24.09
CA LEU B 67 4.71 29.55 25.35
C LEU B 67 4.39 28.29 26.13
N ILE B 68 4.53 28.36 27.45
CA ILE B 68 4.49 27.15 28.26
C ILE B 68 3.05 26.75 28.59
N ASN B 69 2.16 27.71 28.80
CA ASN B 69 0.77 27.43 29.17
C ASN B 69 -0.10 28.40 28.39
N PRO B 70 -0.38 28.10 27.11
CA PRO B 70 -0.96 29.13 26.24
C PRO B 70 -2.43 29.37 26.46
N ARG B 71 -3.16 28.42 27.06
CA ARG B 71 -4.58 28.65 27.36
C ARG B 71 -4.76 29.75 28.39
N MET B 72 -3.84 29.85 29.35
CA MET B 72 -3.89 30.91 30.34
C MET B 72 -3.58 32.27 29.70
N TYR B 73 -2.60 32.31 28.78
CA TYR B 73 -2.32 33.55 28.06
C TYR B 73 -3.50 33.96 27.21
N ALA B 74 -4.19 33.00 26.59
CA ALA B 74 -5.36 33.30 25.78
C ALA B 74 -6.49 33.88 26.62
N ASP B 75 -6.75 33.27 27.78
CA ASP B 75 -7.73 33.82 28.72
C ASP B 75 -7.35 35.22 29.19
N MET B 76 -6.11 35.42 29.64
CA MET B 76 -5.71 36.68 30.25
C MET B 76 -5.68 37.82 29.23
N ILE B 77 -5.30 37.52 28.00
CA ILE B 77 -5.23 38.58 26.99
C ILE B 77 -6.62 38.83 26.39
N THR B 78 -7.22 37.78 25.79
CA THR B 78 -8.45 37.95 25.03
C THR B 78 -9.63 38.24 25.95
N LEU B 79 -9.73 37.54 27.08
CA LEU B 79 -10.88 37.70 27.97
C LEU B 79 -10.59 38.64 29.12
N GLY B 80 -9.42 38.54 29.74
CA GLY B 80 -9.06 39.45 30.82
C GLY B 80 -9.68 39.12 32.14
N ASN B 81 -10.12 37.89 32.34
CA ASN B 81 -10.80 37.49 33.56
C ASN B 81 -9.90 36.83 34.59
N THR B 82 -8.67 36.50 34.22
CA THR B 82 -7.84 35.60 35.02
C THR B 82 -6.67 36.37 35.61
N LYS B 83 -6.45 36.19 36.91
CA LYS B 83 -5.31 36.75 37.62
C LYS B 83 -4.53 35.62 38.26
N VAL B 84 -3.21 35.66 38.12
CA VAL B 84 -2.32 34.64 38.68
C VAL B 84 -1.40 35.32 39.69
N THR B 85 -1.32 34.77 40.89
CA THR B 85 -0.46 35.31 41.93
C THR B 85 0.50 34.25 42.46
N ASP B 131 7.13 26.14 38.60
CA ASP B 131 7.54 26.83 39.82
C ASP B 131 8.14 28.19 39.47
N ILE B 132 9.46 28.21 39.32
CA ILE B 132 10.14 29.41 38.83
C ILE B 132 9.96 29.52 37.32
N VAL B 133 10.00 28.39 36.62
CA VAL B 133 9.79 28.39 35.18
C VAL B 133 8.34 28.68 34.84
N THR B 134 7.41 28.05 35.55
CA THR B 134 6.02 28.02 35.11
C THR B 134 5.25 29.31 35.35
N TYR B 135 5.04 29.69 36.60
CA TYR B 135 4.06 30.71 36.92
C TYR B 135 4.66 32.09 37.15
N LYS B 136 5.99 32.23 37.11
CA LYS B 136 6.58 33.56 37.24
C LYS B 136 6.26 34.44 36.03
N ALA B 137 6.30 33.87 34.83
CA ALA B 137 5.91 34.60 33.63
C ALA B 137 4.42 34.93 33.63
N LEU B 138 3.59 34.04 34.18
CA LEU B 138 2.15 34.33 34.23
C LEU B 138 1.83 35.43 35.22
N THR B 139 2.53 35.48 36.36
CA THR B 139 2.33 36.60 37.26
C THR B 139 2.86 37.91 36.68
N GLU B 140 3.97 37.83 35.93
CA GLU B 140 4.48 39.01 35.21
C GLU B 140 3.48 39.49 34.17
N MET B 141 2.76 38.59 33.52
CA MET B 141 1.72 38.99 32.58
C MET B 141 0.48 39.52 33.31
N SER B 142 0.18 38.96 34.48
CA SER B 142 -1.02 39.34 35.21
C SER B 142 -0.91 40.73 35.79
N THR B 143 0.27 41.10 36.31
CA THR B 143 0.43 42.47 36.78
C THR B 143 0.38 43.48 35.64
N LEU B 144 0.89 43.10 34.46
CA LEU B 144 0.83 43.98 33.29
C LEU B 144 -0.60 44.21 32.82
N ILE B 145 -1.38 43.14 32.70
CA ILE B 145 -2.77 43.28 32.26
C ILE B 145 -3.62 43.95 33.34
N GLU B 146 -3.36 43.66 34.62
CA GLU B 146 -4.12 44.28 35.70
C GLU B 146 -3.78 45.77 35.85
N SER B 147 -2.60 46.18 35.38
CA SER B 147 -2.26 47.59 35.37
C SER B 147 -2.95 48.38 34.26
N PHE B 148 -3.75 47.72 33.41
CA PHE B 148 -4.41 48.44 32.34
C PHE B 148 -5.77 48.99 32.76
N ARG B 149 -6.43 48.32 33.72
CA ARG B 149 -7.76 48.67 34.24
C ARG B 149 -8.81 48.71 33.15
N LEU B 150 -8.74 47.78 32.24
CA LEU B 150 -9.72 47.74 31.17
C LEU B 150 -11.01 47.11 31.66
N PRO B 151 -12.17 47.56 31.15
CA PRO B 151 -13.43 46.92 31.56
C PRO B 151 -13.64 45.54 30.95
N SER B 152 -12.90 45.20 29.90
CA SER B 152 -13.01 43.90 29.26
C SER B 152 -11.69 43.61 28.56
N GLY B 153 -11.64 42.46 27.89
CA GLY B 153 -10.41 42.06 27.22
C GLY B 153 -10.21 42.66 25.84
N LEU B 154 -9.21 42.17 25.12
CA LEU B 154 -8.86 42.65 23.79
C LEU B 154 -9.00 41.51 22.80
N ALA B 155 -9.91 41.64 21.85
CA ALA B 155 -10.16 40.58 20.89
C ALA B 155 -9.01 40.47 19.91
N LEU B 156 -8.69 39.24 19.49
CA LEU B 156 -7.62 39.01 18.53
C LEU B 156 -8.18 39.17 17.13
N ILE B 157 -7.47 39.94 16.29
CA ILE B 157 -7.99 40.45 15.04
C ILE B 157 -7.12 39.99 13.88
N ILE B 158 -7.75 39.36 12.88
CA ILE B 158 -7.05 38.73 11.76
C ILE B 158 -7.65 39.22 10.46
N PHE B 159 -6.80 39.64 9.52
CA PHE B 159 -7.29 39.97 8.19
C PHE B 159 -7.53 38.71 7.37
N ASP B 160 -8.37 38.83 6.34
CA ASP B 160 -8.64 37.71 5.46
C ASP B 160 -7.53 37.50 4.43
N ASP B 161 -6.54 38.39 4.40
CA ASP B 161 -5.47 38.27 3.42
C ASP B 161 -4.55 37.12 3.78
N GLU B 162 -4.20 36.33 2.77
CA GLU B 162 -3.35 35.16 2.97
C GLU B 162 -1.92 35.56 3.33
N LYS B 163 -1.44 36.68 2.76
CA LYS B 163 -0.15 37.23 3.14
C LYS B 163 -0.13 37.65 4.60
N TYR B 164 -1.23 38.20 5.11
CA TYR B 164 -1.32 38.56 6.52
C TYR B 164 -1.36 37.31 7.38
N GLN B 165 -2.11 36.29 6.94
CA GLN B 165 -2.22 35.05 7.70
C GLN B 165 -0.91 34.26 7.71
N SER B 166 -0.02 34.50 6.75
CA SER B 166 1.26 33.83 6.72
C SER B 166 2.40 34.63 7.36
N LEU B 167 2.11 35.78 7.96
CA LEU B 167 3.10 36.57 8.68
C LEU B 167 2.79 36.70 10.16
N ILE B 168 1.78 35.99 10.65
CA ILE B 168 1.40 36.05 12.06
C ILE B 168 2.47 35.34 12.89
N PRO B 169 2.90 35.89 14.03
CA PRO B 169 3.94 35.24 14.83
C PRO B 169 3.49 33.92 15.45
N ASN B 170 4.50 33.14 15.86
CA ASN B 170 4.26 31.81 16.39
C ASN B 170 3.61 31.84 17.77
N TYR B 171 3.95 32.83 18.60
CA TYR B 171 3.28 32.95 19.88
C TYR B 171 1.82 33.39 19.74
N ILE B 172 1.44 33.99 18.62
CA ILE B 172 0.04 34.27 18.36
C ILE B 172 -0.65 33.04 17.76
N ASN B 173 0.09 32.25 16.97
CA ASN B 173 -0.47 31.00 16.45
C ASN B 173 -0.74 29.99 17.57
N GLN B 174 0.03 30.06 18.65
CA GLN B 174 -0.25 29.19 19.80
C GLN B 174 -1.47 29.66 20.58
N LEU B 175 -1.92 30.90 20.35
CA LEU B 175 -3.09 31.43 21.04
C LEU B 175 -4.36 31.34 20.19
N ILE B 176 -4.22 31.31 18.85
CA ILE B 176 -5.37 31.25 17.94
C ILE B 176 -6.20 29.98 18.15
N ALA B 177 -5.57 28.89 18.61
CA ALA B 177 -6.32 27.66 18.86
C ALA B 177 -7.31 27.80 20.01
N TYR B 178 -7.02 28.66 20.98
CA TYR B 178 -7.88 28.84 22.15
C TYR B 178 -8.67 30.15 22.10
N THR B 179 -8.83 30.75 20.92
CA THR B 179 -9.40 32.08 20.76
C THR B 179 -10.48 31.99 19.70
N GLN B 180 -11.52 32.81 19.86
CA GLN B 180 -12.50 33.08 18.81
C GLN B 180 -12.08 34.36 18.10
N PRO B 181 -11.35 34.28 16.98
CA PRO B 181 -10.73 35.48 16.43
C PRO B 181 -11.71 36.27 15.57
N HIS B 182 -11.43 37.56 15.41
CA HIS B 182 -12.25 38.40 14.54
C HIS B 182 -11.61 38.45 13.16
N ILE B 183 -12.38 38.09 12.13
CA ILE B 183 -11.88 38.02 10.77
C ILE B 183 -12.42 39.21 10.00
N ILE B 184 -11.52 39.99 9.39
CA ILE B 184 -11.89 41.18 8.64
C ILE B 184 -11.85 40.83 7.16
N PRO B 185 -12.95 40.97 6.42
CA PRO B 185 -12.94 40.60 5.01
C PRO B 185 -12.30 41.68 4.16
N THR B 186 -11.74 41.26 3.02
CA THR B 186 -11.09 42.14 2.07
C THR B 186 -11.77 42.00 0.71
N TRP B 187 -12.30 43.11 0.18
CA TRP B 187 -13.05 43.04 -1.07
C TRP B 187 -12.11 42.92 -2.26
N GLN B 188 -11.27 43.94 -2.48
CA GLN B 188 -10.27 43.90 -3.54
C GLN B 188 -8.85 43.73 -3.02
N GLY B 189 -8.68 43.01 -1.91
CA GLY B 189 -7.40 42.94 -1.23
C GLY B 189 -7.22 44.01 -0.17
N ILE B 190 -7.93 45.12 -0.28
CA ILE B 190 -7.90 46.20 0.71
C ILE B 190 -8.95 45.89 1.77
N ALA B 191 -8.53 45.86 3.03
CA ALA B 191 -9.46 45.60 4.12
C ALA B 191 -10.42 46.77 4.29
N ASP B 192 -11.68 46.44 4.55
CA ASP B 192 -12.75 47.43 4.53
C ASP B 192 -12.66 48.34 5.75
N PHE B 193 -12.98 49.61 5.55
CA PHE B 193 -12.84 50.61 6.60
C PHE B 193 -14.08 50.71 7.47
N SER B 194 -15.13 49.94 7.15
CA SER B 194 -16.39 49.97 7.87
C SER B 194 -16.36 49.18 9.17
N ASP B 195 -15.23 48.57 9.51
CA ASP B 195 -15.18 47.78 10.72
C ASP B 195 -14.97 48.68 11.94
N THR B 196 -15.39 48.15 13.10
CA THR B 196 -15.23 48.84 14.38
C THR B 196 -13.76 49.08 14.70
N TYR B 197 -12.95 48.02 14.63
CA TYR B 197 -11.57 48.10 15.10
C TYR B 197 -10.70 48.89 14.14
N LEU B 198 -11.08 48.94 12.87
CA LEU B 198 -10.31 49.73 11.91
C LEU B 198 -10.82 51.16 11.82
N ARG B 199 -12.07 51.40 12.21
CA ARG B 199 -12.54 52.78 12.32
C ARG B 199 -11.97 53.45 13.56
N SER B 200 -11.74 52.68 14.62
CA SER B 200 -11.29 53.27 15.87
C SER B 200 -9.77 53.43 15.95
N TYR B 201 -9.01 52.54 15.32
CA TYR B 201 -7.57 52.53 15.55
C TYR B 201 -6.78 53.21 14.44
N PHE B 202 -7.26 53.15 13.21
CA PHE B 202 -6.54 53.68 12.06
C PHE B 202 -7.28 54.91 11.51
N LYS B 203 -6.56 55.69 10.70
CA LYS B 203 -7.17 56.85 10.07
C LYS B 203 -8.18 56.41 9.01
N ARG B 204 -9.17 57.27 8.79
CA ARG B 204 -10.20 56.98 7.81
C ARG B 204 -9.87 57.69 6.51
N PRO B 205 -9.92 56.99 5.37
CA PRO B 205 -9.53 57.63 4.11
C PRO B 205 -10.59 58.60 3.62
N PHE B 206 -10.15 59.53 2.78
CA PHE B 206 -11.04 60.48 2.13
C PHE B 206 -10.66 60.55 0.66
N GLU B 207 -11.63 60.33 -0.22
CA GLU B 207 -11.37 60.26 -1.65
C GLU B 207 -11.56 61.62 -2.30
N LEU B 208 -10.50 62.13 -2.91
CA LEU B 208 -10.59 63.30 -3.77
C LEU B 208 -10.84 62.85 -5.20
N THR B 209 -11.89 63.39 -5.82
CA THR B 209 -12.11 63.15 -7.23
C THR B 209 -12.10 64.46 -7.98
N ALA B 210 -12.49 64.45 -9.26
CA ALA B 210 -12.51 65.68 -10.04
C ALA B 210 -13.62 66.62 -9.59
N SER B 211 -14.75 66.08 -9.16
CA SER B 211 -15.84 66.91 -8.67
C SER B 211 -15.72 67.21 -7.18
N ASN B 212 -15.02 66.37 -6.43
CA ASN B 212 -14.94 66.50 -4.99
C ASN B 212 -13.83 67.44 -4.54
N LEU B 213 -13.02 67.92 -5.47
CA LEU B 213 -11.75 68.54 -5.10
C LEU B 213 -12.03 69.96 -4.63
N ALA B 214 -11.66 70.26 -3.39
CA ALA B 214 -11.79 71.59 -2.83
C ALA B 214 -10.73 71.73 -1.75
N ALA B 215 -10.72 72.87 -1.07
CA ALA B 215 -9.92 73.06 0.12
C ALA B 215 -10.44 72.13 1.22
N PRO B 216 -9.59 71.76 2.18
CA PRO B 216 -10.07 70.89 3.26
C PRO B 216 -11.05 71.54 4.20
N GLN B 217 -11.21 72.86 4.14
CA GLN B 217 -12.12 73.55 5.05
C GLN B 217 -13.56 73.53 4.56
N LYS B 218 -13.78 73.13 3.31
CA LYS B 218 -15.14 72.97 2.80
C LYS B 218 -15.80 71.79 3.50
N TYR B 219 -15.01 70.75 3.75
CA TYR B 219 -15.49 69.64 4.55
C TYR B 219 -14.95 69.78 5.96
N ASN B 220 -15.35 68.87 6.84
CA ASN B 220 -14.79 68.83 8.17
C ASN B 220 -13.65 67.83 8.19
N LEU B 221 -12.46 68.27 7.83
CA LEU B 221 -11.32 67.37 7.75
C LEU B 221 -10.20 67.94 8.62
N SER B 222 -9.54 67.06 9.37
CA SER B 222 -8.43 67.42 10.21
C SER B 222 -7.23 66.54 9.89
N PRO B 223 -6.00 66.97 10.19
CA PRO B 223 -4.85 66.08 9.98
C PRO B 223 -4.83 64.89 10.89
N MET B 224 -5.48 64.99 12.05
CA MET B 224 -5.40 63.96 13.07
C MET B 224 -6.33 62.80 12.79
N THR B 225 -7.31 62.97 11.92
CA THR B 225 -8.38 61.99 11.78
C THR B 225 -8.39 61.34 10.41
N ARG B 226 -8.34 62.14 9.36
CA ARG B 226 -8.56 61.63 8.02
C ARG B 226 -7.25 61.52 7.25
N SER B 227 -7.22 60.63 6.27
CA SER B 227 -6.11 60.51 5.33
C SER B 227 -6.67 60.69 3.93
N ILE B 228 -5.84 61.19 3.01
CA ILE B 228 -6.34 61.56 1.70
C ILE B 228 -6.05 60.47 0.69
N PHE B 229 -7.04 60.14 -0.13
CA PHE B 229 -6.88 59.25 -1.27
C PHE B 229 -7.03 60.07 -2.55
N ASN B 230 -5.91 60.28 -3.24
CA ASN B 230 -5.86 61.17 -4.39
C ASN B 230 -6.28 60.40 -5.63
N ASN B 231 -7.58 60.41 -5.93
CA ASN B 231 -8.12 59.75 -7.10
C ASN B 231 -8.45 60.74 -8.22
N THR B 232 -7.76 61.87 -8.27
CA THR B 232 -8.12 62.92 -9.22
C THR B 232 -7.44 62.74 -10.57
N GLY B 233 -6.29 62.09 -10.61
CA GLY B 233 -5.48 62.07 -11.79
C GLY B 233 -4.43 63.14 -11.85
N ARG B 234 -4.25 63.90 -10.76
CA ARG B 234 -3.26 64.95 -10.71
C ARG B 234 -2.15 64.58 -9.73
N GLU B 235 -1.08 65.36 -9.75
CA GLU B 235 0.10 65.04 -8.96
C GLU B 235 -0.10 65.41 -7.49
N ASP B 236 0.42 64.57 -6.61
CA ASP B 236 0.24 64.74 -5.17
C ASP B 236 0.85 66.01 -4.63
N ALA B 237 2.03 66.39 -5.09
CA ALA B 237 2.64 67.64 -4.63
C ALA B 237 1.88 68.85 -5.16
N VAL B 238 1.28 68.73 -6.35
CA VAL B 238 0.45 69.78 -6.93
C VAL B 238 -0.78 70.00 -6.07
N ILE B 239 -1.47 68.91 -5.70
CA ILE B 239 -2.64 69.02 -4.83
C ILE B 239 -2.24 69.54 -3.45
N ARG B 240 -1.13 69.04 -2.93
CA ARG B 240 -0.69 69.35 -1.57
C ARG B 240 -0.26 70.81 -1.44
N LYS B 241 0.26 71.39 -2.52
CA LYS B 241 0.69 72.79 -2.44
C LYS B 241 -0.41 73.74 -2.86
N LEU B 242 -1.20 73.38 -3.87
CA LEU B 242 -2.14 74.33 -4.45
C LEU B 242 -3.46 74.34 -3.70
N TYR B 243 -3.85 73.23 -3.08
CA TYR B 243 -5.15 73.15 -2.42
C TYR B 243 -5.08 72.95 -0.91
N GLY B 244 -3.93 73.16 -0.29
CA GLY B 244 -3.88 73.22 1.16
C GLY B 244 -3.91 71.89 1.88
N TYR B 245 -3.32 70.85 1.29
CA TYR B 245 -3.23 69.54 1.92
C TYR B 245 -1.84 69.26 2.48
N GLY B 246 -1.14 70.28 2.94
CA GLY B 246 0.23 70.15 3.42
C GLY B 246 0.42 69.33 4.67
N GLU B 247 -0.63 69.18 5.47
CA GLU B 247 -0.49 68.44 6.72
C GLU B 247 -1.16 67.07 6.67
N TYR B 248 -1.88 66.76 5.60
CA TYR B 248 -2.57 65.48 5.57
C TYR B 248 -1.66 64.47 4.90
N VAL B 249 -1.84 63.20 5.24
CA VAL B 249 -1.00 62.13 4.73
C VAL B 249 -1.74 61.40 3.61
N PHE B 250 -1.06 61.16 2.51
CA PHE B 250 -1.69 60.56 1.34
C PHE B 250 -1.40 59.07 1.36
N ILE B 251 -2.37 58.26 0.95
CA ILE B 251 -2.14 56.83 0.84
C ILE B 251 -1.56 56.54 -0.54
N ARG B 252 -0.59 55.62 -0.58
CA ARG B 252 0.10 55.28 -1.81
C ARG B 252 -0.40 53.94 -2.33
N TYR B 253 -0.89 53.94 -3.55
CA TYR B 253 -1.35 52.73 -4.22
C TYR B 253 -0.54 52.55 -5.49
N GLU B 254 0.09 51.39 -5.64
CA GLU B 254 1.08 51.19 -6.67
C GLU B 254 0.57 50.42 -7.88
N GLY B 255 -0.70 50.02 -7.89
CA GLY B 255 -1.28 49.30 -8.99
C GLY B 255 -2.31 50.12 -9.74
N CYS B 256 -3.33 49.43 -10.23
CA CYS B 256 -4.34 50.07 -11.06
C CYS B 256 -5.63 49.26 -11.02
N LEU B 257 -6.75 49.93 -11.22
CA LEU B 257 -8.07 49.30 -11.21
C LEU B 257 -8.88 49.89 -12.34
N ILE B 258 -9.10 49.11 -13.39
CA ILE B 258 -9.74 49.61 -14.60
C ILE B 258 -11.12 48.96 -14.72
N THR B 259 -12.12 49.78 -15.01
CA THR B 259 -13.46 49.28 -15.31
C THR B 259 -13.68 49.40 -16.80
N TRP B 260 -13.82 48.27 -17.48
CA TRP B 260 -13.98 48.21 -18.92
C TRP B 260 -15.45 48.07 -19.25
N THR B 261 -15.83 48.49 -20.46
CA THR B 261 -17.11 48.09 -21.00
C THR B 261 -17.06 46.64 -21.42
N GLY B 262 -18.21 46.06 -21.71
CA GLY B 262 -18.24 44.66 -22.09
C GLY B 262 -19.44 44.33 -22.93
N ILE B 263 -19.43 43.09 -23.43
CA ILE B 263 -20.56 42.59 -24.21
C ILE B 263 -21.73 42.34 -23.28
N TYR B 264 -21.44 41.99 -22.03
CA TYR B 264 -22.44 41.52 -21.08
C TYR B 264 -22.70 42.53 -19.98
N GLY B 265 -21.86 43.54 -19.82
CA GLY B 265 -22.02 44.51 -18.76
C GLY B 265 -20.73 45.27 -18.52
N GLU B 266 -20.51 45.63 -17.26
CA GLU B 266 -19.34 46.38 -16.85
C GLU B 266 -18.35 45.46 -16.14
N VAL B 267 -17.10 45.47 -16.62
CA VAL B 267 -16.08 44.51 -16.20
C VAL B 267 -14.93 45.27 -15.56
N THR B 268 -14.51 44.83 -14.37
CA THR B 268 -13.36 45.40 -13.70
C THR B 268 -12.10 44.62 -14.02
N MET B 269 -10.94 45.19 -13.70
CA MET B 269 -9.64 44.61 -13.98
C MET B 269 -8.60 45.22 -13.07
N MET B 270 -7.83 44.38 -12.39
CA MET B 270 -6.75 44.81 -11.51
C MET B 270 -5.42 44.63 -12.22
N VAL B 271 -4.62 45.69 -12.28
CA VAL B 271 -3.35 45.67 -12.97
C VAL B 271 -2.25 45.99 -11.97
N ASN B 272 -1.17 45.20 -11.99
CA ASN B 272 -0.02 45.44 -11.12
C ASN B 272 1.00 46.38 -11.73
N LEU B 273 0.58 47.27 -12.62
CA LEU B 273 1.42 48.35 -13.09
C LEU B 273 0.90 49.66 -12.50
N SER B 274 1.80 50.63 -12.35
CA SER B 274 1.39 51.96 -11.94
C SER B 274 0.63 52.63 -13.07
N LYS B 275 -0.12 53.69 -12.73
CA LYS B 275 -0.92 54.38 -13.72
C LYS B 275 -0.05 55.19 -14.69
N ARG B 276 1.15 55.58 -14.27
CA ARG B 276 2.07 56.25 -15.19
C ARG B 276 2.77 55.27 -16.11
N ASP B 277 3.10 54.06 -15.62
CA ASP B 277 3.72 53.05 -16.46
C ASP B 277 2.71 52.49 -17.46
N LEU B 278 1.55 52.09 -16.98
CA LEU B 278 0.47 51.68 -17.87
C LEU B 278 -0.13 52.91 -18.54
N GLY B 279 0.28 53.19 -19.77
CA GLY B 279 -0.08 54.43 -20.41
C GLY B 279 -1.48 54.51 -20.97
N LEU B 280 -2.50 54.22 -20.16
CA LEU B 280 -3.89 54.28 -20.58
C LEU B 280 -4.63 55.38 -19.83
N ASP B 281 -5.56 56.02 -20.53
CA ASP B 281 -6.45 57.01 -19.94
C ASP B 281 -7.89 56.62 -20.20
N VAL B 282 -8.85 57.49 -19.85
CA VAL B 282 -10.25 57.11 -19.95
C VAL B 282 -10.70 57.12 -21.41
N GLY B 283 -11.25 56.00 -21.86
CA GLY B 283 -11.77 55.86 -23.20
C GLY B 283 -10.85 55.17 -24.17
N ASP B 284 -9.74 54.59 -23.70
CA ASP B 284 -8.77 53.96 -24.58
C ASP B 284 -9.23 52.57 -25.00
N ASP B 285 -8.74 52.14 -26.16
CA ASP B 285 -9.09 50.87 -26.75
C ASP B 285 -8.36 49.73 -26.04
N TYR B 286 -8.93 48.54 -26.14
CA TYR B 286 -8.37 47.37 -25.46
C TYR B 286 -7.09 46.90 -26.13
N LEU B 287 -6.95 47.11 -27.44
CA LEU B 287 -5.76 46.65 -28.14
C LEU B 287 -4.55 47.52 -27.86
N LYS B 288 -4.76 48.75 -27.44
CA LYS B 288 -3.65 49.59 -26.99
C LYS B 288 -3.13 49.07 -25.66
N GLU B 289 -1.82 48.83 -25.60
CA GLU B 289 -1.11 48.29 -24.44
C GLU B 289 -1.66 46.92 -24.01
N TYR B 290 -2.08 46.13 -25.01
CA TYR B 290 -2.66 44.81 -24.74
C TYR B 290 -1.62 43.86 -24.16
N LYS B 291 -0.36 43.98 -24.57
CA LYS B 291 0.66 43.10 -24.04
C LYS B 291 0.96 43.38 -22.58
N LYS B 292 0.99 44.64 -22.18
CA LYS B 292 1.20 44.98 -20.77
C LYS B 292 0.00 44.57 -19.92
N LEU B 293 -1.21 44.76 -20.45
CA LEU B 293 -2.40 44.31 -19.74
C LEU B 293 -2.42 42.79 -19.60
N LEU B 294 -2.02 42.08 -20.66
CA LEU B 294 -2.00 40.62 -20.65
C LEU B 294 -0.95 40.08 -19.68
N PHE B 295 0.17 40.79 -19.56
CA PHE B 295 1.19 40.34 -18.62
C PHE B 295 0.77 40.60 -17.18
N TYR B 296 0.16 41.75 -16.90
CA TYR B 296 -0.03 42.16 -15.51
C TYR B 296 -1.48 42.31 -15.09
N GLY B 297 -2.43 41.64 -15.74
CA GLY B 297 -3.84 41.88 -15.45
C GLY B 297 -4.60 40.66 -14.95
N VAL B 298 -5.66 40.94 -14.19
CA VAL B 298 -6.60 39.95 -13.66
C VAL B 298 -8.00 40.54 -13.72
N ILE B 299 -8.93 39.83 -14.36
CA ILE B 299 -10.35 40.17 -14.34
C ILE B 299 -10.96 39.62 -13.07
N THR B 300 -11.65 40.47 -12.30
CA THR B 300 -12.27 40.07 -11.05
C THR B 300 -13.75 39.72 -11.20
N ASP B 301 -14.21 39.41 -12.40
CA ASP B 301 -15.59 38.99 -12.60
C ASP B 301 -15.66 37.54 -13.07
N ALA B 302 -16.87 36.98 -13.00
CA ALA B 302 -17.09 35.58 -13.31
C ALA B 302 -16.90 35.33 -14.80
N ILE B 303 -16.11 34.31 -15.12
CA ILE B 303 -16.00 33.89 -16.52
C ILE B 303 -17.28 33.15 -16.87
N PRO B 304 -17.85 33.35 -18.07
CA PRO B 304 -17.47 34.26 -19.16
C PRO B 304 -17.74 35.74 -18.90
N SER B 305 -16.70 36.55 -19.03
CA SER B 305 -16.82 37.99 -18.93
C SER B 305 -16.82 38.61 -20.32
N GLY B 306 -17.36 39.81 -20.43
CA GLY B 306 -17.55 40.40 -21.73
C GLY B 306 -16.37 41.15 -22.33
N ILE B 307 -15.15 40.81 -21.92
CA ILE B 307 -13.97 41.49 -22.44
C ILE B 307 -13.72 41.05 -23.88
N SER B 308 -13.69 42.01 -24.79
CA SER B 308 -13.42 41.78 -26.20
C SER B 308 -12.41 42.81 -26.67
N ALA B 309 -12.07 42.74 -27.95
CA ALA B 309 -11.04 43.63 -28.51
C ALA B 309 -11.57 45.03 -28.75
N ARG B 310 -12.86 45.28 -28.55
CA ARG B 310 -13.44 46.60 -28.72
C ARG B 310 -13.96 47.19 -27.41
N SER B 311 -13.55 46.66 -26.26
CA SER B 311 -13.94 47.24 -24.99
C SER B 311 -13.17 48.52 -24.72
N THR B 312 -13.89 49.53 -24.23
CA THR B 312 -13.31 50.82 -23.90
C THR B 312 -13.31 51.01 -22.39
N ILE B 313 -12.53 51.97 -21.92
CA ILE B 313 -12.35 52.18 -20.49
C ILE B 313 -13.45 53.10 -19.97
N MET B 314 -14.07 52.71 -18.86
CA MET B 314 -15.00 53.59 -18.15
C MET B 314 -14.32 54.38 -17.04
N LYS B 315 -13.43 53.74 -16.28
CA LYS B 315 -12.81 54.40 -15.13
C LYS B 315 -11.48 53.75 -14.79
N ILE B 316 -10.48 54.59 -14.51
CA ILE B 316 -9.16 54.15 -14.05
C ILE B 316 -8.90 54.78 -12.68
N SER B 317 -8.45 53.97 -11.73
CA SER B 317 -8.04 54.44 -10.41
C SER B 317 -6.75 53.75 -10.01
N PRO B 318 -5.93 54.39 -9.17
CA PRO B 318 -4.82 53.68 -8.55
C PRO B 318 -5.32 52.72 -7.49
N HIS B 319 -4.57 51.64 -7.27
CA HIS B 319 -5.09 50.55 -6.46
C HIS B 319 -3.93 49.78 -5.86
N LYS B 320 -4.24 48.92 -4.89
CA LYS B 320 -3.24 48.08 -4.26
C LYS B 320 -2.75 47.00 -5.21
N MET B 321 -1.44 46.78 -5.25
CA MET B 321 -0.90 45.73 -6.10
C MET B 321 -1.21 44.36 -5.53
N MET B 322 -1.53 43.43 -6.43
CA MET B 322 -1.92 42.09 -6.04
C MET B 322 -0.72 41.30 -5.51
N ASN B 323 -0.99 40.48 -4.53
CA ASN B 323 0.05 39.61 -4.01
C ASN B 323 -0.01 38.27 -4.71
N PRO B 324 1.11 37.75 -5.22
CA PRO B 324 1.07 36.47 -5.92
C PRO B 324 0.81 35.32 -4.94
N SER B 325 0.05 34.33 -5.41
CA SER B 325 -0.35 33.23 -4.55
C SER B 325 0.85 32.38 -4.17
N GLY B 326 0.87 31.93 -2.91
CA GLY B 326 2.00 31.15 -2.45
C GLY B 326 2.07 29.75 -3.01
N GLY B 327 0.92 29.16 -3.37
CA GLY B 327 0.94 27.82 -3.95
C GLY B 327 1.43 27.79 -5.37
N ALA B 328 1.02 28.78 -6.17
CA ALA B 328 1.54 28.94 -7.52
C ALA B 328 3.03 29.20 -7.51
N LEU B 329 3.50 30.07 -6.63
CA LEU B 329 4.92 30.29 -6.46
C LEU B 329 5.64 29.07 -5.91
N ALA B 330 4.95 28.23 -5.14
CA ALA B 330 5.55 26.98 -4.68
C ALA B 330 5.79 26.01 -5.83
N VAL B 331 4.80 25.86 -6.72
CA VAL B 331 4.98 24.98 -7.87
C VAL B 331 6.00 25.54 -8.87
N LEU B 332 6.03 26.85 -9.06
CA LEU B 332 7.02 27.43 -9.97
C LEU B 332 8.44 27.37 -9.40
N SER B 333 8.60 27.55 -8.09
CA SER B 333 9.87 27.32 -7.44
C SER B 333 10.29 25.85 -7.47
N LYS B 334 9.32 24.93 -7.38
CA LYS B 334 9.56 23.50 -7.56
C LYS B 334 10.07 23.19 -8.96
N PHE B 335 9.62 23.93 -9.97
CA PHE B 335 10.21 23.85 -11.30
C PHE B 335 11.62 24.44 -11.37
N LEU B 336 11.83 25.60 -10.76
CA LEU B 336 13.13 26.24 -10.80
C LEU B 336 14.21 25.52 -10.01
N GLU B 337 13.83 24.62 -9.08
CA GLU B 337 14.82 23.75 -8.46
C GLU B 337 15.40 22.75 -9.44
N ALA B 338 14.55 22.14 -10.27
CA ALA B 338 15.02 21.22 -11.28
C ALA B 338 15.72 21.95 -12.42
N VAL B 339 15.40 23.23 -12.62
CA VAL B 339 16.15 24.04 -13.57
C VAL B 339 17.59 24.25 -13.09
N VAL B 340 17.76 24.48 -11.78
CA VAL B 340 19.08 24.81 -11.27
C VAL B 340 19.94 23.56 -11.07
N SER B 341 19.37 22.49 -10.50
CA SER B 341 20.19 21.39 -9.99
C SER B 341 20.78 20.55 -11.11
N THR B 342 22.04 20.15 -10.92
CA THR B 342 22.74 19.28 -11.88
C THR B 342 22.28 17.84 -11.81
N ASN B 343 21.56 17.46 -10.75
CA ASN B 343 21.16 16.06 -10.57
C ASN B 343 20.01 15.71 -11.51
N VAL B 344 19.28 16.72 -12.01
CA VAL B 344 18.20 16.47 -12.94
C VAL B 344 18.69 16.73 -14.36
N ILE B 345 18.46 15.76 -15.26
CA ILE B 345 18.99 15.84 -16.62
C ILE B 345 18.07 16.69 -17.47
N ASN B 346 16.76 16.49 -17.36
CA ASN B 346 15.78 17.26 -18.10
C ASN B 346 14.77 17.89 -17.16
N ALA B 347 14.61 19.22 -17.28
CA ALA B 347 13.61 19.97 -16.51
C ALA B 347 12.52 20.41 -17.47
N THR B 348 11.27 20.08 -17.16
CA THR B 348 10.17 20.27 -18.09
C THR B 348 8.96 20.85 -17.36
N LEU B 349 8.39 21.92 -17.91
CA LEU B 349 7.18 22.54 -17.38
C LEU B 349 6.05 22.31 -18.37
N VAL B 350 4.89 21.95 -17.86
CA VAL B 350 3.70 21.75 -18.68
C VAL B 350 2.69 22.83 -18.33
N VAL B 351 2.30 23.62 -19.32
CA VAL B 351 1.42 24.75 -19.13
C VAL B 351 0.11 24.52 -19.89
N TYR B 352 -0.98 24.42 -19.15
CA TYR B 352 -2.32 24.25 -19.70
C TYR B 352 -3.07 25.58 -19.69
N ALA B 353 -3.87 25.79 -20.74
CA ALA B 353 -4.76 26.94 -20.81
C ALA B 353 -5.83 26.62 -21.85
N GLU B 354 -6.87 27.45 -21.86
CA GLU B 354 -7.91 27.27 -22.87
C GLU B 354 -7.42 27.73 -24.23
N LYS B 355 -8.07 27.24 -25.27
CA LYS B 355 -7.67 27.59 -26.63
C LYS B 355 -8.13 29.00 -26.94
N GLY B 356 -7.24 29.97 -26.78
CA GLY B 356 -7.58 31.36 -26.99
C GLY B 356 -7.29 32.29 -25.85
N ALA B 357 -6.37 31.95 -24.97
CA ALA B 357 -5.99 32.81 -23.87
C ALA B 357 -4.81 33.72 -24.20
N GLY B 358 -4.25 33.61 -25.40
CA GLY B 358 -3.08 34.39 -25.76
C GLY B 358 -1.83 33.93 -25.04
N LYS B 359 -1.59 32.62 -24.98
CA LYS B 359 -0.63 32.06 -24.05
C LYS B 359 0.78 31.96 -24.64
N THR B 360 0.92 31.82 -25.96
CA THR B 360 2.26 31.73 -26.53
C THR B 360 2.95 33.09 -26.52
N SER B 361 2.17 34.17 -26.61
CA SER B 361 2.75 35.51 -26.54
C SER B 361 3.32 35.80 -25.15
N PHE B 362 2.75 35.18 -24.11
CA PHE B 362 3.36 35.32 -22.79
C PHE B 362 4.50 34.33 -22.58
N LEU B 363 4.30 33.07 -22.97
CA LEU B 363 5.31 32.06 -22.64
C LEU B 363 6.55 32.21 -23.48
N SER B 364 6.45 32.83 -24.66
CA SER B 364 7.65 33.06 -25.46
C SER B 364 8.54 34.13 -24.87
N THR B 365 7.99 35.03 -24.05
CA THR B 365 8.81 35.98 -23.30
C THR B 365 9.18 35.46 -21.92
N TYR B 366 8.37 34.56 -21.37
CA TYR B 366 8.75 33.83 -20.16
C TYR B 366 10.01 33.00 -20.39
N ALA B 367 10.12 32.36 -21.55
CA ALA B 367 11.33 31.64 -21.92
C ALA B 367 12.53 32.56 -22.06
N GLU B 368 12.32 33.79 -22.55
CA GLU B 368 13.43 34.74 -22.67
C GLU B 368 13.92 35.19 -21.31
N GLN B 369 12.98 35.52 -20.41
CA GLN B 369 13.37 35.95 -19.07
C GLN B 369 14.03 34.83 -18.29
N LEU B 370 13.55 33.59 -18.46
CA LEU B 370 14.18 32.44 -17.84
C LEU B 370 15.55 32.16 -18.39
N SER B 371 15.76 32.35 -19.70
CA SER B 371 17.08 32.18 -20.30
C SER B 371 18.06 33.23 -19.82
N LEU B 372 17.61 34.49 -19.70
CA LEU B 372 18.49 35.55 -19.20
C LEU B 372 18.84 35.34 -17.73
N ALA B 373 17.86 35.00 -16.90
CA ALA B 373 18.14 34.87 -15.47
C ALA B 373 18.81 33.54 -15.14
N SER B 374 18.78 32.58 -16.06
CA SER B 374 19.36 31.27 -15.78
C SER B 374 20.74 31.11 -16.40
N GLY B 375 20.98 31.72 -17.56
CA GLY B 375 22.19 31.54 -18.29
C GLY B 375 22.15 30.40 -19.28
N GLN B 376 21.23 29.47 -19.11
CA GLN B 376 21.10 28.33 -20.01
C GLN B 376 20.15 28.68 -21.15
N VAL B 377 20.00 27.74 -22.07
CA VAL B 377 19.13 27.89 -23.21
C VAL B 377 17.81 27.17 -22.93
N VAL B 378 16.70 27.86 -23.10
CA VAL B 378 15.37 27.34 -22.79
C VAL B 378 14.63 27.11 -24.10
N GLY B 379 14.11 25.90 -24.29
CA GLY B 379 13.28 25.60 -25.42
C GLY B 379 11.82 25.86 -25.12
N HIS B 380 11.02 25.93 -26.19
CA HIS B 380 9.61 26.25 -26.07
C HIS B 380 8.86 25.62 -27.23
N LEU B 381 8.03 24.62 -26.93
CA LEU B 381 7.11 24.05 -27.89
C LEU B 381 5.76 24.72 -27.70
N SER B 382 5.11 25.05 -28.81
CA SER B 382 3.77 25.61 -28.74
C SER B 382 2.74 24.53 -28.46
N SER B 383 1.48 24.96 -28.36
CA SER B 383 0.43 24.01 -28.05
C SER B 383 0.01 23.21 -29.27
N ASP B 384 0.24 23.73 -30.46
CA ASP B 384 -0.13 23.07 -31.70
C ASP B 384 1.05 22.41 -32.39
N ALA B 385 2.14 22.15 -31.67
CA ALA B 385 3.36 21.65 -32.28
C ALA B 385 3.17 20.24 -32.83
N TYR B 386 2.50 19.37 -32.08
CA TYR B 386 2.31 18.00 -32.55
C TYR B 386 1.33 17.93 -33.72
N GLY B 387 0.29 18.77 -33.72
CA GLY B 387 -0.63 18.77 -34.85
C GLY B 387 -0.01 19.33 -36.11
N ARG B 388 0.76 20.41 -35.98
CA ARG B 388 1.44 20.98 -37.14
C ARG B 388 2.57 20.09 -37.64
N TRP B 389 3.14 19.25 -36.77
CA TRP B 389 4.08 18.23 -37.21
C TRP B 389 3.36 17.10 -37.93
N LEU B 390 2.25 16.63 -37.38
CA LEU B 390 1.57 15.44 -37.89
C LEU B 390 0.87 15.71 -39.21
N ALA B 391 0.40 16.95 -39.43
CA ALA B 391 -0.25 17.27 -40.71
C ALA B 391 0.71 17.19 -41.87
N LYS B 392 2.01 17.35 -41.62
CA LYS B 392 3.01 17.10 -42.65
C LYS B 392 3.43 15.65 -42.66
N ASN B 393 3.71 15.09 -41.48
CA ASN B 393 4.44 13.84 -41.38
C ASN B 393 3.58 12.63 -41.11
N LYS B 394 2.27 12.69 -41.37
CA LYS B 394 1.41 11.53 -41.11
C LYS B 394 1.63 10.42 -42.13
N ASP B 395 2.15 10.75 -43.31
CA ASP B 395 2.34 9.74 -44.35
C ASP B 395 3.78 9.26 -44.42
N VAL B 396 4.71 10.01 -43.81
CA VAL B 396 6.12 9.68 -43.88
C VAL B 396 6.39 8.46 -43.00
N GLU B 397 7.03 7.45 -43.59
CA GLU B 397 7.35 6.21 -42.89
C GLU B 397 8.35 6.39 -41.76
N GLU B 398 9.36 7.24 -41.95
CA GLU B 398 10.34 7.55 -40.91
C GLU B 398 10.54 9.05 -40.86
N PRO B 399 9.85 9.74 -39.96
CA PRO B 399 9.93 11.21 -39.93
C PRO B 399 11.22 11.68 -39.26
N SER B 400 11.36 13.00 -39.19
CA SER B 400 12.45 13.64 -38.46
C SER B 400 11.91 14.26 -37.19
N PHE B 401 12.56 13.97 -36.07
CA PHE B 401 12.19 14.52 -34.77
C PHE B 401 13.14 15.60 -34.31
N ALA B 402 13.83 16.29 -35.22
CA ALA B 402 14.77 17.32 -34.83
C ALA B 402 14.02 18.54 -34.31
N TYR B 403 14.58 19.15 -33.25
CA TYR B 403 13.89 20.23 -32.56
C TYR B 403 13.76 21.46 -33.43
N ASP B 404 14.79 21.74 -34.24
CA ASP B 404 14.71 22.86 -35.17
C ASP B 404 13.86 22.56 -36.39
N TYR B 405 13.51 21.29 -36.62
CA TYR B 405 12.53 20.95 -37.65
C TYR B 405 11.11 21.11 -37.13
N VAL B 406 10.87 20.67 -35.89
CA VAL B 406 9.57 20.84 -35.26
C VAL B 406 9.26 22.32 -35.05
N LEU B 407 10.25 23.09 -34.61
CA LEU B 407 10.08 24.52 -34.41
C LEU B 407 9.89 25.27 -35.72
N SER B 408 10.41 24.75 -36.82
CA SER B 408 10.18 25.37 -38.12
C SER B 408 8.81 25.02 -38.67
N LEU B 409 8.31 23.82 -38.33
CA LEU B 409 6.91 23.50 -38.63
C LEU B 409 5.93 24.20 -37.71
N ASP B 410 6.40 24.79 -36.61
CA ASP B 410 5.55 25.40 -35.59
C ASP B 410 5.02 26.78 -35.99
N THR B 411 5.15 27.18 -37.25
CA THR B 411 4.66 28.47 -37.70
C THR B 411 3.12 28.49 -37.72
N ASP B 412 2.57 29.70 -37.79
CA ASP B 412 1.13 29.85 -37.65
C ASP B 412 0.40 29.65 -38.98
N ASP B 413 1.11 29.75 -40.10
CA ASP B 413 0.44 29.52 -41.38
C ASP B 413 0.40 28.03 -41.74
N ASN B 414 0.94 27.16 -40.90
CA ASN B 414 0.71 25.73 -41.02
C ASN B 414 -0.61 25.36 -40.37
N GLU B 415 -1.33 24.43 -40.99
CA GLU B 415 -2.64 24.01 -40.52
C GLU B 415 -2.49 22.73 -39.71
N SER B 416 -3.23 22.64 -38.61
CA SER B 416 -3.12 21.51 -37.71
C SER B 416 -3.94 20.33 -38.20
N TYR B 417 -3.53 19.13 -37.75
CA TYR B 417 -4.26 17.91 -38.08
C TYR B 417 -5.63 17.89 -37.43
N TYR B 418 -5.70 18.34 -36.19
CA TYR B 418 -6.96 18.39 -35.46
C TYR B 418 -7.92 19.38 -36.08
N GLU B 419 -7.40 20.50 -36.60
CA GLU B 419 -8.24 21.48 -37.29
C GLU B 419 -8.81 20.94 -38.58
N GLN B 420 -8.03 20.17 -39.34
CA GLN B 420 -8.51 19.54 -40.56
C GLN B 420 -9.60 18.51 -40.27
N LYS B 421 -9.36 17.64 -39.30
CA LYS B 421 -10.37 16.62 -38.96
C LYS B 421 -11.62 17.24 -38.36
N ALA B 422 -11.48 18.30 -37.57
CA ALA B 422 -12.64 18.99 -37.01
C ALA B 422 -13.42 19.74 -38.08
N SER B 423 -12.73 20.30 -39.08
CA SER B 423 -13.42 20.98 -40.16
C SER B 423 -14.19 19.99 -41.03
N GLU B 424 -13.61 18.81 -41.29
CA GLU B 424 -14.33 17.78 -42.01
C GLU B 424 -15.53 17.27 -41.23
N LEU B 425 -15.41 17.20 -39.90
CA LEU B 425 -16.55 16.81 -39.06
C LEU B 425 -17.65 17.86 -39.10
N LEU B 426 -17.30 19.14 -38.97
CA LEU B 426 -18.27 20.23 -39.02
C LEU B 426 -18.96 20.33 -40.38
N ILE B 427 -18.23 20.04 -41.46
CA ILE B 427 -18.87 19.99 -42.77
C ILE B 427 -19.78 18.77 -42.88
N SER B 428 -19.43 17.66 -42.23
CA SER B 428 -20.25 16.44 -42.31
C SER B 428 -21.60 16.61 -41.62
N HIS B 429 -21.72 17.58 -40.72
CA HIS B 429 -23.01 17.96 -40.15
C HIS B 429 -23.62 19.17 -40.84
N GLY B 430 -22.95 19.75 -41.83
CA GLY B 430 -23.49 20.90 -42.53
C GLY B 430 -23.34 22.21 -41.79
N ILE B 431 -22.40 22.29 -40.86
CA ILE B 431 -22.13 23.50 -40.09
C ILE B 431 -20.92 24.17 -40.73
N SER B 432 -21.09 25.40 -41.20
CA SER B 432 -19.97 26.12 -41.80
C SER B 432 -19.90 27.57 -41.35
N GLU B 433 -20.79 28.00 -40.45
CA GLU B 433 -20.87 29.40 -40.08
C GLU B 433 -20.97 29.48 -38.56
N VAL B 434 -20.38 30.54 -38.00
CA VAL B 434 -20.39 30.75 -36.56
C VAL B 434 -21.81 30.92 -36.04
N ALA B 435 -22.66 31.57 -36.83
CA ALA B 435 -24.07 31.68 -36.48
C ALA B 435 -24.76 30.32 -36.51
N GLN B 436 -24.33 29.43 -37.40
CA GLN B 436 -24.90 28.08 -37.42
C GLN B 436 -24.44 27.28 -36.22
N TYR B 437 -23.21 27.48 -35.76
CA TYR B 437 -22.74 26.75 -34.58
C TYR B 437 -23.32 27.30 -33.29
N GLU B 438 -23.52 28.62 -33.19
CA GLU B 438 -24.15 29.22 -32.02
C GLU B 438 -25.61 28.83 -31.86
N LEU B 439 -26.27 28.41 -32.93
CA LEU B 439 -27.69 28.14 -32.91
C LEU B 439 -28.00 26.67 -32.61
N LEU B 440 -26.96 25.85 -32.43
CA LEU B 440 -27.17 24.44 -32.11
C LEU B 440 -27.60 24.27 -30.66
N SER B 441 -28.07 23.08 -30.34
CA SER B 441 -28.43 22.75 -28.97
C SER B 441 -27.26 22.11 -28.24
N VAL B 442 -27.42 21.97 -26.93
CA VAL B 442 -26.34 21.45 -26.09
C VAL B 442 -26.14 19.97 -26.35
N ARG B 443 -27.24 19.24 -26.58
CA ARG B 443 -27.14 17.83 -26.93
C ARG B 443 -26.44 17.62 -28.26
N LYS B 444 -26.70 18.48 -29.24
CA LYS B 444 -26.03 18.37 -30.53
C LYS B 444 -24.54 18.70 -30.42
N LYS B 445 -24.20 19.70 -29.61
CA LYS B 445 -22.80 20.05 -29.40
C LYS B 445 -22.05 18.93 -28.70
N ILE B 446 -22.64 18.34 -27.65
CA ILE B 446 -22.01 17.23 -26.95
C ILE B 446 -21.92 16.00 -27.83
N LYS B 447 -22.92 15.79 -28.70
CA LYS B 447 -22.89 14.72 -29.67
C LYS B 447 -21.75 14.86 -30.66
N MET B 448 -21.40 16.10 -31.04
CA MET B 448 -20.26 16.29 -31.94
C MET B 448 -18.92 16.20 -31.20
N MET B 449 -18.89 16.65 -29.94
CA MET B 449 -17.64 16.59 -29.18
C MET B 449 -17.29 15.16 -28.81
N ASP B 450 -18.30 14.30 -28.66
CA ASP B 450 -18.04 12.88 -28.46
C ASP B 450 -17.46 12.22 -29.70
N GLU B 451 -17.67 12.78 -30.88
CA GLU B 451 -17.03 12.30 -32.09
C GLU B 451 -15.64 12.88 -32.29
N MET B 452 -15.38 14.09 -31.78
CA MET B 452 -13.99 14.55 -31.74
C MET B 452 -13.15 13.81 -30.70
N ASN B 453 -13.75 13.36 -29.61
CA ASN B 453 -13.00 12.53 -28.67
C ASN B 453 -12.54 11.21 -29.29
N GLU B 454 -13.28 10.68 -30.26
CA GLU B 454 -12.88 9.46 -30.93
C GLU B 454 -11.68 9.66 -31.84
N VAL B 455 -11.47 10.87 -32.36
CA VAL B 455 -10.28 11.13 -33.15
C VAL B 455 -9.17 11.68 -32.28
N LEU B 456 -9.46 12.03 -31.02
CA LEU B 456 -8.39 12.38 -30.11
C LEU B 456 -7.82 11.16 -29.38
N ILE B 457 -8.61 10.10 -29.18
CA ILE B 457 -8.06 8.92 -28.49
C ILE B 457 -7.08 8.17 -29.38
N ALA B 458 -7.16 8.35 -30.70
CA ALA B 458 -6.34 7.56 -31.62
C ALA B 458 -4.87 7.92 -31.51
N GLN B 459 -4.57 9.12 -31.04
CA GLN B 459 -3.19 9.54 -30.89
C GLN B 459 -2.67 9.24 -29.49
N LEU B 460 -3.52 9.39 -28.48
CA LEU B 460 -3.15 9.15 -27.09
C LEU B 460 -3.21 7.69 -26.72
N GLU B 461 -3.70 6.83 -27.61
CA GLU B 461 -4.08 5.48 -27.22
C GLU B 461 -2.90 4.52 -27.15
N ASN B 462 -1.89 4.71 -27.98
CA ASN B 462 -0.76 3.80 -28.03
C ASN B 462 0.55 4.58 -28.11
N ALA B 463 1.63 3.87 -28.40
CA ALA B 463 2.93 4.48 -28.67
C ALA B 463 3.46 3.91 -29.97
N ASP B 464 3.04 4.49 -31.09
CA ASP B 464 3.51 4.07 -32.41
C ASP B 464 4.53 5.08 -32.91
N THR B 465 4.93 4.99 -34.17
CA THR B 465 5.96 5.88 -34.67
C THR B 465 5.42 7.28 -34.94
N HIS B 466 4.11 7.46 -34.93
CA HIS B 466 3.49 8.77 -35.07
C HIS B 466 2.66 9.17 -33.86
N SER B 467 2.79 8.48 -32.74
CA SER B 467 1.98 8.80 -31.58
C SER B 467 2.46 10.09 -30.93
N GLU B 468 1.58 10.64 -30.09
CA GLU B 468 1.91 11.89 -29.42
C GLU B 468 2.92 11.66 -28.30
N ARG B 469 2.82 10.50 -27.62
CA ARG B 469 3.82 10.09 -26.66
C ARG B 469 5.19 9.94 -27.30
N ASN B 470 5.23 9.34 -28.49
CA ASN B 470 6.50 9.17 -29.18
C ASN B 470 7.05 10.50 -29.68
N PHE B 471 6.17 11.40 -30.12
CA PHE B 471 6.61 12.72 -30.56
C PHE B 471 7.27 13.48 -29.43
N TYR B 472 6.59 13.62 -28.30
CA TYR B 472 7.19 14.35 -27.19
C TYR B 472 8.35 13.60 -26.54
N TYR B 473 8.39 12.26 -26.63
CA TYR B 473 9.55 11.51 -26.18
C TYR B 473 10.77 11.78 -27.03
N MET B 474 10.65 11.71 -28.35
CA MET B 474 11.79 11.92 -29.22
C MET B 474 12.20 13.39 -29.30
N VAL B 475 11.31 14.31 -28.95
CA VAL B 475 11.74 15.71 -28.86
C VAL B 475 12.39 15.99 -27.52
N SER B 476 11.91 15.37 -26.44
CA SER B 476 12.50 15.62 -25.12
C SER B 476 13.85 14.94 -24.95
N THR B 477 14.01 13.74 -25.48
CA THR B 477 15.23 12.96 -25.28
C THR B 477 16.18 13.03 -26.47
N GLY B 478 16.30 14.18 -27.11
CA GLY B 478 17.14 14.30 -28.28
C GLY B 478 18.54 14.81 -27.95
N LYS B 479 19.42 14.67 -28.94
CA LYS B 479 20.79 15.17 -28.83
C LYS B 479 20.82 16.69 -28.82
N THR B 480 20.25 17.31 -29.85
CA THR B 480 20.38 18.74 -30.07
C THR B 480 19.28 19.55 -29.38
N THR B 481 18.36 18.90 -28.69
CA THR B 481 17.26 19.61 -28.08
C THR B 481 17.73 20.33 -26.81
N PRO B 482 17.10 21.44 -26.45
CA PRO B 482 17.47 22.13 -25.22
C PRO B 482 17.13 21.32 -23.98
N ARG B 483 17.86 21.61 -22.92
CA ARG B 483 17.67 20.91 -21.65
C ARG B 483 16.32 21.26 -21.03
N THR B 484 16.10 22.53 -20.74
CA THR B 484 14.89 22.98 -20.07
C THR B 484 13.84 23.37 -21.10
N LEU B 485 12.80 22.56 -21.21
CA LEU B 485 11.72 22.78 -22.16
C LEU B 485 10.47 23.27 -21.46
N ILE B 486 9.70 24.08 -22.17
CA ILE B 486 8.40 24.56 -21.72
C ILE B 486 7.37 24.09 -22.73
N VAL B 487 6.60 23.07 -22.36
CA VAL B 487 5.66 22.43 -23.26
C VAL B 487 4.26 22.92 -22.92
N GLU B 488 3.50 23.31 -23.94
CA GLU B 488 2.12 23.72 -23.77
C GLU B 488 1.22 22.54 -24.07
N GLY B 489 0.05 22.50 -23.43
CA GLY B 489 -0.93 21.48 -23.69
C GLY B 489 -2.32 22.06 -23.82
N HIS B 490 -3.27 21.20 -24.20
CA HIS B 490 -4.64 21.60 -24.45
C HIS B 490 -5.61 21.06 -23.41
N PHE B 491 -5.42 19.84 -22.92
CA PHE B 491 -6.37 19.25 -22.00
C PHE B 491 -5.66 18.27 -21.08
N ASN B 492 -6.36 17.87 -20.00
CA ASN B 492 -5.74 17.09 -18.94
C ASN B 492 -5.46 15.65 -19.33
N ALA B 493 -6.03 15.15 -20.43
CA ALA B 493 -5.74 13.78 -20.81
C ALA B 493 -4.38 13.62 -21.44
N GLN B 494 -3.73 14.72 -21.80
CA GLN B 494 -2.35 14.69 -22.29
C GLN B 494 -1.33 14.56 -21.18
N ASP B 495 -1.75 14.45 -19.93
CA ASP B 495 -0.77 14.39 -18.85
C ASP B 495 0.16 13.20 -19.02
N ALA B 496 -0.40 12.03 -19.29
CA ALA B 496 0.45 10.86 -19.48
C ALA B 496 1.34 11.05 -20.70
N THR B 497 0.73 11.59 -21.76
CA THR B 497 1.41 11.83 -23.04
C THR B 497 2.55 12.86 -23.09
N ILE B 498 2.41 13.98 -22.39
CA ILE B 498 3.44 15.02 -22.48
C ILE B 498 4.50 15.05 -21.38
N ALA B 499 5.70 14.58 -21.73
CA ALA B 499 6.90 14.61 -20.88
C ALA B 499 6.85 13.77 -19.60
N ARG B 500 7.83 14.00 -18.75
CA ARG B 500 7.93 13.35 -17.46
C ARG B 500 8.26 14.43 -16.45
N THR B 501 7.33 15.35 -16.24
CA THR B 501 7.55 16.46 -15.34
C THR B 501 6.72 16.42 -14.07
N ASP B 502 7.38 16.64 -12.95
CA ASP B 502 6.74 16.67 -11.64
C ASP B 502 5.75 17.82 -11.54
N THR B 503 6.10 18.96 -12.14
CA THR B 503 5.26 20.15 -12.10
C THR B 503 4.52 20.51 -13.39
N THR B 504 3.20 20.65 -13.26
CA THR B 504 2.29 21.04 -14.32
C THR B 504 1.29 22.04 -13.77
N VAL B 505 1.02 23.09 -14.54
CA VAL B 505 0.22 24.22 -14.10
C VAL B 505 -0.93 24.43 -15.07
N LEU B 506 -1.89 25.25 -14.63
CA LEU B 506 -2.96 25.74 -15.50
C LEU B 506 -2.91 27.26 -15.50
N LEU B 507 -3.18 27.85 -16.64
CA LEU B 507 -2.96 29.28 -16.86
C LEU B 507 -4.30 29.97 -17.08
N ARG B 508 -4.42 31.19 -16.56
CA ARG B 508 -5.56 32.06 -16.83
C ARG B 508 -5.05 33.46 -17.18
N THR B 509 -5.61 34.04 -18.23
CA THR B 509 -5.28 35.41 -18.63
C THR B 509 -6.55 36.24 -18.72
N ILE B 510 -6.40 37.48 -19.13
CA ILE B 510 -7.53 38.39 -19.29
C ILE B 510 -8.07 38.22 -20.72
N ASN B 511 -8.79 37.13 -20.92
CA ASN B 511 -9.41 36.87 -22.21
C ASN B 511 -10.65 36.04 -21.96
N ASP B 512 -11.73 36.41 -22.64
CA ASP B 512 -12.86 35.51 -22.82
C ASP B 512 -12.53 34.72 -24.07
N THR B 513 -12.17 33.45 -23.87
CA THR B 513 -11.73 32.61 -24.99
C THR B 513 -12.85 32.34 -25.97
N THR B 514 -14.09 32.22 -25.49
CA THR B 514 -15.25 32.08 -26.36
C THR B 514 -15.60 33.39 -27.06
N GLN B 515 -15.00 34.50 -26.64
CA GLN B 515 -15.17 35.76 -27.36
C GLN B 515 -14.05 35.97 -28.36
N ALA B 516 -12.82 35.58 -28.02
CA ALA B 516 -11.71 35.71 -28.95
C ALA B 516 -11.87 34.77 -30.14
N MET B 517 -12.29 33.53 -29.87
CA MET B 517 -12.52 32.59 -30.95
C MET B 517 -13.83 32.87 -31.69
N ARG B 518 -14.63 33.81 -31.21
CA ARG B 518 -15.79 34.30 -31.95
C ARG B 518 -15.45 35.59 -32.71
N ASP B 519 -14.57 36.43 -32.16
CA ASP B 519 -14.25 37.69 -32.80
C ASP B 519 -13.25 37.52 -33.94
N ARG B 520 -12.41 36.48 -33.89
CA ARG B 520 -11.45 36.30 -34.97
C ARG B 520 -12.16 35.85 -36.24
N GLN B 521 -11.56 36.14 -37.38
CA GLN B 521 -12.20 35.97 -38.68
C GLN B 521 -11.50 34.97 -39.58
N ARG B 522 -10.40 34.38 -39.15
CA ARG B 522 -9.68 33.44 -40.02
C ARG B 522 -10.27 32.04 -39.96
N GLY B 523 -10.26 31.42 -38.79
CA GLY B 523 -10.80 30.07 -38.68
C GLY B 523 -12.26 30.05 -38.28
N GLY B 524 -12.58 30.67 -37.15
CA GLY B 524 -13.98 30.86 -36.81
C GLY B 524 -14.60 29.65 -36.15
N VAL B 525 -15.31 28.86 -36.95
CA VAL B 525 -16.13 27.77 -36.45
C VAL B 525 -15.26 26.65 -35.89
N VAL B 526 -14.20 26.29 -36.63
CA VAL B 526 -13.29 25.24 -36.21
C VAL B 526 -12.56 25.64 -34.94
N GLN B 527 -12.17 26.91 -34.84
CA GLN B 527 -11.45 27.42 -33.68
C GLN B 527 -12.34 27.41 -32.44
N LEU B 528 -13.58 27.89 -32.58
CA LEU B 528 -14.50 27.91 -31.44
C LEU B 528 -14.94 26.51 -31.04
N PHE B 529 -15.09 25.61 -32.01
CA PHE B 529 -15.48 24.25 -31.72
C PHE B 529 -14.37 23.48 -31.01
N LEU B 530 -13.12 23.66 -31.45
CA LEU B 530 -12.01 23.06 -30.73
C LEU B 530 -11.82 23.68 -29.36
N ARG B 531 -12.14 24.97 -29.20
CA ARG B 531 -12.13 25.59 -27.88
C ARG B 531 -13.12 24.92 -26.95
N ASP B 532 -14.35 24.73 -27.42
CA ASP B 532 -15.38 24.14 -26.56
C ASP B 532 -15.07 22.68 -26.23
N THR B 533 -14.49 21.95 -27.18
CA THR B 533 -14.08 20.57 -26.92
C THR B 533 -12.95 20.51 -25.88
N TYR B 534 -11.98 21.41 -26.00
CA TYR B 534 -10.86 21.41 -25.07
C TYR B 534 -11.27 21.91 -23.69
N TYR B 535 -12.28 22.78 -23.63
CA TYR B 535 -12.86 23.16 -22.35
C TYR B 535 -13.54 21.96 -21.70
N ARG B 536 -14.32 21.22 -22.47
CA ARG B 536 -15.00 20.04 -21.97
C ARG B 536 -14.03 18.96 -21.50
N LEU B 537 -12.83 18.91 -22.08
CA LEU B 537 -11.81 17.96 -21.64
C LEU B 537 -10.82 18.55 -20.62
N LEU B 538 -10.89 19.84 -20.31
CA LEU B 538 -9.92 20.47 -19.39
C LEU B 538 -10.63 21.03 -18.15
N PRO B 539 -10.76 20.24 -17.10
CA PRO B 539 -11.10 20.79 -15.79
C PRO B 539 -9.96 21.62 -15.22
N ALA B 540 -10.29 22.38 -14.18
CA ALA B 540 -9.28 23.17 -13.46
C ALA B 540 -8.79 22.35 -12.29
N LEU B 541 -8.03 21.29 -12.60
CA LEU B 541 -7.56 20.37 -11.59
C LEU B 541 -6.07 20.46 -11.32
N HIS B 542 -5.35 21.35 -12.00
CA HIS B 542 -3.98 21.66 -11.64
C HIS B 542 -3.91 23.10 -11.14
N THR B 543 -2.72 23.53 -10.72
CA THR B 543 -2.61 24.79 -10.00
C THR B 543 -2.77 25.97 -10.93
N THR B 544 -3.73 26.83 -10.61
CA THR B 544 -4.03 28.01 -11.41
C THR B 544 -2.95 29.06 -11.20
N VAL B 545 -2.30 29.47 -12.28
CA VAL B 545 -1.20 30.42 -12.25
C VAL B 545 -1.56 31.57 -13.18
N TYR B 546 -1.25 32.79 -12.77
CA TYR B 546 -1.36 33.98 -13.61
C TYR B 546 0.01 34.38 -14.15
N PRO B 547 0.04 35.13 -15.26
CA PRO B 547 1.33 35.58 -15.82
C PRO B 547 2.16 36.46 -14.92
N PHE B 548 1.55 37.33 -14.10
CA PHE B 548 2.37 38.10 -13.18
C PHE B 548 2.96 37.24 -12.09
N GLU B 549 2.29 36.15 -11.70
CA GLU B 549 2.87 35.19 -10.79
C GLU B 549 4.05 34.44 -11.39
N MET B 550 3.95 34.04 -12.66
CA MET B 550 5.12 33.44 -13.32
C MET B 550 6.28 34.41 -13.50
N LEU B 551 6.02 35.70 -13.70
CA LEU B 551 7.13 36.65 -13.78
C LEU B 551 7.74 36.95 -12.40
N GLU B 552 6.88 37.08 -11.38
CA GLU B 552 7.30 37.32 -10.02
C GLU B 552 8.10 36.15 -9.46
N SER B 553 7.83 34.92 -9.93
CA SER B 553 8.64 33.77 -9.50
C SER B 553 10.10 33.90 -9.93
N ILE B 554 10.34 34.31 -11.17
CA ILE B 554 11.71 34.53 -11.63
C ILE B 554 12.34 35.71 -10.91
N ARG B 555 11.56 36.76 -10.62
CA ARG B 555 12.14 37.88 -9.88
C ARG B 555 12.44 37.51 -8.42
N ARG B 556 11.73 36.53 -7.86
CA ARG B 556 11.97 36.18 -6.46
C ARG B 556 13.02 35.11 -6.27
N TRP B 557 13.19 34.20 -7.23
CA TRP B 557 14.19 33.15 -7.10
C TRP B 557 15.60 33.73 -7.12
N LYS B 558 16.45 33.25 -6.22
CA LYS B 558 17.83 33.69 -6.16
C LYS B 558 18.68 32.86 -7.12
N TRP B 559 19.47 33.53 -7.94
CA TRP B 559 20.16 32.89 -9.05
C TRP B 559 21.65 32.85 -8.80
N VAL B 560 22.23 31.66 -8.87
CA VAL B 560 23.65 31.35 -8.64
C VAL B 560 24.08 31.74 -7.23
#